data_7N2Q
#
_entry.id   7N2Q
#
_cell.length_a   54.977
_cell.length_b   97.412
_cell.length_c   175.484
_cell.angle_alpha   90.000
_cell.angle_beta   92.325
_cell.angle_gamma   90.000
#
_symmetry.space_group_name_H-M   'P 1 21 1'
#
loop_
_entity.id
_entity.type
_entity.pdbx_description
1 polymer 'AS4.3 T cell receptor alpha chain'
2 polymer 'AS4.3 T cell receptor beta chain'
3 polymer 'Human leukocyte antigen B27'
4 polymer Beta-2-microglobulin
5 polymer 'YeiH protein'
6 non-polymer 2-acetamido-2-deoxy-beta-D-glucopyranose
7 non-polymer 'SULFATE ION'
8 non-polymer GLYCEROL
9 water water
#
loop_
_entity_poly.entity_id
_entity_poly.type
_entity_poly.pdbx_seq_one_letter_code
_entity_poly.pdbx_strand_id
1 'polypeptide(L)'
;KQEVTQIPAALSVPEGENLVLNCSFTDSAIYNLQWFRQDPGKGLTSLLLIQSSQREQTSGRLNASLDKSSGRSTLYIAAS
QPGDSATYLCAVSNFNKFYFGSGTKLNVKPNIQNPDPAVYQLRDSKSSDKSVCLFTDFDSQTNVSQSKDSDVYITDKCVL
DMRSMDFKSNSAVAWSNKSDFACANAFNNSIIPEDTFFPSPESS
;
D,E
2 'polypeptide(L)'
;VTQTPKHLITATGQRVTLRCSPRSGDLSVYWYQQSLDQGLQFLIQYYNGEERAKGNILERFSAQQFPDLHSELNLSSLEL
GDSALYFCASSVATYSTDTQYFGPGTRLTVLEDLKNVFPPEVAVFEPSEAEISHTQKATLVCLATGFYPDHVELSWWVNG
KEVHSGVCTDPQPLKEQPALNDSRYALSSRLRVSATFWQNPRNHFRCQVQFYGLSENDEWTQDRAKPVTQIVSAEAWGRA
D
;
F,G
3 'polypeptide(L)'
;GSHSMRYFHTSVSRPGRGEPRFITVGYVDDTLFVRFDSDAASPREEPRAPWIEQEGPEYWDRETQISKAKAQTDREDLRT
LLRYYNQSEAGSHTLQNMYGCDVGPDGRLLRGYHQDAYDGKDYIALNEDLSSWTAADTAAQITQRKWEAARVAEQLRAYL
EGECVEWLRRYLENGKETLQRADPPKTHVTHHPISDHEATLRCWALGFYPAEITLTWQRDGEDQTQDTELVETRPAGDRT
FQKWAAVVVPSGEEQRYTCHVQHEGLPKPLTLRWEPSS
;
A,H
4 'polypeptide(L)'
;MIQRTPKIQVYSRHPAENGKSNFLNCYVSGFHPSDIEVDLLKNGERIEKVEHSDLSFSKDWSFYLLYYTEFTPTEKDEYA
CRVNHVTLSQPKIVKWDRDM
;
B,I
5 'polypeptide(L)' LRVMMLAPF C,J
#
loop_
_chem_comp.id
_chem_comp.type
_chem_comp.name
_chem_comp.formula
GOL non-polymer GLYCEROL 'C3 H8 O3'
NAG D-saccharide, beta linking 2-acetamido-2-deoxy-beta-D-glucopyranose 'C8 H15 N O6'
SO4 non-polymer 'SULFATE ION' 'O4 S -2'
#
# COMPACT_ATOMS: atom_id res chain seq x y z
N LYS A 1 -7.36 -5.58 -29.38
CA LYS A 1 -6.99 -6.36 -30.54
C LYS A 1 -8.20 -7.10 -31.11
N GLN A 2 -8.38 -7.02 -32.42
CA GLN A 2 -9.53 -7.61 -33.09
C GLN A 2 -9.12 -8.88 -33.81
N GLU A 3 -9.87 -9.95 -33.59
CA GLU A 3 -9.66 -11.23 -34.26
C GLU A 3 -11.01 -11.79 -34.69
N VAL A 4 -11.21 -11.93 -36.00
CA VAL A 4 -12.46 -12.42 -36.56
C VAL A 4 -12.28 -13.88 -36.97
N THR A 5 -13.14 -14.75 -36.46
CA THR A 5 -13.11 -16.18 -36.76
C THR A 5 -14.45 -16.62 -37.33
N GLN A 6 -14.39 -17.47 -38.35
CA GLN A 6 -15.58 -17.99 -39.02
C GLN A 6 -15.58 -19.51 -38.98
N ILE A 7 -16.67 -20.09 -38.50
CA ILE A 7 -16.87 -21.53 -38.50
C ILE A 7 -18.20 -21.86 -39.19
N PRO A 8 -18.27 -22.93 -40.01
CA PRO A 8 -17.18 -23.84 -40.34
C PRO A 8 -16.32 -23.34 -41.50
N ALA A 9 -15.24 -24.09 -41.80
CA ALA A 9 -14.40 -23.73 -42.93
C ALA A 9 -15.13 -23.97 -44.26
N ALA A 10 -15.67 -25.17 -44.45
CA ALA A 10 -16.39 -25.53 -45.66
C ALA A 10 -17.78 -26.05 -45.29
N LEU A 11 -18.65 -26.12 -46.31
CA LEU A 11 -20.03 -26.53 -46.10
C LEU A 11 -20.61 -26.99 -47.43
N SER A 12 -21.03 -28.25 -47.51
CA SER A 12 -21.69 -28.80 -48.69
C SER A 12 -23.07 -29.28 -48.26
N VAL A 13 -24.11 -28.65 -48.77
CA VAL A 13 -25.48 -28.92 -48.31
C VAL A 13 -26.39 -29.03 -49.52
N PRO A 14 -27.43 -29.88 -49.41
CA PRO A 14 -28.39 -30.03 -50.51
C PRO A 14 -29.23 -28.78 -50.70
N GLU A 15 -29.63 -28.54 -51.95
CA GLU A 15 -30.39 -27.34 -52.27
C GLU A 15 -31.75 -27.36 -51.58
N GLY A 16 -32.18 -26.19 -51.12
CA GLY A 16 -33.42 -26.04 -50.38
C GLY A 16 -33.25 -26.05 -48.87
N GLU A 17 -32.09 -26.48 -48.37
CA GLU A 17 -31.86 -26.53 -46.94
C GLU A 17 -31.44 -25.16 -46.40
N ASN A 18 -31.94 -24.83 -45.22
CA ASN A 18 -31.57 -23.58 -44.57
C ASN A 18 -30.22 -23.70 -43.87
N LEU A 19 -29.40 -22.66 -43.99
CA LEU A 19 -28.03 -22.64 -43.52
C LEU A 19 -27.86 -21.66 -42.37
N VAL A 20 -26.87 -21.93 -41.52
CA VAL A 20 -26.51 -21.06 -40.41
C VAL A 20 -25.00 -20.89 -40.43
N LEU A 21 -24.53 -19.70 -40.82
CA LEU A 21 -23.12 -19.36 -40.84
C LEU A 21 -22.82 -18.43 -39.67
N ASN A 22 -21.81 -18.78 -38.87
CA ASN A 22 -21.49 -18.04 -37.65
C ASN A 22 -20.23 -17.22 -37.84
N CYS A 23 -20.17 -16.10 -37.12
CA CYS A 23 -19.02 -15.21 -37.12
C CYS A 23 -18.84 -14.65 -35.71
N SER A 24 -17.60 -14.70 -35.21
CA SER A 24 -17.28 -14.19 -33.89
C SER A 24 -16.13 -13.19 -34.00
N PHE A 25 -16.19 -12.16 -33.15
CA PHE A 25 -15.15 -11.13 -33.11
C PHE A 25 -14.93 -10.71 -31.66
N THR A 26 -13.68 -10.32 -31.36
CA THR A 26 -13.26 -10.08 -29.99
C THR A 26 -13.36 -8.62 -29.57
N ASP A 27 -13.37 -7.67 -30.50
CA ASP A 27 -13.46 -6.24 -30.19
C ASP A 27 -14.85 -5.76 -30.55
N SER A 28 -15.61 -5.31 -29.54
CA SER A 28 -17.00 -4.90 -29.74
C SER A 28 -17.14 -3.49 -30.29
N ALA A 29 -16.10 -2.66 -30.21
CA ALA A 29 -16.18 -1.27 -30.67
C ALA A 29 -16.00 -1.23 -32.18
N ILE A 30 -17.09 -1.54 -32.89
CA ILE A 30 -17.07 -1.64 -34.34
C ILE A 30 -18.05 -0.64 -34.95
N TYR A 31 -17.73 -0.19 -36.16
CA TYR A 31 -18.63 0.72 -36.88
C TYR A 31 -19.75 -0.03 -37.58
N ASN A 32 -19.48 -1.24 -38.06
CA ASN A 32 -20.49 -2.06 -38.73
C ASN A 32 -19.91 -3.46 -38.92
N LEU A 33 -20.72 -4.33 -39.52
CA LEU A 33 -20.31 -5.69 -39.86
C LEU A 33 -20.98 -6.07 -41.18
N GLN A 34 -20.18 -6.54 -42.12
CA GLN A 34 -20.66 -6.89 -43.46
C GLN A 34 -20.48 -8.37 -43.72
N TRP A 35 -21.25 -8.88 -44.67
CA TRP A 35 -21.11 -10.24 -45.19
C TRP A 35 -20.85 -10.15 -46.68
N PHE A 36 -19.72 -10.69 -47.12
CA PHE A 36 -19.35 -10.71 -48.53
C PHE A 36 -19.40 -12.14 -49.06
N ARG A 37 -19.73 -12.26 -50.35
CA ARG A 37 -19.59 -13.49 -51.09
C ARG A 37 -18.47 -13.33 -52.10
N GLN A 38 -17.54 -14.29 -52.12
CA GLN A 38 -16.41 -14.25 -53.05
C GLN A 38 -16.55 -15.38 -54.06
N ASP A 39 -16.71 -15.03 -55.32
CA ASP A 39 -16.69 -15.96 -56.43
C ASP A 39 -15.40 -15.76 -57.22
N PRO A 40 -14.78 -16.84 -57.71
CA PRO A 40 -13.55 -16.67 -58.49
C PRO A 40 -13.82 -15.84 -59.75
N GLY A 41 -13.05 -14.76 -59.90
CA GLY A 41 -13.30 -13.85 -61.00
C GLY A 41 -13.69 -12.47 -60.52
N LYS A 42 -15.00 -12.27 -60.28
CA LYS A 42 -15.51 -10.96 -59.91
C LYS A 42 -14.89 -10.47 -58.60
N GLY A 43 -14.80 -11.34 -57.60
CA GLY A 43 -14.20 -10.97 -56.34
C GLY A 43 -15.23 -10.86 -55.23
N LEU A 44 -15.08 -9.84 -54.39
CA LEU A 44 -15.97 -9.68 -53.24
C LEU A 44 -17.17 -8.84 -53.63
N THR A 45 -18.36 -9.30 -53.24
CA THR A 45 -19.60 -8.59 -53.47
C THR A 45 -20.35 -8.52 -52.15
N SER A 46 -20.76 -7.31 -51.77
CA SER A 46 -21.41 -7.12 -50.48
C SER A 46 -22.83 -7.67 -50.51
N LEU A 47 -23.23 -8.30 -49.41
CA LEU A 47 -24.55 -8.91 -49.28
C LEU A 47 -25.42 -8.20 -48.25
N LEU A 48 -24.89 -7.98 -47.05
CA LEU A 48 -25.62 -7.30 -45.98
C LEU A 48 -24.66 -6.43 -45.20
N LEU A 49 -25.10 -5.22 -44.88
CA LEU A 49 -24.35 -4.31 -44.02
C LEU A 49 -25.19 -4.04 -42.77
N ILE A 50 -24.76 -4.59 -41.64
CA ILE A 50 -25.45 -4.38 -40.37
C ILE A 50 -24.81 -3.17 -39.69
N GLN A 51 -25.62 -2.15 -39.44
CA GLN A 51 -25.12 -0.94 -38.79
C GLN A 51 -24.65 -1.26 -37.38
N SER A 52 -23.90 -0.30 -36.80
CA SER A 52 -23.28 -0.53 -35.49
C SER A 52 -24.32 -0.85 -34.42
N SER A 53 -25.43 -0.11 -34.42
CA SER A 53 -26.48 -0.30 -33.42
C SER A 53 -27.63 -1.17 -33.90
N GLN A 54 -27.63 -1.57 -35.17
CA GLN A 54 -28.64 -2.49 -35.66
C GLN A 54 -28.38 -3.89 -35.13
N ARG A 55 -29.47 -4.61 -34.85
CA ARG A 55 -29.36 -5.98 -34.37
C ARG A 55 -29.75 -7.02 -35.39
N GLU A 56 -30.29 -6.61 -36.54
CA GLU A 56 -30.71 -7.55 -37.56
C GLU A 56 -30.86 -6.82 -38.89
N GLN A 57 -30.55 -7.54 -39.97
CA GLN A 57 -30.72 -7.05 -41.33
C GLN A 57 -31.21 -8.18 -42.22
N THR A 58 -32.00 -7.83 -43.23
CA THR A 58 -32.64 -8.81 -44.08
C THR A 58 -32.60 -8.34 -45.53
N SER A 59 -32.44 -9.28 -46.45
CA SER A 59 -32.49 -8.97 -47.88
C SER A 59 -32.85 -10.26 -48.62
N GLY A 60 -34.13 -10.42 -48.96
CA GLY A 60 -34.58 -11.61 -49.65
C GLY A 60 -34.48 -12.86 -48.79
N ARG A 61 -33.65 -13.80 -49.21
CA ARG A 61 -33.44 -15.05 -48.49
C ARG A 61 -32.32 -14.95 -47.45
N LEU A 62 -31.73 -13.77 -47.27
CA LEU A 62 -30.63 -13.57 -46.33
C LEU A 62 -31.14 -12.82 -45.10
N ASN A 63 -30.75 -13.30 -43.92
CA ASN A 63 -31.21 -12.73 -42.66
C ASN A 63 -30.07 -12.88 -41.66
N ALA A 64 -29.48 -11.75 -41.27
CA ALA A 64 -28.28 -11.74 -40.45
C ALA A 64 -28.54 -11.01 -39.14
N SER A 65 -28.03 -11.58 -38.05
CA SER A 65 -28.12 -11.00 -36.72
C SER A 65 -26.78 -10.41 -36.30
N LEU A 66 -26.83 -9.57 -35.26
CA LEU A 66 -25.62 -8.97 -34.73
C LEU A 66 -25.80 -8.70 -33.24
N ASP A 67 -24.89 -9.23 -32.43
CA ASP A 67 -24.85 -8.96 -30.99
C ASP A 67 -23.43 -8.53 -30.63
N LYS A 68 -23.22 -7.22 -30.52
CA LYS A 68 -21.87 -6.72 -30.25
C LYS A 68 -21.40 -7.08 -28.84
N SER A 69 -22.32 -7.18 -27.89
CA SER A 69 -21.96 -7.53 -26.52
C SER A 69 -21.24 -8.87 -26.48
N SER A 70 -21.89 -9.92 -27.00
CA SER A 70 -21.26 -11.23 -27.07
C SER A 70 -20.10 -11.24 -28.05
N GLY A 71 -20.18 -10.43 -29.12
CA GLY A 71 -19.19 -10.46 -30.16
C GLY A 71 -19.48 -11.55 -31.17
N ARG A 72 -20.74 -11.61 -31.63
CA ARG A 72 -21.20 -12.69 -32.47
C ARG A 72 -22.10 -12.16 -33.57
N SER A 73 -21.95 -12.75 -34.76
CA SER A 73 -22.84 -12.48 -35.89
C SER A 73 -23.20 -13.82 -36.52
N THR A 74 -24.38 -13.86 -37.16
CA THR A 74 -24.88 -15.09 -37.75
C THR A 74 -25.65 -14.76 -39.00
N LEU A 75 -25.28 -15.38 -40.12
CA LEU A 75 -25.97 -15.21 -41.40
C LEU A 75 -26.84 -16.43 -41.65
N TYR A 76 -28.15 -16.22 -41.79
CA TYR A 76 -29.10 -17.29 -42.08
C TYR A 76 -29.47 -17.23 -43.56
N ILE A 77 -29.18 -18.31 -44.29
CA ILE A 77 -29.56 -18.45 -45.68
C ILE A 77 -30.74 -19.40 -45.77
N ALA A 78 -31.83 -18.94 -46.40
CA ALA A 78 -33.08 -19.70 -46.47
C ALA A 78 -33.27 -20.22 -47.90
N ALA A 79 -33.64 -21.50 -48.00
CA ALA A 79 -33.88 -22.16 -49.28
C ALA A 79 -32.68 -22.02 -50.22
N SER A 80 -31.61 -22.72 -49.85
CA SER A 80 -30.35 -22.63 -50.57
C SER A 80 -30.52 -23.01 -52.03
N GLN A 81 -30.04 -22.13 -52.91
CA GLN A 81 -30.04 -22.34 -54.35
C GLN A 81 -28.62 -22.65 -54.83
N PRO A 82 -28.47 -23.37 -55.95
CA PRO A 82 -27.12 -23.65 -56.44
C PRO A 82 -26.29 -22.42 -56.73
N GLY A 83 -26.92 -21.29 -57.04
CA GLY A 83 -26.18 -20.06 -57.28
C GLY A 83 -25.50 -19.52 -56.03
N ASP A 84 -26.02 -19.86 -54.84
CA ASP A 84 -25.43 -19.38 -53.60
C ASP A 84 -24.08 -20.00 -53.29
N SER A 85 -23.62 -20.96 -54.09
CA SER A 85 -22.36 -21.64 -53.82
C SER A 85 -21.19 -20.69 -54.03
N ALA A 86 -20.50 -20.35 -52.95
CA ALA A 86 -19.35 -19.43 -52.97
C ALA A 86 -18.74 -19.43 -51.58
N THR A 87 -17.68 -18.64 -51.42
CA THR A 87 -17.08 -18.41 -50.11
C THR A 87 -17.68 -17.17 -49.49
N TYR A 88 -18.01 -17.25 -48.20
CA TYR A 88 -18.69 -16.17 -47.49
C TYR A 88 -17.75 -15.62 -46.41
N LEU A 89 -17.44 -14.33 -46.52
CA LEU A 89 -16.47 -13.67 -45.65
C LEU A 89 -17.18 -12.72 -44.70
N CYS A 90 -16.77 -12.74 -43.44
CA CYS A 90 -17.30 -11.86 -42.41
C CYS A 90 -16.34 -10.71 -42.21
N ALA A 91 -16.79 -9.49 -42.49
CA ALA A 91 -15.97 -8.30 -42.37
C ALA A 91 -16.45 -7.43 -41.22
N VAL A 92 -15.52 -6.70 -40.63
CA VAL A 92 -15.81 -5.84 -39.47
C VAL A 92 -14.94 -4.60 -39.57
N SER A 93 -15.52 -3.45 -39.24
CA SER A 93 -14.84 -2.15 -39.32
C SER A 93 -14.62 -1.61 -37.92
N ASN A 94 -13.35 -1.37 -37.56
CA ASN A 94 -12.97 -0.85 -36.26
C ASN A 94 -12.48 0.59 -36.40
N PHE A 95 -11.94 1.13 -35.30
CA PHE A 95 -11.44 2.50 -35.32
C PHE A 95 -10.27 2.65 -36.28
N ASN A 96 -9.31 1.73 -36.21
CA ASN A 96 -8.08 1.89 -36.97
C ASN A 96 -8.20 1.35 -38.40
N LYS A 97 -8.74 0.15 -38.57
CA LYS A 97 -8.78 -0.46 -39.90
C LYS A 97 -9.93 -1.45 -39.97
N PHE A 98 -9.94 -2.25 -41.02
CA PHE A 98 -10.97 -3.25 -41.28
C PHE A 98 -10.37 -4.65 -41.11
N TYR A 99 -11.15 -5.57 -40.57
CA TYR A 99 -10.72 -6.94 -40.34
C TYR A 99 -11.67 -7.90 -41.04
N PHE A 100 -11.11 -8.91 -41.70
CA PHE A 100 -11.87 -9.93 -42.39
C PHE A 100 -11.68 -11.29 -41.72
N GLY A 101 -12.70 -12.15 -41.88
CA GLY A 101 -12.67 -13.48 -41.30
C GLY A 101 -11.98 -14.50 -42.19
N SER A 102 -11.80 -15.70 -41.63
CA SER A 102 -11.15 -16.77 -42.38
C SER A 102 -11.95 -17.16 -43.61
N GLY A 103 -13.26 -17.14 -43.51
CA GLY A 103 -14.14 -17.46 -44.62
C GLY A 103 -14.83 -18.80 -44.43
N THR A 104 -15.97 -18.95 -45.11
CA THR A 104 -16.72 -20.21 -45.13
C THR A 104 -17.09 -20.53 -46.57
N LYS A 105 -16.53 -21.61 -47.11
CA LYS A 105 -16.87 -22.02 -48.47
C LYS A 105 -18.17 -22.82 -48.47
N LEU A 106 -19.02 -22.54 -49.46
CA LEU A 106 -20.35 -23.11 -49.55
C LEU A 106 -20.53 -23.80 -50.89
N ASN A 107 -21.04 -25.04 -50.87
CA ASN A 107 -21.35 -25.80 -52.07
C ASN A 107 -22.78 -26.31 -51.94
N VAL A 108 -23.71 -25.71 -52.69
CA VAL A 108 -25.12 -26.07 -52.63
C VAL A 108 -25.36 -27.19 -53.64
N LYS A 109 -25.38 -28.43 -53.14
CA LYS A 109 -25.56 -29.59 -54.00
C LYS A 109 -26.97 -29.63 -54.58
N PRO A 110 -27.13 -29.61 -55.91
CA PRO A 110 -28.48 -29.72 -56.49
C PRO A 110 -29.02 -31.14 -56.39
N ASN A 111 -30.27 -31.35 -56.80
CA ASN A 111 -30.92 -32.65 -56.77
C ASN A 111 -31.10 -33.17 -58.18
N ILE A 112 -30.55 -34.35 -58.45
CA ILE A 112 -30.72 -35.03 -59.73
C ILE A 112 -31.94 -35.93 -59.65
N GLN A 113 -32.91 -35.71 -60.54
CA GLN A 113 -34.18 -36.44 -60.47
C GLN A 113 -33.97 -37.93 -60.69
N ASN A 114 -33.28 -38.31 -61.76
CA ASN A 114 -33.00 -39.71 -62.06
C ASN A 114 -31.51 -39.97 -62.08
N PRO A 115 -30.95 -40.64 -61.06
CA PRO A 115 -29.53 -41.00 -61.12
C PRO A 115 -29.30 -42.03 -62.20
N ASP A 116 -28.53 -41.65 -63.21
CA ASP A 116 -28.18 -42.52 -64.34
C ASP A 116 -26.66 -42.66 -64.40
N PRO A 117 -26.05 -43.30 -63.40
CA PRO A 117 -24.59 -43.35 -63.36
C PRO A 117 -24.02 -44.19 -64.49
N ALA A 118 -22.90 -43.73 -65.05
CA ALA A 118 -22.28 -44.42 -66.16
C ALA A 118 -20.85 -43.91 -66.32
N VAL A 119 -19.93 -44.82 -66.59
CA VAL A 119 -18.53 -44.49 -66.85
C VAL A 119 -18.26 -44.74 -68.33
N TYR A 120 -17.82 -43.70 -69.03
CA TYR A 120 -17.62 -43.76 -70.48
C TYR A 120 -16.16 -43.50 -70.82
N GLN A 121 -15.66 -44.22 -71.81
CA GLN A 121 -14.32 -44.01 -72.35
C GLN A 121 -14.46 -43.16 -73.60
N LEU A 122 -14.09 -41.89 -73.51
CA LEU A 122 -14.14 -41.04 -74.67
C LEU A 122 -12.93 -41.30 -75.55
N ARG A 123 -13.03 -40.93 -76.82
CA ARG A 123 -11.96 -41.20 -77.76
C ARG A 123 -10.70 -40.44 -77.34
N ASP A 124 -9.56 -41.12 -77.42
CA ASP A 124 -8.29 -40.45 -77.18
C ASP A 124 -7.95 -39.54 -78.34
N SER A 125 -7.37 -38.38 -78.03
CA SER A 125 -7.00 -37.43 -79.06
C SER A 125 -5.71 -37.89 -79.74
N LYS A 126 -5.61 -37.58 -81.03
CA LYS A 126 -4.38 -37.88 -81.76
C LYS A 126 -3.19 -37.12 -81.18
N SER A 127 -3.43 -35.92 -80.65
CA SER A 127 -2.37 -35.13 -80.04
C SER A 127 -1.91 -35.73 -78.72
N SER A 128 -2.82 -36.30 -77.95
CA SER A 128 -2.52 -36.77 -76.60
C SER A 128 -2.16 -38.26 -76.61
N ASP A 129 -1.40 -38.68 -75.60
CA ASP A 129 -1.00 -40.06 -75.42
C ASP A 129 -1.82 -40.77 -74.35
N LYS A 130 -2.89 -40.15 -73.87
CA LYS A 130 -3.70 -40.69 -72.80
C LYS A 130 -5.13 -40.94 -73.27
N SER A 131 -5.83 -41.78 -72.52
CA SER A 131 -7.25 -42.04 -72.72
C SER A 131 -8.00 -41.60 -71.47
N VAL A 132 -9.17 -40.99 -71.68
CA VAL A 132 -9.92 -40.34 -70.62
C VAL A 132 -11.15 -41.18 -70.26
N CYS A 133 -11.43 -41.28 -68.97
CA CYS A 133 -12.62 -41.95 -68.46
C CYS A 133 -13.51 -40.93 -67.76
N LEU A 134 -14.81 -40.98 -68.05
CA LEU A 134 -15.77 -40.00 -67.56
C LEU A 134 -16.81 -40.68 -66.68
N PHE A 135 -16.84 -40.34 -65.40
CA PHE A 135 -17.94 -40.71 -64.50
C PHE A 135 -18.93 -39.56 -64.49
N THR A 136 -20.11 -39.78 -65.06
CA THR A 136 -21.08 -38.70 -65.23
C THR A 136 -22.48 -39.18 -64.89
N ASP A 137 -23.37 -38.21 -64.67
CA ASP A 137 -24.80 -38.46 -64.41
C ASP A 137 -25.01 -39.28 -63.14
N PHE A 138 -24.11 -39.14 -62.17
CA PHE A 138 -24.27 -39.80 -60.90
C PHE A 138 -24.93 -38.86 -59.90
N ASP A 139 -25.35 -39.40 -58.76
CA ASP A 139 -26.03 -38.59 -57.78
C ASP A 139 -25.04 -37.71 -57.03
N SER A 140 -25.54 -36.58 -56.51
CA SER A 140 -24.72 -35.64 -55.76
C SER A 140 -24.35 -36.16 -54.38
N GLN A 141 -24.71 -37.40 -54.04
CA GLN A 141 -24.38 -37.99 -52.76
C GLN A 141 -23.14 -38.87 -52.80
N THR A 142 -22.60 -39.15 -53.99
CA THR A 142 -21.41 -39.97 -54.13
C THR A 142 -20.15 -39.18 -53.76
N ASN A 143 -19.29 -39.79 -52.95
CA ASN A 143 -18.04 -39.17 -52.52
C ASN A 143 -16.92 -39.72 -53.40
N VAL A 144 -16.54 -38.93 -54.40
CA VAL A 144 -15.47 -39.32 -55.32
C VAL A 144 -14.15 -39.44 -54.57
N SER A 145 -13.46 -40.56 -54.75
CA SER A 145 -12.21 -40.85 -54.08
C SER A 145 -11.05 -40.79 -55.07
N GLN A 146 -9.87 -40.44 -54.56
CA GLN A 146 -8.70 -40.32 -55.41
C GLN A 146 -8.11 -41.70 -55.71
N SER A 147 -7.19 -41.72 -56.68
CA SER A 147 -6.64 -42.97 -57.19
C SER A 147 -5.61 -43.54 -56.23
N LYS A 148 -5.38 -44.85 -56.35
CA LYS A 148 -4.33 -45.50 -55.56
C LYS A 148 -2.96 -45.32 -56.19
N ASP A 149 -2.86 -45.45 -57.51
CA ASP A 149 -1.61 -45.30 -58.22
C ASP A 149 -1.35 -43.84 -58.54
N SER A 150 -0.07 -43.51 -58.74
CA SER A 150 0.34 -42.15 -59.08
C SER A 150 0.38 -41.91 -60.58
N ASP A 151 0.12 -42.93 -61.41
CA ASP A 151 0.06 -42.75 -62.84
C ASP A 151 -1.36 -42.50 -63.35
N VAL A 152 -2.36 -42.60 -62.49
CA VAL A 152 -3.75 -42.29 -62.83
C VAL A 152 -4.20 -41.13 -61.97
N TYR A 153 -4.76 -40.10 -62.60
CA TYR A 153 -5.12 -38.85 -61.94
C TYR A 153 -6.62 -38.66 -62.04
N ILE A 154 -7.26 -38.43 -60.89
CA ILE A 154 -8.71 -38.31 -60.80
C ILE A 154 -9.05 -36.89 -60.35
N THR A 155 -10.04 -36.29 -61.01
CA THR A 155 -10.50 -34.95 -60.67
C THR A 155 -11.65 -35.00 -59.68
N ASP A 156 -11.89 -33.87 -59.03
CA ASP A 156 -13.02 -33.76 -58.12
C ASP A 156 -14.31 -33.59 -58.91
N LYS A 157 -15.43 -33.89 -58.27
CA LYS A 157 -16.72 -33.81 -58.92
C LYS A 157 -17.07 -32.37 -59.29
N CYS A 158 -18.07 -32.22 -60.16
CA CYS A 158 -18.43 -30.92 -60.71
C CYS A 158 -19.78 -31.03 -61.41
N VAL A 159 -20.56 -29.95 -61.37
CA VAL A 159 -21.89 -29.91 -61.94
C VAL A 159 -21.94 -28.90 -63.08
N LEU A 160 -22.72 -29.21 -64.11
CA LEU A 160 -22.96 -28.31 -65.24
C LEU A 160 -24.46 -28.10 -65.40
N ASP A 161 -24.83 -26.91 -65.90
CA ASP A 161 -26.23 -26.52 -66.05
C ASP A 161 -26.54 -26.30 -67.53
N MET A 162 -27.29 -27.23 -68.11
CA MET A 162 -27.83 -27.08 -69.46
C MET A 162 -29.15 -26.31 -69.36
N ARG A 163 -29.03 -24.98 -69.29
CA ARG A 163 -30.19 -24.14 -69.03
C ARG A 163 -31.22 -24.22 -70.15
N SER A 164 -30.78 -24.41 -71.40
CA SER A 164 -31.72 -24.57 -72.51
C SER A 164 -32.61 -25.79 -72.30
N MET A 165 -32.07 -26.87 -71.75
CA MET A 165 -32.84 -28.07 -71.44
C MET A 165 -33.22 -28.16 -69.98
N ASP A 166 -32.86 -27.17 -69.17
CA ASP A 166 -33.10 -27.17 -67.72
C ASP A 166 -32.60 -28.47 -67.10
N PHE A 167 -31.37 -28.84 -67.44
CA PHE A 167 -30.77 -30.08 -67.00
C PHE A 167 -29.46 -29.80 -66.27
N LYS A 168 -29.25 -30.52 -65.17
CA LYS A 168 -28.03 -30.43 -64.39
C LYS A 168 -27.41 -31.82 -64.27
N SER A 169 -26.09 -31.88 -64.37
CA SER A 169 -25.40 -33.16 -64.42
C SER A 169 -24.06 -33.07 -63.71
N ASN A 170 -23.76 -34.07 -62.90
CA ASN A 170 -22.43 -34.21 -62.31
C ASN A 170 -21.48 -34.87 -63.29
N SER A 171 -20.17 -34.70 -63.04
CA SER A 171 -19.17 -35.24 -63.95
C SER A 171 -17.83 -35.35 -63.22
N ALA A 172 -17.17 -36.49 -63.39
CA ALA A 172 -15.83 -36.73 -62.86
C ALA A 172 -14.96 -37.32 -63.96
N VAL A 173 -13.67 -36.98 -63.95
CA VAL A 173 -12.75 -37.32 -65.02
C VAL A 173 -11.53 -38.03 -64.43
N ALA A 174 -11.03 -39.03 -65.15
CA ALA A 174 -9.80 -39.71 -64.78
C ALA A 174 -9.00 -40.02 -66.04
N TRP A 175 -7.68 -39.98 -65.93
CA TRP A 175 -6.81 -40.23 -67.07
C TRP A 175 -5.50 -40.82 -66.59
N SER A 176 -4.78 -41.46 -67.52
CA SER A 176 -3.50 -42.09 -67.21
C SER A 176 -2.74 -42.28 -68.50
N ASN A 177 -1.40 -42.22 -68.40
CA ASN A 177 -0.56 -42.38 -69.57
C ASN A 177 -0.14 -43.83 -69.84
N LYS A 178 -0.21 -44.70 -68.84
CA LYS A 178 0.12 -46.10 -69.06
C LYS A 178 -0.96 -46.79 -69.89
N SER A 179 -0.53 -47.70 -70.76
CA SER A 179 -1.46 -48.43 -71.62
C SER A 179 -2.22 -49.53 -70.90
N ASP A 180 -1.85 -49.83 -69.65
CA ASP A 180 -2.60 -50.78 -68.82
C ASP A 180 -3.76 -50.11 -68.10
N PHE A 181 -4.38 -49.13 -68.76
CA PHE A 181 -5.43 -48.32 -68.18
C PHE A 181 -6.79 -48.78 -68.71
N ALA A 182 -7.70 -49.11 -67.78
CA ALA A 182 -9.05 -49.55 -68.13
C ALA A 182 -10.05 -48.72 -67.34
N CYS A 183 -11.05 -48.17 -68.04
CA CYS A 183 -12.04 -47.33 -67.39
C CYS A 183 -12.92 -48.08 -66.40
N ALA A 184 -13.04 -49.40 -66.55
CA ALA A 184 -13.78 -50.17 -65.56
C ALA A 184 -13.02 -50.26 -64.24
N ASN A 185 -11.68 -50.29 -64.30
CA ASN A 185 -10.84 -50.36 -63.11
C ASN A 185 -10.26 -49.00 -62.72
N ALA A 186 -10.63 -47.93 -63.42
CA ALA A 186 -10.11 -46.61 -63.10
C ALA A 186 -10.62 -46.13 -61.74
N PHE A 187 -11.94 -46.03 -61.59
CA PHE A 187 -12.55 -45.66 -60.32
C PHE A 187 -12.74 -46.90 -59.44
N ASN A 188 -11.64 -47.60 -59.21
CA ASN A 188 -11.68 -48.85 -58.45
C ASN A 188 -11.90 -48.59 -56.97
N ASN A 189 -11.24 -47.57 -56.42
CA ASN A 189 -11.36 -47.28 -54.99
C ASN A 189 -12.69 -46.60 -54.68
N SER A 190 -13.11 -45.62 -55.48
CA SER A 190 -14.35 -44.92 -55.26
C SER A 190 -15.54 -45.88 -55.25
N ILE A 191 -16.33 -45.83 -54.19
CA ILE A 191 -17.55 -46.62 -54.10
C ILE A 191 -18.51 -46.17 -55.19
N ILE A 192 -18.76 -47.05 -56.15
CA ILE A 192 -19.54 -46.72 -57.34
C ILE A 192 -20.92 -47.33 -57.20
N PRO A 193 -22.00 -46.60 -57.50
CA PRO A 193 -23.33 -47.21 -57.52
C PRO A 193 -23.35 -48.43 -58.44
N GLU A 194 -23.83 -49.55 -57.91
CA GLU A 194 -23.83 -50.80 -58.66
C GLU A 194 -24.79 -50.81 -59.83
N ASP A 195 -25.58 -49.75 -60.02
CA ASP A 195 -26.39 -49.58 -61.21
C ASP A 195 -25.69 -48.75 -62.27
N THR A 196 -24.39 -48.51 -62.11
CA THR A 196 -23.64 -47.71 -63.06
C THR A 196 -23.47 -48.48 -64.37
N PHE A 197 -23.81 -47.83 -65.47
CA PHE A 197 -23.69 -48.47 -66.78
C PHE A 197 -22.22 -48.54 -67.17
N PHE A 198 -21.65 -49.76 -67.10
CA PHE A 198 -20.31 -50.02 -67.58
C PHE A 198 -20.35 -50.59 -69.00
N PRO A 199 -20.26 -49.75 -70.03
CA PRO A 199 -20.32 -50.25 -71.42
C PRO A 199 -19.00 -50.89 -71.83
N SER A 200 -18.72 -52.05 -71.25
CA SER A 200 -17.47 -52.73 -71.55
C SER A 200 -17.39 -53.05 -73.03
N PRO A 201 -16.28 -52.73 -73.71
CA PRO A 201 -16.13 -52.90 -75.16
C PRO A 201 -15.73 -54.32 -75.56
N VAL B 1 -15.24 -0.61 -60.40
CA VAL B 1 -13.84 -0.60 -60.04
C VAL B 1 -13.04 -1.48 -61.00
N THR B 2 -12.00 -0.90 -61.58
CA THR B 2 -11.11 -1.60 -62.49
C THR B 2 -9.70 -1.64 -61.92
N GLN B 3 -8.96 -2.70 -62.23
CA GLN B 3 -7.60 -2.88 -61.76
C GLN B 3 -6.70 -3.31 -62.92
N THR B 4 -5.41 -3.05 -62.77
CA THR B 4 -4.41 -3.42 -63.75
C THR B 4 -3.08 -3.68 -63.05
N PRO B 5 -2.35 -4.73 -63.43
CA PRO B 5 -2.77 -5.66 -64.49
C PRO B 5 -3.67 -6.77 -63.94
N LYS B 6 -3.98 -7.74 -64.79
CA LYS B 6 -4.83 -8.86 -64.38
C LYS B 6 -4.01 -9.95 -63.70
N HIS B 7 -3.04 -10.50 -64.42
CA HIS B 7 -2.12 -11.49 -63.88
C HIS B 7 -0.71 -10.93 -63.94
N LEU B 8 0.19 -11.53 -63.15
CA LEU B 8 1.53 -10.96 -62.98
C LEU B 8 2.46 -12.06 -62.48
N ILE B 9 3.30 -12.57 -63.37
CA ILE B 9 4.29 -13.60 -63.05
C ILE B 9 5.66 -12.94 -62.98
N THR B 10 6.39 -13.17 -61.89
CA THR B 10 7.67 -12.52 -61.69
C THR B 10 8.54 -13.38 -60.78
N ALA B 11 9.79 -12.95 -60.63
CA ALA B 11 10.79 -13.63 -59.82
C ALA B 11 11.07 -12.82 -58.55
N THR B 12 11.78 -13.46 -57.63
CA THR B 12 12.12 -12.81 -56.37
C THR B 12 13.14 -11.70 -56.61
N GLY B 13 12.97 -10.59 -55.92
CA GLY B 13 13.84 -9.45 -56.06
C GLY B 13 13.37 -8.41 -57.06
N GLN B 14 12.33 -8.72 -57.83
CA GLN B 14 11.86 -7.80 -58.87
C GLN B 14 10.86 -6.81 -58.28
N ARG B 15 10.37 -5.91 -59.13
CA ARG B 15 9.47 -4.85 -58.72
C ARG B 15 8.25 -4.80 -59.63
N VAL B 16 7.06 -4.70 -59.02
CA VAL B 16 5.82 -4.60 -59.78
C VAL B 16 5.08 -3.34 -59.35
N THR B 17 4.16 -2.91 -60.21
CA THR B 17 3.32 -1.73 -59.99
C THR B 17 1.88 -2.11 -60.25
N LEU B 18 1.01 -1.95 -59.26
CA LEU B 18 -0.41 -2.20 -59.39
C LEU B 18 -1.18 -0.89 -59.36
N ARG B 19 -2.02 -0.67 -60.37
CA ARG B 19 -2.84 0.53 -60.46
C ARG B 19 -4.32 0.19 -60.32
N CYS B 20 -5.08 1.16 -59.81
CA CYS B 20 -6.49 0.98 -59.55
C CYS B 20 -7.26 2.23 -59.93
N SER B 21 -8.42 2.03 -60.53
CA SER B 21 -9.34 3.12 -60.86
C SER B 21 -10.65 2.91 -60.11
N PRO B 22 -11.00 3.77 -59.16
CA PRO B 22 -12.24 3.58 -58.40
C PRO B 22 -13.48 3.86 -59.25
N ARG B 23 -14.65 3.67 -58.68
CA ARG B 23 -15.86 4.14 -59.34
C ARG B 23 -15.85 5.66 -59.44
N SER B 24 -16.49 6.19 -60.49
CA SER B 24 -16.63 7.63 -60.61
C SER B 24 -17.41 8.17 -59.43
N GLY B 25 -17.00 9.35 -58.95
CA GLY B 25 -17.64 9.96 -57.80
C GLY B 25 -17.18 9.45 -56.46
N ASP B 26 -16.39 8.38 -56.43
CA ASP B 26 -15.85 7.85 -55.18
C ASP B 26 -14.52 8.52 -54.87
N LEU B 27 -14.36 8.92 -53.61
CA LEU B 27 -13.19 9.66 -53.17
C LEU B 27 -12.22 8.82 -52.34
N SER B 28 -12.61 7.61 -51.93
CA SER B 28 -11.78 6.76 -51.09
C SER B 28 -11.39 5.50 -51.85
N VAL B 29 -10.13 5.09 -51.71
CA VAL B 29 -9.63 3.84 -52.29
C VAL B 29 -9.00 3.01 -51.19
N TYR B 30 -9.17 1.69 -51.30
CA TYR B 30 -8.66 0.73 -50.33
C TYR B 30 -7.86 -0.33 -51.07
N TRP B 31 -6.75 -0.76 -50.46
CA TRP B 31 -5.94 -1.84 -51.00
C TRP B 31 -5.96 -3.00 -50.02
N TYR B 32 -6.14 -4.21 -50.54
CA TYR B 32 -6.18 -5.42 -49.74
C TYR B 32 -5.25 -6.46 -50.35
N GLN B 33 -4.71 -7.32 -49.49
CA GLN B 33 -3.88 -8.45 -49.90
C GLN B 33 -4.49 -9.72 -49.35
N GLN B 34 -4.81 -10.66 -50.23
CA GLN B 34 -5.41 -11.94 -49.84
C GLN B 34 -4.38 -13.03 -50.06
N SER B 35 -3.77 -13.50 -48.98
CA SER B 35 -2.79 -14.58 -49.03
C SER B 35 -3.36 -15.81 -48.34
N LEU B 36 -2.80 -16.97 -48.69
CA LEU B 36 -3.30 -18.22 -48.13
C LEU B 36 -3.04 -18.31 -46.63
N ASP B 37 -1.89 -17.80 -46.17
CA ASP B 37 -1.53 -17.93 -44.77
C ASP B 37 -2.17 -16.87 -43.88
N GLN B 38 -2.54 -15.72 -44.44
CA GLN B 38 -3.11 -14.63 -43.64
C GLN B 38 -4.52 -14.22 -44.08
N GLY B 39 -5.07 -14.84 -45.12
CA GLY B 39 -6.38 -14.41 -45.56
C GLY B 39 -6.35 -13.02 -46.15
N LEU B 40 -7.52 -12.37 -46.11
CA LEU B 40 -7.68 -11.01 -46.61
C LEU B 40 -7.16 -10.03 -45.57
N GLN B 41 -6.12 -9.27 -45.92
CA GLN B 41 -5.48 -8.32 -45.02
C GLN B 41 -5.58 -6.92 -45.59
N PHE B 42 -6.00 -5.98 -44.75
CA PHE B 42 -6.11 -4.58 -45.16
C PHE B 42 -4.73 -3.92 -45.20
N LEU B 43 -4.42 -3.27 -46.32
CA LEU B 43 -3.10 -2.65 -46.47
C LEU B 43 -3.13 -1.17 -46.11
N ILE B 44 -3.85 -0.36 -46.88
CA ILE B 44 -3.87 1.09 -46.67
C ILE B 44 -5.12 1.66 -47.32
N GLN B 45 -5.58 2.80 -46.81
CA GLN B 45 -6.73 3.50 -47.34
C GLN B 45 -6.35 4.95 -47.61
N TYR B 46 -6.69 5.42 -48.81
CA TYR B 46 -6.57 6.83 -49.18
C TYR B 46 -7.95 7.43 -49.36
N TYR B 47 -8.09 8.70 -48.99
CA TYR B 47 -9.37 9.39 -49.06
C TYR B 47 -9.15 10.77 -49.65
N ASN B 48 -9.68 11.01 -50.84
CA ASN B 48 -9.62 12.30 -51.52
C ASN B 48 -8.17 12.76 -51.72
N GLY B 49 -7.27 11.82 -51.97
CA GLY B 49 -5.89 12.12 -52.25
C GLY B 49 -4.95 12.08 -51.06
N GLU B 50 -5.46 11.91 -49.85
CA GLU B 50 -4.63 11.87 -48.66
C GLU B 50 -4.78 10.52 -47.97
N GLU B 51 -3.68 10.07 -47.34
CA GLU B 51 -3.72 8.83 -46.59
C GLU B 51 -4.59 8.99 -45.35
N ARG B 52 -5.50 8.03 -45.13
CA ARG B 52 -6.43 8.08 -44.02
C ARG B 52 -6.17 6.99 -43.00
N ALA B 53 -6.17 5.72 -43.43
CA ALA B 53 -5.97 4.60 -42.53
C ALA B 53 -4.88 3.70 -43.10
N LYS B 54 -4.17 3.02 -42.22
CA LYS B 54 -3.06 2.17 -42.60
C LYS B 54 -3.06 0.91 -41.75
N GLY B 55 -2.84 -0.22 -42.40
CA GLY B 55 -2.71 -1.49 -41.74
C GLY B 55 -1.26 -1.89 -41.55
N ASN B 56 -1.00 -3.19 -41.58
CA ASN B 56 0.36 -3.70 -41.47
C ASN B 56 0.98 -3.78 -42.88
N ILE B 57 1.19 -2.60 -43.46
CA ILE B 57 1.81 -2.50 -44.78
C ILE B 57 3.33 -2.40 -44.58
N LEU B 58 4.06 -3.18 -45.36
CA LEU B 58 5.52 -3.22 -45.22
C LEU B 58 6.15 -1.94 -45.75
N GLU B 59 7.41 -1.73 -45.36
CA GLU B 59 8.13 -0.53 -45.80
C GLU B 59 8.46 -0.57 -47.28
N ARG B 60 8.59 -1.77 -47.85
CA ARG B 60 8.88 -1.91 -49.28
C ARG B 60 7.62 -1.92 -50.14
N PHE B 61 6.47 -1.56 -49.57
CA PHE B 61 5.24 -1.36 -50.33
C PHE B 61 4.94 0.13 -50.35
N SER B 62 4.79 0.69 -51.55
CA SER B 62 4.56 2.12 -51.71
C SER B 62 3.26 2.34 -52.47
N ALA B 63 2.43 3.27 -51.98
CA ALA B 63 1.15 3.55 -52.58
C ALA B 63 0.93 5.06 -52.60
N GLN B 64 -0.09 5.49 -53.36
CA GLN B 64 -0.39 6.90 -53.55
C GLN B 64 -1.73 7.03 -54.25
N GLN B 65 -2.50 8.05 -53.88
CA GLN B 65 -3.73 8.39 -54.59
C GLN B 65 -3.50 9.71 -55.33
N PHE B 66 -3.77 9.70 -56.64
CA PHE B 66 -3.54 10.85 -57.48
C PHE B 66 -4.74 11.80 -57.44
N PRO B 67 -4.55 13.06 -57.87
CA PRO B 67 -5.67 14.01 -57.85
C PRO B 67 -6.87 13.59 -58.67
N ASP B 68 -6.72 12.70 -59.64
CA ASP B 68 -7.85 12.17 -60.38
C ASP B 68 -8.54 11.02 -59.65
N LEU B 69 -8.19 10.81 -58.38
CA LEU B 69 -8.74 9.79 -57.48
C LEU B 69 -8.31 8.38 -57.83
N HIS B 70 -7.46 8.20 -58.83
CA HIS B 70 -6.87 6.90 -59.12
C HIS B 70 -5.74 6.60 -58.14
N SER B 71 -5.47 5.31 -57.95
CA SER B 71 -4.51 4.87 -56.94
C SER B 71 -3.46 3.96 -57.56
N GLU B 72 -2.27 3.96 -56.97
CA GLU B 72 -1.15 3.17 -57.44
C GLU B 72 -0.57 2.41 -56.25
N LEU B 73 0.01 1.24 -56.52
CA LEU B 73 0.63 0.42 -55.49
C LEU B 73 1.90 -0.21 -56.04
N ASN B 74 3.04 0.14 -55.46
CA ASN B 74 4.34 -0.38 -55.87
C ASN B 74 4.80 -1.44 -54.87
N LEU B 75 4.98 -2.67 -55.34
CA LEU B 75 5.56 -3.73 -54.54
C LEU B 75 7.01 -3.95 -55.02
N SER B 76 7.96 -3.68 -54.14
CA SER B 76 9.38 -3.70 -54.47
C SER B 76 10.10 -4.80 -53.69
N SER B 77 11.23 -5.23 -54.22
CA SER B 77 12.06 -6.30 -53.65
C SER B 77 11.20 -7.51 -53.30
N LEU B 78 10.59 -8.07 -54.34
CA LEU B 78 9.56 -9.09 -54.15
C LEU B 78 10.12 -10.36 -53.54
N GLU B 79 9.32 -10.97 -52.68
CA GLU B 79 9.64 -12.24 -52.03
C GLU B 79 8.58 -13.27 -52.39
N LEU B 80 8.87 -14.53 -52.07
CA LEU B 80 7.93 -15.61 -52.35
C LEU B 80 6.60 -15.37 -51.64
N GLY B 81 6.65 -14.84 -50.41
CA GLY B 81 5.46 -14.59 -49.63
C GLY B 81 4.55 -13.51 -50.18
N ASP B 82 5.07 -12.65 -51.05
CA ASP B 82 4.23 -11.63 -51.66
C ASP B 82 3.24 -12.20 -52.66
N SER B 83 3.34 -13.48 -52.98
CA SER B 83 2.38 -14.13 -53.87
C SER B 83 1.01 -14.14 -53.20
N ALA B 84 0.07 -13.39 -53.75
CA ALA B 84 -1.25 -13.23 -53.13
C ALA B 84 -2.17 -12.58 -54.15
N LEU B 85 -3.43 -12.42 -53.75
CA LEU B 85 -4.41 -11.64 -54.50
C LEU B 85 -4.48 -10.24 -53.93
N TYR B 86 -4.32 -9.24 -54.78
CA TYR B 86 -4.32 -7.84 -54.38
C TYR B 86 -5.59 -7.18 -54.90
N PHE B 87 -6.47 -6.81 -53.99
CA PHE B 87 -7.76 -6.22 -54.33
C PHE B 87 -7.71 -4.71 -54.12
N CYS B 88 -8.53 -4.00 -54.88
CA CYS B 88 -8.76 -2.58 -54.71
C CYS B 88 -10.24 -2.35 -54.46
N ALA B 89 -10.55 -1.51 -53.47
CA ALA B 89 -11.92 -1.19 -53.13
C ALA B 89 -12.10 0.32 -53.11
N SER B 90 -13.34 0.75 -53.30
CA SER B 90 -13.67 2.17 -53.28
C SER B 90 -15.00 2.38 -52.59
N SER B 91 -15.14 3.56 -51.98
CA SER B 91 -16.38 3.97 -51.36
C SER B 91 -16.62 5.44 -51.70
N VAL B 92 -17.89 5.86 -51.56
CA VAL B 92 -18.24 7.24 -51.86
C VAL B 92 -17.41 8.19 -51.02
N ALA B 93 -17.21 7.87 -49.74
CA ALA B 93 -16.39 8.66 -48.84
C ALA B 93 -15.98 7.80 -47.66
N THR B 94 -15.95 8.38 -46.46
CA THR B 94 -15.55 7.68 -45.25
C THR B 94 -16.74 7.37 -44.34
N TYR B 95 -17.90 7.11 -44.93
CA TYR B 95 -19.11 6.87 -44.15
C TYR B 95 -19.08 5.47 -43.52
N SER B 96 -19.30 5.44 -42.21
CA SER B 96 -19.37 4.16 -41.49
C SER B 96 -20.66 3.41 -41.75
N THR B 97 -21.65 4.04 -42.37
CA THR B 97 -22.92 3.41 -42.67
C THR B 97 -23.03 2.95 -44.11
N ASP B 98 -21.97 3.06 -44.90
CA ASP B 98 -21.95 2.71 -46.30
C ASP B 98 -20.99 1.54 -46.53
N THR B 99 -21.11 0.91 -47.69
CA THR B 99 -20.30 -0.25 -48.03
C THR B 99 -19.19 0.10 -49.01
N GLN B 100 -18.27 -0.85 -49.19
CA GLN B 100 -17.21 -0.76 -50.18
C GLN B 100 -17.57 -1.60 -51.40
N TYR B 101 -16.96 -1.25 -52.53
CA TYR B 101 -17.15 -1.96 -53.79
C TYR B 101 -15.79 -2.42 -54.29
N PHE B 102 -15.59 -3.73 -54.35
CA PHE B 102 -14.30 -4.32 -54.66
C PHE B 102 -14.14 -4.53 -56.17
N GLY B 103 -12.89 -4.57 -56.60
CA GLY B 103 -12.57 -4.79 -57.99
C GLY B 103 -12.27 -6.26 -58.27
N PRO B 104 -11.91 -6.55 -59.52
CA PRO B 104 -11.66 -7.96 -59.88
C PRO B 104 -10.46 -8.57 -59.20
N GLY B 105 -9.42 -7.79 -58.92
CA GLY B 105 -8.26 -8.32 -58.21
C GLY B 105 -7.09 -8.65 -59.12
N THR B 106 -5.88 -8.37 -58.65
CA THR B 106 -4.66 -8.69 -59.39
C THR B 106 -3.96 -9.85 -58.70
N ARG B 107 -3.67 -10.90 -59.47
CA ARG B 107 -3.02 -12.10 -58.96
C ARG B 107 -1.52 -12.02 -59.21
N LEU B 108 -0.73 -12.05 -58.14
CA LEU B 108 0.71 -11.98 -58.24
C LEU B 108 1.33 -13.30 -57.79
N THR B 109 2.20 -13.86 -58.64
CA THR B 109 2.95 -15.06 -58.33
C THR B 109 4.44 -14.72 -58.42
N VAL B 110 5.16 -14.95 -57.33
CA VAL B 110 6.59 -14.68 -57.26
C VAL B 110 7.32 -16.00 -57.14
N LEU B 111 8.18 -16.30 -58.12
CA LEU B 111 8.96 -17.52 -58.14
C LEU B 111 10.42 -17.22 -57.80
N GLU B 112 11.16 -18.27 -57.44
CA GLU B 112 12.59 -18.11 -57.21
C GLU B 112 13.31 -17.86 -58.53
N ASP B 113 12.99 -18.66 -59.54
CA ASP B 113 13.50 -18.46 -60.89
C ASP B 113 12.39 -18.78 -61.89
N LEU B 114 12.49 -18.19 -63.06
CA LEU B 114 11.52 -18.39 -64.12
C LEU B 114 11.86 -19.59 -65.00
N LYS B 115 12.74 -20.48 -64.51
CA LYS B 115 13.17 -21.63 -65.31
C LYS B 115 12.08 -22.68 -65.39
N ASN B 116 11.28 -22.84 -64.33
CA ASN B 116 10.27 -23.89 -64.28
C ASN B 116 8.95 -23.47 -64.91
N VAL B 117 8.87 -22.29 -65.53
CA VAL B 117 7.66 -21.86 -66.18
C VAL B 117 7.46 -22.65 -67.47
N PHE B 118 6.30 -23.28 -67.61
CA PHE B 118 5.96 -24.07 -68.80
C PHE B 118 4.54 -23.78 -69.24
N PRO B 119 4.30 -23.65 -70.53
CA PRO B 119 2.93 -23.49 -71.04
C PRO B 119 2.23 -24.84 -71.08
N PRO B 120 0.90 -24.86 -71.14
CA PRO B 120 0.17 -26.12 -71.14
C PRO B 120 0.03 -26.72 -72.54
N GLU B 121 -0.23 -28.02 -72.56
CA GLU B 121 -0.62 -28.74 -73.76
C GLU B 121 -2.06 -29.18 -73.58
N VAL B 122 -2.92 -28.86 -74.55
CA VAL B 122 -4.35 -29.12 -74.41
C VAL B 122 -4.80 -30.01 -75.56
N ALA B 123 -5.84 -30.81 -75.27
CA ALA B 123 -6.39 -31.74 -76.25
C ALA B 123 -7.82 -32.08 -75.84
N VAL B 124 -8.76 -31.89 -76.76
CA VAL B 124 -10.16 -32.23 -76.50
C VAL B 124 -10.36 -33.72 -76.80
N PHE B 125 -11.36 -34.30 -76.15
CA PHE B 125 -11.70 -35.72 -76.31
C PHE B 125 -13.17 -35.82 -76.71
N GLU B 126 -13.41 -36.39 -77.89
CA GLU B 126 -14.77 -36.42 -78.43
C GLU B 126 -15.62 -37.45 -77.69
N PRO B 127 -16.95 -37.27 -77.69
CA PRO B 127 -17.81 -38.09 -76.85
C PRO B 127 -17.85 -39.56 -77.28
N SER B 128 -18.24 -40.40 -76.32
CA SER B 128 -18.40 -41.83 -76.56
C SER B 128 -19.78 -42.12 -77.15
N GLU B 129 -19.82 -43.07 -78.09
CA GLU B 129 -21.09 -43.45 -78.70
C GLU B 129 -22.01 -44.17 -77.72
N ALA B 130 -21.46 -44.78 -76.66
CA ALA B 130 -22.29 -45.40 -75.64
C ALA B 130 -23.13 -44.36 -74.91
N GLU B 131 -22.53 -43.21 -74.58
CA GLU B 131 -23.28 -42.14 -73.93
C GLU B 131 -24.30 -41.54 -74.87
N ILE B 132 -23.96 -41.41 -76.16
CA ILE B 132 -24.91 -40.87 -77.13
C ILE B 132 -26.14 -41.75 -77.21
N SER B 133 -25.95 -43.07 -77.10
CA SER B 133 -27.07 -44.00 -77.17
C SER B 133 -27.81 -44.14 -75.84
N HIS B 134 -27.18 -43.78 -74.72
CA HIS B 134 -27.77 -44.02 -73.41
C HIS B 134 -28.36 -42.77 -72.77
N THR B 135 -27.94 -41.57 -73.18
CA THR B 135 -28.43 -40.34 -72.57
C THR B 135 -28.88 -39.28 -73.57
N GLN B 136 -28.68 -39.49 -74.87
CA GLN B 136 -29.07 -38.54 -75.91
C GLN B 136 -28.39 -37.17 -75.72
N LYS B 137 -27.22 -37.16 -75.09
CA LYS B 137 -26.43 -35.96 -74.95
C LYS B 137 -24.95 -36.32 -75.04
N ALA B 138 -24.14 -35.36 -75.47
CA ALA B 138 -22.72 -35.58 -75.73
C ALA B 138 -21.88 -34.67 -74.86
N THR B 139 -20.88 -35.26 -74.20
CA THR B 139 -19.96 -34.53 -73.32
C THR B 139 -18.58 -34.49 -73.94
N LEU B 140 -18.02 -33.28 -74.04
CA LEU B 140 -16.65 -33.07 -74.50
C LEU B 140 -15.75 -32.75 -73.31
N VAL B 141 -14.61 -33.43 -73.23
CA VAL B 141 -13.65 -33.25 -72.15
C VAL B 141 -12.41 -32.56 -72.71
N CYS B 142 -11.89 -31.58 -71.96
CA CYS B 142 -10.72 -30.82 -72.37
C CYS B 142 -9.68 -30.90 -71.25
N LEU B 143 -8.54 -31.51 -71.55
CA LEU B 143 -7.48 -31.71 -70.58
C LEU B 143 -6.33 -30.75 -70.87
N ALA B 144 -5.94 -29.96 -69.87
CA ALA B 144 -4.77 -29.10 -69.94
C ALA B 144 -3.71 -29.64 -68.98
N THR B 145 -2.52 -29.92 -69.51
CA THR B 145 -1.48 -30.60 -68.75
C THR B 145 -0.13 -29.92 -68.93
N GLY B 146 0.71 -30.06 -67.92
CA GLY B 146 2.10 -29.64 -68.02
C GLY B 146 2.34 -28.16 -68.01
N PHE B 147 1.63 -27.41 -67.16
CA PHE B 147 1.83 -25.98 -67.06
C PHE B 147 2.19 -25.59 -65.63
N TYR B 148 2.93 -24.49 -65.51
CA TYR B 148 3.37 -23.95 -64.23
C TYR B 148 3.73 -22.49 -64.42
N PRO B 149 3.23 -21.57 -63.58
CA PRO B 149 2.27 -21.76 -62.47
C PRO B 149 0.83 -21.91 -62.93
N ASP B 150 -0.11 -21.74 -62.00
CA ASP B 150 -1.53 -21.98 -62.25
C ASP B 150 -2.27 -20.69 -62.63
N HIS B 151 -1.77 -19.99 -63.63
CA HIS B 151 -2.42 -18.79 -64.16
C HIS B 151 -3.05 -19.12 -65.51
N VAL B 152 -4.08 -19.96 -65.47
CA VAL B 152 -4.75 -20.44 -66.67
C VAL B 152 -6.22 -20.07 -66.61
N GLU B 153 -6.76 -19.66 -67.76
CA GLU B 153 -8.18 -19.36 -67.93
C GLU B 153 -8.71 -20.22 -69.06
N LEU B 154 -9.52 -21.22 -68.73
CA LEU B 154 -10.08 -22.12 -69.72
C LEU B 154 -11.46 -21.62 -70.16
N SER B 155 -11.75 -21.78 -71.44
CA SER B 155 -13.03 -21.37 -71.99
C SER B 155 -13.35 -22.20 -73.23
N TRP B 156 -14.64 -22.46 -73.45
CA TRP B 156 -15.12 -23.16 -74.62
C TRP B 156 -15.65 -22.16 -75.64
N TRP B 157 -15.43 -22.46 -76.92
CA TRP B 157 -15.84 -21.59 -78.01
C TRP B 157 -16.52 -22.45 -79.08
N VAL B 158 -17.81 -22.25 -79.28
CA VAL B 158 -18.56 -22.93 -80.33
C VAL B 158 -18.82 -21.95 -81.46
N ASN B 159 -18.38 -22.31 -82.67
CA ASN B 159 -18.57 -21.50 -83.87
C ASN B 159 -18.09 -20.07 -83.66
N GLY B 160 -16.89 -19.95 -83.09
CA GLY B 160 -16.28 -18.65 -82.89
C GLY B 160 -16.95 -17.77 -81.86
N LYS B 161 -17.81 -18.33 -81.02
CA LYS B 161 -18.49 -17.57 -79.97
C LYS B 161 -18.40 -18.34 -78.67
N GLU B 162 -18.00 -17.65 -77.60
CA GLU B 162 -17.84 -18.29 -76.30
C GLU B 162 -19.21 -18.72 -75.75
N VAL B 163 -19.22 -19.90 -75.11
CA VAL B 163 -20.44 -20.47 -74.55
C VAL B 163 -20.23 -20.68 -73.05
N HIS B 164 -21.28 -20.46 -72.27
CA HIS B 164 -21.22 -20.62 -70.83
C HIS B 164 -22.19 -21.64 -70.25
N SER B 165 -23.21 -22.05 -71.01
CA SER B 165 -24.19 -23.01 -70.52
C SER B 165 -23.70 -24.43 -70.73
N GLY B 166 -23.99 -25.29 -69.75
CA GLY B 166 -23.58 -26.68 -69.84
C GLY B 166 -22.09 -26.93 -69.69
N VAL B 167 -21.35 -25.94 -69.23
CA VAL B 167 -19.89 -26.02 -69.11
C VAL B 167 -19.52 -26.22 -67.66
N CYS B 168 -18.59 -27.13 -67.39
CA CYS B 168 -18.00 -27.30 -66.09
C CYS B 168 -16.47 -27.19 -66.20
N THR B 169 -15.87 -26.50 -65.24
CA THR B 169 -14.42 -26.41 -65.12
C THR B 169 -14.02 -26.70 -63.69
N ASP B 170 -12.90 -27.39 -63.53
CA ASP B 170 -12.40 -27.69 -62.20
C ASP B 170 -12.11 -26.39 -61.44
N PRO B 171 -12.40 -26.33 -60.14
CA PRO B 171 -12.16 -25.07 -59.41
C PRO B 171 -10.69 -24.74 -59.27
N GLN B 172 -9.86 -25.72 -58.93
CA GLN B 172 -8.43 -25.48 -58.76
C GLN B 172 -7.63 -26.42 -59.65
N PRO B 173 -6.49 -25.96 -60.16
CA PRO B 173 -5.63 -26.85 -60.96
C PRO B 173 -4.99 -27.92 -60.10
N LEU B 174 -4.89 -29.12 -60.67
CA LEU B 174 -4.37 -30.28 -59.94
C LEU B 174 -2.87 -30.39 -60.19
N LYS B 175 -2.11 -30.61 -59.13
CA LYS B 175 -0.69 -30.91 -59.26
C LYS B 175 -0.51 -32.35 -59.72
N GLU B 176 0.37 -32.56 -60.70
CA GLU B 176 0.64 -33.89 -61.22
C GLU B 176 1.26 -34.78 -60.15
N GLN B 177 2.47 -34.44 -59.70
CA GLN B 177 3.12 -35.19 -58.64
C GLN B 177 3.12 -34.36 -57.37
N PRO B 178 2.22 -34.61 -56.41
CA PRO B 178 2.21 -33.81 -55.18
C PRO B 178 3.41 -34.12 -54.31
N ALA B 179 4.52 -33.42 -54.54
CA ALA B 179 5.77 -33.68 -53.84
C ALA B 179 6.54 -32.38 -53.71
N LEU B 180 7.74 -32.46 -53.12
CA LEU B 180 8.54 -31.28 -52.83
C LEU B 180 8.92 -30.52 -54.10
N ASN B 181 9.41 -31.24 -55.11
CA ASN B 181 9.77 -30.62 -56.38
C ASN B 181 8.56 -29.93 -57.02
N ASP B 182 8.75 -28.68 -57.43
CA ASP B 182 7.63 -27.92 -57.97
C ASP B 182 7.13 -28.61 -59.24
N SER B 183 6.06 -29.39 -59.09
CA SER B 183 5.49 -30.14 -60.19
C SER B 183 4.54 -29.26 -61.00
N ARG B 184 4.30 -29.69 -62.24
CA ARG B 184 3.39 -28.94 -63.11
C ARG B 184 1.95 -29.27 -62.76
N TYR B 185 1.03 -28.48 -63.34
CA TYR B 185 -0.38 -28.54 -62.99
C TYR B 185 -1.19 -29.18 -64.12
N ALA B 186 -2.39 -29.63 -63.76
CA ALA B 186 -3.35 -30.18 -64.71
C ALA B 186 -4.71 -29.53 -64.47
N LEU B 187 -5.57 -29.62 -65.49
CA LEU B 187 -6.90 -29.03 -65.41
C LEU B 187 -7.81 -29.68 -66.45
N SER B 188 -8.95 -30.19 -66.00
CA SER B 188 -9.95 -30.78 -66.88
C SER B 188 -11.20 -29.92 -66.93
N SER B 189 -11.96 -30.07 -68.00
CA SER B 189 -13.19 -29.31 -68.20
C SER B 189 -14.14 -30.10 -69.08
N ARG B 190 -15.44 -29.91 -68.87
CA ARG B 190 -16.47 -30.63 -69.61
C ARG B 190 -17.42 -29.65 -70.28
N LEU B 191 -17.88 -30.02 -71.48
CA LEU B 191 -18.91 -29.29 -72.20
C LEU B 191 -19.93 -30.29 -72.73
N ARG B 192 -21.18 -30.12 -72.33
CA ARG B 192 -22.26 -31.02 -72.70
C ARG B 192 -23.22 -30.32 -73.65
N VAL B 193 -23.53 -30.97 -74.77
CA VAL B 193 -24.44 -30.44 -75.78
C VAL B 193 -25.43 -31.52 -76.16
N SER B 194 -26.41 -31.14 -76.97
CA SER B 194 -27.39 -32.09 -77.49
C SER B 194 -26.72 -33.09 -78.41
N ALA B 195 -27.17 -34.35 -78.35
CA ALA B 195 -26.64 -35.38 -79.23
C ALA B 195 -26.87 -35.04 -80.70
N THR B 196 -27.98 -34.35 -81.01
CA THR B 196 -28.23 -33.93 -82.38
C THR B 196 -27.22 -32.88 -82.81
N PHE B 197 -26.85 -31.97 -81.91
CA PHE B 197 -25.86 -30.95 -82.24
C PHE B 197 -24.49 -31.55 -82.47
N TRP B 198 -24.13 -32.62 -81.75
CA TRP B 198 -22.85 -33.28 -81.98
C TRP B 198 -22.84 -34.04 -83.30
N GLN B 199 -23.98 -34.55 -83.74
CA GLN B 199 -24.02 -35.32 -84.98
C GLN B 199 -23.81 -34.43 -86.19
N ASN B 200 -24.31 -33.20 -86.15
CA ASN B 200 -24.18 -32.27 -87.25
C ASN B 200 -22.70 -31.92 -87.46
N PRO B 201 -22.12 -32.17 -88.63
CA PRO B 201 -20.69 -31.95 -88.82
C PRO B 201 -20.27 -30.55 -89.24
N ARG B 202 -21.20 -29.59 -89.29
CA ARG B 202 -20.86 -28.22 -89.67
C ARG B 202 -20.57 -27.33 -88.48
N ASN B 203 -20.78 -27.82 -87.25
CA ASN B 203 -20.51 -27.06 -86.05
C ASN B 203 -19.12 -27.39 -85.51
N HIS B 204 -18.45 -26.36 -84.98
CA HIS B 204 -17.06 -26.44 -84.56
C HIS B 204 -16.95 -26.23 -83.06
N PHE B 205 -16.19 -27.09 -82.39
CA PHE B 205 -15.94 -27.00 -80.96
C PHE B 205 -14.49 -26.65 -80.73
N ARG B 206 -14.24 -25.73 -79.79
CA ARG B 206 -12.90 -25.24 -79.51
C ARG B 206 -12.73 -25.01 -78.01
N CYS B 207 -11.76 -25.69 -77.41
CA CYS B 207 -11.41 -25.46 -76.01
C CYS B 207 -10.18 -24.57 -75.97
N GLN B 208 -10.33 -23.36 -75.42
CA GLN B 208 -9.27 -22.39 -75.36
C GLN B 208 -8.77 -22.26 -73.93
N VAL B 209 -7.45 -22.29 -73.76
CA VAL B 209 -6.80 -22.11 -72.47
C VAL B 209 -5.89 -20.90 -72.58
N GLN B 210 -6.23 -19.84 -71.86
CA GLN B 210 -5.41 -18.63 -71.80
C GLN B 210 -4.35 -18.82 -70.71
N PHE B 211 -3.10 -18.95 -71.11
CA PHE B 211 -1.99 -19.15 -70.18
C PHE B 211 -1.22 -17.85 -70.00
N TYR B 212 -0.98 -17.49 -68.73
CA TYR B 212 -0.18 -16.32 -68.38
C TYR B 212 1.18 -16.79 -67.89
N GLY B 213 2.23 -16.33 -68.57
CA GLY B 213 3.58 -16.72 -68.18
C GLY B 213 4.54 -15.54 -68.19
N LEU B 214 5.62 -15.66 -68.94
CA LEU B 214 6.63 -14.60 -69.02
C LEU B 214 6.25 -13.60 -70.09
N SER B 215 6.66 -12.36 -69.89
CA SER B 215 6.51 -11.36 -70.93
C SER B 215 7.76 -11.30 -71.79
N GLU B 216 7.63 -10.70 -72.97
CA GLU B 216 8.77 -10.58 -73.86
C GLU B 216 9.86 -9.69 -73.26
N ASN B 217 9.47 -8.78 -72.37
CA ASN B 217 10.44 -7.90 -71.72
C ASN B 217 11.45 -8.69 -70.88
N ASP B 218 11.01 -9.78 -70.27
CA ASP B 218 11.91 -10.56 -69.42
C ASP B 218 12.96 -11.24 -70.29
N GLU B 219 14.11 -11.50 -69.69
CA GLU B 219 15.19 -12.19 -70.41
C GLU B 219 14.98 -13.69 -70.34
N TRP B 220 15.59 -14.39 -71.28
CA TRP B 220 15.46 -15.84 -71.37
C TRP B 220 16.74 -16.40 -71.95
N THR B 221 17.45 -17.22 -71.16
CA THR B 221 18.73 -17.79 -71.58
C THR B 221 18.67 -19.30 -71.75
N GLN B 222 17.52 -19.92 -71.50
CA GLN B 222 17.40 -21.36 -71.60
C GLN B 222 17.30 -21.78 -73.06
N ASP B 223 17.59 -23.06 -73.31
CA ASP B 223 17.61 -23.56 -74.68
C ASP B 223 16.20 -23.73 -75.23
N ARG B 224 15.23 -24.08 -74.39
CA ARG B 224 13.88 -24.28 -74.89
C ARG B 224 13.22 -22.94 -75.19
N ALA B 225 12.06 -23.01 -75.84
CA ALA B 225 11.35 -21.80 -76.22
C ALA B 225 10.84 -21.05 -74.98
N LYS B 226 10.67 -19.75 -75.13
CA LYS B 226 10.18 -18.92 -74.03
C LYS B 226 8.74 -19.26 -73.70
N PRO B 227 8.39 -19.49 -72.44
CA PRO B 227 6.99 -19.72 -72.05
C PRO B 227 6.23 -18.40 -71.88
N VAL B 228 5.99 -17.73 -73.02
CA VAL B 228 5.35 -16.43 -73.00
C VAL B 228 3.85 -16.58 -72.76
N THR B 229 3.23 -15.49 -72.29
CA THR B 229 1.78 -15.46 -72.13
C THR B 229 1.11 -15.72 -73.46
N GLN B 230 0.49 -16.88 -73.62
CA GLN B 230 0.01 -17.34 -74.90
C GLN B 230 -1.34 -18.02 -74.72
N ILE B 231 -1.90 -18.50 -75.83
CA ILE B 231 -3.20 -19.18 -75.85
C ILE B 231 -3.00 -20.52 -76.55
N VAL B 232 -3.38 -21.60 -75.87
CA VAL B 232 -3.30 -22.95 -76.40
C VAL B 232 -4.73 -23.47 -76.59
N SER B 233 -5.00 -24.01 -77.78
CA SER B 233 -6.35 -24.39 -78.16
C SER B 233 -6.36 -25.81 -78.71
N ALA B 234 -7.57 -26.38 -78.77
CA ALA B 234 -7.79 -27.69 -79.35
C ALA B 234 -9.22 -27.76 -79.86
N GLU B 235 -9.40 -28.39 -81.01
CA GLU B 235 -10.68 -28.34 -81.72
C GLU B 235 -11.19 -29.75 -81.99
N ALA B 236 -12.46 -29.82 -82.38
CA ALA B 236 -13.13 -31.07 -82.73
C ALA B 236 -14.32 -30.74 -83.61
N TRP B 237 -14.74 -31.74 -84.39
CA TRP B 237 -15.84 -31.56 -85.34
C TRP B 237 -16.87 -32.67 -85.15
N GLY B 238 -18.05 -32.42 -85.72
CA GLY B 238 -19.17 -33.34 -85.58
C GLY B 238 -18.99 -34.64 -86.34
N GLY C 1 -40.54 12.12 -14.12
CA GLY C 1 -41.12 11.05 -14.94
C GLY C 1 -40.34 10.82 -16.21
N SER C 2 -40.21 11.87 -17.02
CA SER C 2 -39.46 11.79 -18.26
C SER C 2 -37.97 11.96 -17.99
N HIS C 3 -37.15 11.20 -18.72
CA HIS C 3 -35.70 11.27 -18.60
C HIS C 3 -35.09 11.33 -19.98
N SER C 4 -33.86 11.84 -20.04
CA SER C 4 -33.21 12.08 -21.32
C SER C 4 -31.70 11.95 -21.16
N MET C 5 -31.04 11.56 -22.24
CA MET C 5 -29.59 11.57 -22.34
C MET C 5 -29.20 12.41 -23.54
N ARG C 6 -28.25 13.32 -23.35
CA ARG C 6 -27.85 14.26 -24.38
C ARG C 6 -26.33 14.33 -24.50
N TYR C 7 -25.84 14.52 -25.71
CA TYR C 7 -24.43 14.73 -25.98
C TYR C 7 -24.28 15.99 -26.82
N PHE C 8 -23.50 16.95 -26.32
CA PHE C 8 -23.26 18.22 -26.99
C PHE C 8 -21.85 18.26 -27.54
N HIS C 9 -21.69 18.91 -28.69
CA HIS C 9 -20.38 19.05 -29.32
C HIS C 9 -20.22 20.48 -29.85
N THR C 10 -19.02 21.04 -29.68
CA THR C 10 -18.71 22.37 -30.18
C THR C 10 -17.30 22.38 -30.74
N SER C 11 -17.16 22.86 -31.97
CA SER C 11 -15.87 23.00 -32.62
C SER C 11 -15.73 24.41 -33.16
N VAL C 12 -14.67 25.11 -32.73
CA VAL C 12 -14.38 26.46 -33.19
C VAL C 12 -12.97 26.44 -33.77
N SER C 13 -12.84 26.83 -35.04
CA SER C 13 -11.55 26.84 -35.70
C SER C 13 -10.74 28.06 -35.28
N ARG C 14 -9.42 27.87 -35.15
CA ARG C 14 -8.49 28.93 -34.80
C ARG C 14 -7.43 29.02 -35.89
N PRO C 15 -7.71 29.74 -36.98
CA PRO C 15 -6.72 29.87 -38.07
C PRO C 15 -5.49 30.64 -37.60
N GLY C 16 -4.33 29.97 -37.65
CA GLY C 16 -3.09 30.57 -37.21
C GLY C 16 -2.74 30.30 -35.76
N ARG C 17 -3.71 29.98 -34.91
CA ARG C 17 -3.49 29.71 -33.51
C ARG C 17 -3.38 28.22 -33.21
N GLY C 18 -3.46 27.37 -34.24
CA GLY C 18 -3.33 25.93 -34.07
C GLY C 18 -4.55 25.19 -34.59
N GLU C 19 -4.76 24.00 -34.05
CA GLU C 19 -5.85 23.14 -34.45
C GLU C 19 -7.17 23.65 -33.90
N PRO C 20 -8.30 23.31 -34.54
CA PRO C 20 -9.59 23.73 -33.99
C PRO C 20 -9.84 23.10 -32.63
N ARG C 21 -10.44 23.87 -31.74
CA ARG C 21 -10.75 23.38 -30.41
C ARG C 21 -12.07 22.60 -30.42
N PHE C 22 -12.08 21.44 -29.77
CA PHE C 22 -13.25 20.57 -29.72
C PHE C 22 -13.57 20.25 -28.27
N ILE C 23 -14.78 20.57 -27.84
CA ILE C 23 -15.25 20.29 -26.49
C ILE C 23 -16.61 19.61 -26.59
N THR C 24 -16.76 18.47 -25.91
CA THR C 24 -18.02 17.75 -25.88
C THR C 24 -18.36 17.37 -24.44
N VAL C 25 -19.66 17.36 -24.14
CA VAL C 25 -20.15 17.05 -22.80
C VAL C 25 -21.37 16.13 -22.92
N GLY C 26 -21.61 15.38 -21.86
CA GLY C 26 -22.77 14.50 -21.80
C GLY C 26 -23.61 14.75 -20.57
N TYR C 27 -24.92 14.74 -20.75
CA TYR C 27 -25.87 14.98 -19.68
C TYR C 27 -26.87 13.84 -19.59
N VAL C 28 -27.13 13.41 -18.36
CA VAL C 28 -28.30 12.59 -18.04
C VAL C 28 -29.25 13.50 -17.28
N ASP C 29 -30.34 13.92 -17.93
CA ASP C 29 -31.26 14.93 -17.43
C ASP C 29 -30.47 16.23 -17.28
N ASP C 30 -30.38 16.82 -16.09
CA ASP C 30 -29.61 18.03 -15.89
C ASP C 30 -28.32 17.77 -15.11
N THR C 31 -27.75 16.59 -15.28
CA THR C 31 -26.54 16.19 -14.55
C THR C 31 -25.44 15.86 -15.55
N LEU C 32 -24.33 16.59 -15.47
CA LEU C 32 -23.17 16.30 -16.30
C LEU C 32 -22.45 15.06 -15.78
N PHE C 33 -22.03 14.19 -16.70
CA PHE C 33 -21.33 12.97 -16.30
C PHE C 33 -20.11 12.62 -17.13
N VAL C 34 -19.93 13.19 -18.33
CA VAL C 34 -18.74 12.96 -19.14
C VAL C 34 -18.35 14.25 -19.82
N ARG C 35 -17.06 14.35 -20.16
CA ARG C 35 -16.55 15.52 -20.87
C ARG C 35 -15.27 15.15 -21.60
N PHE C 36 -14.92 15.96 -22.58
CA PHE C 36 -13.70 15.76 -23.37
C PHE C 36 -13.30 17.10 -23.98
N ASP C 37 -12.09 17.55 -23.68
CA ASP C 37 -11.56 18.81 -24.18
C ASP C 37 -10.34 18.53 -25.04
N SER C 38 -10.33 19.07 -26.26
CA SER C 38 -9.22 18.84 -27.18
C SER C 38 -7.94 19.54 -26.75
N ASP C 39 -8.03 20.59 -25.94
CA ASP C 39 -6.86 21.38 -25.54
C ASP C 39 -6.31 20.93 -24.19
N ALA C 40 -6.18 19.62 -23.99
CA ALA C 40 -5.59 19.07 -22.78
C ALA C 40 -4.40 18.20 -23.17
N ALA C 41 -3.53 17.95 -22.19
CA ALA C 41 -2.39 17.06 -22.42
C ALA C 41 -2.89 15.62 -22.46
N SER C 42 -2.70 14.96 -23.61
CA SER C 42 -3.26 13.65 -23.88
C SER C 42 -4.76 13.67 -23.59
N PRO C 43 -5.55 14.27 -24.48
CA PRO C 43 -6.99 14.42 -24.20
C PRO C 43 -7.69 13.07 -24.13
N ARG C 44 -8.47 12.88 -23.08
CA ARG C 44 -9.20 11.65 -22.85
C ARG C 44 -10.55 11.96 -22.24
N GLU C 45 -11.54 11.10 -22.53
CA GLU C 45 -12.87 11.25 -21.96
C GLU C 45 -12.82 11.05 -20.45
N GLU C 46 -13.19 12.08 -19.70
CA GLU C 46 -13.13 12.03 -18.25
C GLU C 46 -14.52 11.94 -17.64
N PRO C 47 -14.67 11.27 -16.50
CA PRO C 47 -15.97 11.22 -15.84
C PRO C 47 -16.26 12.48 -15.07
N ARG C 48 -17.55 12.73 -14.83
CA ARG C 48 -17.99 13.87 -14.04
C ARG C 48 -19.11 13.54 -13.06
N ALA C 49 -19.54 12.28 -12.97
CA ALA C 49 -20.54 11.84 -12.02
C ALA C 49 -20.04 10.58 -11.31
N PRO C 50 -20.46 10.37 -10.05
CA PRO C 50 -19.98 9.18 -9.34
C PRO C 50 -20.47 7.87 -9.94
N TRP C 51 -21.68 7.85 -10.51
CA TRP C 51 -22.27 6.61 -10.99
C TRP C 51 -21.74 6.18 -12.35
N ILE C 52 -20.89 6.98 -12.99
CA ILE C 52 -20.30 6.60 -14.28
C ILE C 52 -18.90 6.02 -14.12
N GLU C 53 -18.27 6.22 -12.96
CA GLU C 53 -16.92 5.71 -12.74
C GLU C 53 -16.88 4.20 -12.62
N GLN C 54 -18.04 3.53 -12.57
CA GLN C 54 -18.10 2.09 -12.42
C GLN C 54 -17.80 1.35 -13.72
N GLU C 55 -17.69 2.07 -14.83
CA GLU C 55 -17.47 1.45 -16.12
C GLU C 55 -16.02 1.01 -16.28
N GLY C 56 -15.81 -0.07 -17.04
CA GLY C 56 -14.50 -0.62 -17.24
C GLY C 56 -13.64 0.23 -18.13
N PRO C 57 -12.34 -0.07 -18.19
CA PRO C 57 -11.43 0.71 -19.05
C PRO C 57 -11.77 0.63 -20.52
N GLU C 58 -12.37 -0.48 -20.97
CA GLU C 58 -12.77 -0.60 -22.38
C GLU C 58 -13.84 0.43 -22.72
N TYR C 59 -14.72 0.74 -21.77
CA TYR C 59 -15.72 1.79 -21.99
C TYR C 59 -15.04 3.14 -22.23
N TRP C 60 -14.08 3.49 -21.38
CA TRP C 60 -13.42 4.79 -21.51
C TRP C 60 -12.60 4.86 -22.78
N ASP C 61 -11.96 3.76 -23.18
CA ASP C 61 -11.19 3.75 -24.41
C ASP C 61 -12.10 3.99 -25.62
N ARG C 62 -13.29 3.41 -25.59
CA ARG C 62 -14.25 3.60 -26.68
C ARG C 62 -14.72 5.06 -26.74
N GLU C 63 -15.11 5.62 -25.60
CA GLU C 63 -15.63 6.98 -25.57
C GLU C 63 -14.55 7.98 -25.95
N THR C 64 -13.30 7.74 -25.54
CA THR C 64 -12.20 8.60 -25.95
C THR C 64 -11.97 8.47 -27.45
N GLN C 65 -12.00 7.25 -27.97
CA GLN C 65 -11.79 7.03 -29.39
C GLN C 65 -12.96 7.51 -30.23
N ILE C 66 -14.12 7.71 -29.61
CA ILE C 66 -15.26 8.29 -30.34
C ILE C 66 -15.16 9.81 -30.36
N SER C 67 -14.77 10.42 -29.23
CA SER C 67 -14.65 11.86 -29.17
C SER C 67 -13.48 12.36 -30.01
N LYS C 68 -12.42 11.57 -30.14
CA LYS C 68 -11.30 11.97 -30.97
C LYS C 68 -11.60 11.80 -32.44
N ALA C 69 -12.47 10.86 -32.80
CA ALA C 69 -12.91 10.71 -34.18
C ALA C 69 -13.90 11.80 -34.56
N LYS C 70 -14.74 12.24 -33.61
CA LYS C 70 -15.66 13.34 -33.89
C LYS C 70 -14.90 14.65 -34.09
N ALA C 71 -13.79 14.84 -33.36
CA ALA C 71 -12.97 16.03 -33.55
C ALA C 71 -12.29 16.02 -34.92
N GLN C 72 -11.89 14.84 -35.40
CA GLN C 72 -11.32 14.75 -36.73
C GLN C 72 -12.37 15.00 -37.81
N THR C 73 -13.59 14.50 -37.61
CA THR C 73 -14.64 14.73 -38.60
C THR C 73 -15.05 16.20 -38.65
N ASP C 74 -15.05 16.89 -37.50
CA ASP C 74 -15.37 18.31 -37.50
C ASP C 74 -14.32 19.14 -38.23
N ARG C 75 -13.06 18.71 -38.21
CA ARG C 75 -12.04 19.44 -38.98
C ARG C 75 -12.30 19.29 -40.48
N GLU C 76 -12.73 18.11 -40.91
CA GLU C 76 -13.09 17.93 -42.32
C GLU C 76 -14.34 18.72 -42.66
N ASP C 77 -15.32 18.75 -41.76
CA ASP C 77 -16.56 19.45 -42.04
C ASP C 77 -16.37 20.96 -42.03
N LEU C 78 -15.53 21.47 -41.13
CA LEU C 78 -15.26 22.91 -41.10
C LEU C 78 -14.62 23.38 -42.40
N ARG C 79 -13.70 22.58 -42.95
CA ARG C 79 -13.11 22.93 -44.24
C ARG C 79 -14.09 22.70 -45.38
N THR C 80 -14.99 21.72 -45.24
CA THR C 80 -15.99 21.48 -46.27
C THR C 80 -16.99 22.62 -46.34
N LEU C 81 -17.43 23.12 -45.18
CA LEU C 81 -18.41 24.20 -45.16
C LEU C 81 -17.82 25.49 -45.73
N LEU C 82 -16.50 25.67 -45.64
CA LEU C 82 -15.87 26.81 -46.30
C LEU C 82 -16.09 26.77 -47.80
N ARG C 83 -16.02 25.58 -48.39
CA ARG C 83 -16.31 25.45 -49.82
C ARG C 83 -17.79 25.68 -50.10
N TYR C 84 -18.67 25.16 -49.24
CA TYR C 84 -20.11 25.29 -49.48
C TYR C 84 -20.55 26.75 -49.42
N TYR C 85 -20.01 27.53 -48.49
CA TYR C 85 -20.44 28.90 -48.27
C TYR C 85 -19.47 29.94 -48.80
N ASN C 86 -18.42 29.51 -49.51
CA ASN C 86 -17.44 30.43 -50.10
C ASN C 86 -16.83 31.35 -49.06
N GLN C 87 -16.59 30.82 -47.86
CA GLN C 87 -16.04 31.60 -46.78
C GLN C 87 -14.51 31.58 -46.82
N SER C 88 -13.90 32.50 -46.10
CA SER C 88 -12.45 32.62 -46.09
C SER C 88 -11.84 31.64 -45.07
N GLU C 89 -10.63 31.21 -45.37
CA GLU C 89 -9.88 30.30 -44.51
C GLU C 89 -9.21 31.01 -43.33
N ALA C 90 -9.30 32.33 -43.26
CA ALA C 90 -8.68 33.10 -42.19
C ALA C 90 -9.67 33.53 -41.11
N GLY C 91 -10.93 33.12 -41.23
CA GLY C 91 -11.95 33.46 -40.25
C GLY C 91 -12.29 32.30 -39.34
N SER C 92 -12.60 32.62 -38.09
CA SER C 92 -12.98 31.60 -37.12
C SER C 92 -14.47 31.29 -37.25
N HIS C 93 -14.79 29.99 -37.36
CA HIS C 93 -16.17 29.54 -37.50
C HIS C 93 -16.48 28.50 -36.43
N THR C 94 -17.76 28.28 -36.21
CA THR C 94 -18.24 27.42 -35.13
C THR C 94 -19.13 26.32 -35.69
N LEU C 95 -18.85 25.07 -35.31
CA LEU C 95 -19.68 23.92 -35.64
C LEU C 95 -20.24 23.34 -34.34
N GLN C 96 -21.55 23.12 -34.30
CA GLN C 96 -22.20 22.58 -33.11
C GLN C 96 -23.05 21.37 -33.48
N ASN C 97 -23.09 20.38 -32.59
CA ASN C 97 -23.88 19.19 -32.83
C ASN C 97 -24.42 18.69 -31.49
N MET C 98 -25.68 18.26 -31.50
CA MET C 98 -26.31 17.67 -30.33
C MET C 98 -27.17 16.50 -30.77
N TYR C 99 -27.06 15.39 -30.05
CA TYR C 99 -27.94 14.25 -30.30
C TYR C 99 -28.33 13.63 -28.96
N GLY C 100 -29.51 13.03 -28.92
CA GLY C 100 -29.98 12.43 -27.69
C GLY C 100 -31.34 11.78 -27.87
N CYS C 101 -31.79 11.13 -26.80
CA CYS C 101 -33.06 10.42 -26.79
C CYS C 101 -33.82 10.72 -25.50
N ASP C 102 -35.14 10.78 -25.62
CA ASP C 102 -36.04 10.94 -24.48
C ASP C 102 -36.75 9.61 -24.22
N VAL C 103 -36.96 9.30 -22.95
CA VAL C 103 -37.70 8.11 -22.55
C VAL C 103 -38.71 8.50 -21.48
N GLY C 104 -39.84 7.81 -21.47
CA GLY C 104 -40.87 8.06 -20.49
C GLY C 104 -40.77 7.10 -19.32
N PRO C 105 -41.84 7.02 -18.53
CA PRO C 105 -41.85 6.04 -17.42
C PRO C 105 -41.85 4.60 -17.88
N ASP C 106 -42.29 4.32 -19.11
CA ASP C 106 -42.30 2.96 -19.61
C ASP C 106 -40.91 2.41 -19.90
N GLY C 107 -39.92 3.28 -20.06
CA GLY C 107 -38.59 2.85 -20.43
C GLY C 107 -38.37 2.68 -21.91
N ARG C 108 -39.25 3.22 -22.74
CA ARG C 108 -39.15 3.14 -24.19
C ARG C 108 -38.99 4.53 -24.78
N LEU C 109 -38.57 4.58 -26.04
CA LEU C 109 -38.24 5.84 -26.67
C LEU C 109 -39.49 6.68 -26.90
N LEU C 110 -39.41 7.97 -26.56
CA LEU C 110 -40.45 8.94 -26.88
C LEU C 110 -40.07 9.85 -28.03
N ARG C 111 -38.83 10.33 -28.07
CA ARG C 111 -38.41 11.31 -29.05
C ARG C 111 -36.90 11.20 -29.23
N GLY C 112 -36.46 11.27 -30.48
CA GLY C 112 -35.04 11.19 -30.82
C GLY C 112 -34.55 12.51 -31.38
N TYR C 113 -33.25 12.77 -31.19
CA TYR C 113 -32.65 14.04 -31.56
C TYR C 113 -31.33 13.82 -32.27
N HIS C 114 -31.07 14.64 -33.29
CA HIS C 114 -29.76 14.77 -33.91
C HIS C 114 -29.75 15.98 -34.84
N GLN C 115 -28.93 16.98 -34.53
CA GLN C 115 -28.98 18.23 -35.27
C GLN C 115 -27.62 18.92 -35.24
N ASP C 116 -27.29 19.63 -36.32
CA ASP C 116 -26.04 20.36 -36.45
C ASP C 116 -26.32 21.83 -36.71
N ALA C 117 -25.33 22.67 -36.38
CA ALA C 117 -25.42 24.11 -36.55
C ALA C 117 -24.07 24.68 -36.94
N TYR C 118 -24.08 25.62 -37.87
CA TYR C 118 -22.86 26.29 -38.34
C TYR C 118 -23.01 27.78 -38.07
N ASP C 119 -22.10 28.32 -37.25
CA ASP C 119 -22.09 29.75 -36.91
C ASP C 119 -23.38 30.18 -36.23
N GLY C 120 -23.92 29.31 -35.37
CA GLY C 120 -25.10 29.62 -34.59
C GLY C 120 -26.42 29.39 -35.28
N LYS C 121 -26.43 29.13 -36.58
CA LYS C 121 -27.65 28.90 -37.34
C LYS C 121 -27.81 27.42 -37.66
N ASP C 122 -29.06 26.99 -37.79
CA ASP C 122 -29.35 25.59 -38.08
C ASP C 122 -28.76 25.18 -39.43
N TYR C 123 -28.27 23.95 -39.50
CA TYR C 123 -27.73 23.41 -40.75
C TYR C 123 -28.56 22.23 -41.23
N ILE C 124 -28.46 21.06 -40.59
CA ILE C 124 -29.30 19.91 -40.91
C ILE C 124 -29.68 19.21 -39.62
N ALA C 125 -30.91 18.71 -39.56
CA ALA C 125 -31.42 18.05 -38.37
C ALA C 125 -32.20 16.80 -38.78
N LEU C 126 -32.18 15.81 -37.90
CA LEU C 126 -32.93 14.57 -38.11
C LEU C 126 -34.37 14.78 -37.67
N ASN C 127 -35.31 14.42 -38.54
CA ASN C 127 -36.72 14.59 -38.20
C ASN C 127 -37.12 13.60 -37.11
N GLU C 128 -38.30 13.85 -36.53
CA GLU C 128 -38.76 13.04 -35.40
C GLU C 128 -39.10 11.61 -35.80
N ASP C 129 -39.35 11.35 -37.09
CA ASP C 129 -39.57 9.98 -37.55
C ASP C 129 -38.27 9.18 -37.63
N LEU C 130 -37.12 9.80 -37.32
CA LEU C 130 -35.82 9.15 -37.33
C LEU C 130 -35.50 8.52 -38.68
N SER C 131 -36.07 9.08 -39.75
CA SER C 131 -35.85 8.54 -41.08
C SER C 131 -35.71 9.61 -42.15
N SER C 132 -35.82 10.89 -41.81
CA SER C 132 -35.71 11.97 -42.79
C SER C 132 -34.96 13.14 -42.18
N TRP C 133 -34.53 14.05 -43.05
CA TRP C 133 -33.76 15.21 -42.65
C TRP C 133 -34.49 16.48 -43.11
N THR C 134 -34.18 17.58 -42.44
CA THR C 134 -34.65 18.91 -42.83
C THR C 134 -33.42 19.80 -42.97
N ALA C 135 -33.13 20.23 -44.19
CA ALA C 135 -31.98 21.08 -44.47
C ALA C 135 -32.38 22.55 -44.43
N ALA C 136 -31.48 23.38 -43.89
CA ALA C 136 -31.79 24.79 -43.71
C ALA C 136 -31.60 25.59 -44.99
N ASP C 137 -30.64 25.21 -45.82
CA ASP C 137 -30.40 25.90 -47.09
C ASP C 137 -29.92 24.89 -48.12
N THR C 138 -29.53 25.40 -49.29
CA THR C 138 -29.11 24.53 -50.39
C THR C 138 -27.73 23.92 -50.14
N ALA C 139 -26.91 24.53 -49.28
CA ALA C 139 -25.64 23.91 -48.92
C ALA C 139 -25.85 22.68 -48.04
N ALA C 140 -26.81 22.77 -47.10
CA ALA C 140 -27.15 21.61 -46.29
C ALA C 140 -27.83 20.53 -47.13
N GLN C 141 -28.48 20.92 -48.24
CA GLN C 141 -29.06 19.93 -49.13
C GLN C 141 -27.98 19.08 -49.82
N ILE C 142 -26.78 19.63 -49.99
CA ILE C 142 -25.67 18.81 -50.47
C ILE C 142 -25.34 17.71 -49.46
N THR C 143 -25.30 18.08 -48.18
CA THR C 143 -25.06 17.09 -47.14
C THR C 143 -26.24 16.14 -47.01
N GLN C 144 -27.47 16.65 -47.18
CA GLN C 144 -28.65 15.81 -47.03
C GLN C 144 -28.65 14.67 -48.05
N ARG C 145 -28.35 14.96 -49.31
CA ARG C 145 -28.31 13.90 -50.32
C ARG C 145 -27.21 12.89 -50.04
N LYS C 146 -26.08 13.33 -49.50
CA LYS C 146 -25.01 12.40 -49.17
C LYS C 146 -25.37 11.54 -47.97
N TRP C 147 -26.06 12.12 -46.98
CA TRP C 147 -26.46 11.35 -45.82
C TRP C 147 -27.61 10.39 -46.13
N GLU C 148 -28.41 10.70 -47.15
CA GLU C 148 -29.46 9.77 -47.56
C GLU C 148 -28.89 8.62 -48.37
N ALA C 149 -27.88 8.89 -49.20
CA ALA C 149 -27.26 7.83 -49.97
C ALA C 149 -26.50 6.86 -49.07
N ALA C 150 -25.78 7.38 -48.08
CA ALA C 150 -25.02 6.53 -47.17
C ALA C 150 -25.88 5.89 -46.08
N ARG C 151 -27.18 6.18 -46.07
CA ARG C 151 -28.13 5.61 -45.10
C ARG C 151 -27.71 5.94 -43.67
N VAL C 152 -27.39 7.21 -43.43
CA VAL C 152 -26.96 7.65 -42.10
C VAL C 152 -28.11 7.55 -41.11
N ALA C 153 -29.34 7.82 -41.56
CA ALA C 153 -30.48 7.83 -40.65
C ALA C 153 -30.76 6.45 -40.07
N GLU C 154 -30.39 5.38 -40.80
CA GLU C 154 -30.70 4.04 -40.32
C GLU C 154 -29.83 3.67 -39.13
N GLN C 155 -28.57 4.09 -39.12
CA GLN C 155 -27.73 3.88 -37.94
C GLN C 155 -28.21 4.72 -36.76
N LEU C 156 -28.56 5.98 -37.01
CA LEU C 156 -29.04 6.83 -35.93
C LEU C 156 -30.37 6.30 -35.38
N ARG C 157 -31.28 5.89 -36.26
CA ARG C 157 -32.54 5.33 -35.81
C ARG C 157 -32.31 4.09 -34.94
N ALA C 158 -31.37 3.23 -35.34
CA ALA C 158 -31.07 2.05 -34.54
C ALA C 158 -30.44 2.44 -33.20
N TYR C 159 -29.57 3.45 -33.21
CA TYR C 159 -28.94 3.88 -31.97
C TYR C 159 -29.95 4.53 -31.03
N LEU C 160 -30.77 5.44 -31.57
CA LEU C 160 -31.72 6.15 -30.73
C LEU C 160 -32.82 5.24 -30.21
N GLU C 161 -33.24 4.25 -30.99
CA GLU C 161 -34.25 3.29 -30.52
C GLU C 161 -33.65 2.22 -29.64
N GLY C 162 -32.33 2.02 -29.69
CA GLY C 162 -31.67 0.94 -28.99
C GLY C 162 -30.72 1.38 -27.90
N GLU C 163 -29.43 1.51 -28.25
CA GLU C 163 -28.39 1.69 -27.24
C GLU C 163 -28.57 2.99 -26.44
N CYS C 164 -29.16 4.01 -27.06
CA CYS C 164 -29.40 5.27 -26.33
C CYS C 164 -30.37 5.06 -25.17
N VAL C 165 -31.50 4.38 -25.45
CA VAL C 165 -32.47 4.15 -24.39
C VAL C 165 -31.95 3.12 -23.40
N GLU C 166 -31.22 2.10 -23.89
CA GLU C 166 -30.77 1.03 -23.01
C GLU C 166 -29.68 1.52 -22.05
N TRP C 167 -28.73 2.30 -22.55
CA TRP C 167 -27.66 2.80 -21.67
C TRP C 167 -28.12 3.96 -20.80
N LEU C 168 -29.16 4.69 -21.20
CA LEU C 168 -29.72 5.69 -20.31
C LEU C 168 -30.41 5.03 -19.11
N ARG C 169 -31.19 3.98 -19.36
CA ARG C 169 -31.81 3.23 -18.28
C ARG C 169 -30.77 2.59 -17.37
N ARG C 170 -29.63 2.18 -17.94
CA ARG C 170 -28.53 1.68 -17.13
C ARG C 170 -27.98 2.78 -16.22
N TYR C 171 -27.82 3.99 -16.75
CA TYR C 171 -27.32 5.10 -15.94
C TYR C 171 -28.33 5.49 -14.86
N LEU C 172 -29.62 5.39 -15.17
CA LEU C 172 -30.64 5.74 -14.19
C LEU C 172 -30.68 4.74 -13.04
N GLU C 173 -30.25 3.50 -13.28
CA GLU C 173 -30.20 2.52 -12.20
C GLU C 173 -28.93 2.67 -11.36
N ASN C 174 -27.78 2.91 -12.02
CA ASN C 174 -26.54 3.07 -11.28
C ASN C 174 -26.52 4.36 -10.46
N GLY C 175 -27.20 5.39 -10.94
CA GLY C 175 -27.32 6.62 -10.20
C GLY C 175 -28.74 6.85 -9.72
N LYS C 176 -29.35 5.78 -9.19
CA LYS C 176 -30.75 5.83 -8.78
C LYS C 176 -30.97 6.73 -7.57
N GLU C 177 -29.95 6.95 -6.75
CA GLU C 177 -30.10 7.78 -5.56
C GLU C 177 -30.13 9.26 -5.88
N THR C 178 -29.42 9.70 -6.92
CA THR C 178 -29.32 11.11 -7.26
C THR C 178 -30.13 11.52 -8.48
N LEU C 179 -30.31 10.62 -9.44
CA LEU C 179 -31.00 10.98 -10.68
C LEU C 179 -32.51 10.75 -10.61
N GLN C 180 -32.94 9.73 -9.87
CA GLN C 180 -34.35 9.39 -9.80
C GLN C 180 -35.06 10.02 -8.60
N ARG C 181 -34.32 10.66 -7.70
CA ARG C 181 -34.89 11.38 -6.56
C ARG C 181 -34.67 12.87 -6.77
N ALA C 182 -35.77 13.62 -6.86
CA ALA C 182 -35.72 15.05 -7.12
C ALA C 182 -35.57 15.83 -5.82
N ASP C 183 -34.84 16.94 -5.89
CA ASP C 183 -34.65 17.81 -4.73
C ASP C 183 -35.61 18.99 -4.81
N PRO C 184 -36.52 19.15 -3.85
CA PRO C 184 -37.44 20.29 -3.88
C PRO C 184 -36.72 21.57 -3.52
N PRO C 185 -37.24 22.72 -3.94
CA PRO C 185 -36.59 23.99 -3.64
C PRO C 185 -36.83 24.42 -2.21
N LYS C 186 -35.92 25.27 -1.73
CA LYS C 186 -36.05 25.93 -0.42
C LYS C 186 -36.52 27.36 -0.69
N THR C 187 -37.75 27.66 -0.30
CA THR C 187 -38.41 28.90 -0.65
C THR C 187 -38.42 29.89 0.51
N HIS C 188 -38.42 31.18 0.16
CA HIS C 188 -38.55 32.27 1.12
C HIS C 188 -38.78 33.56 0.34
N VAL C 189 -39.28 34.58 1.03
CA VAL C 189 -39.60 35.86 0.41
C VAL C 189 -38.87 36.96 1.16
N THR C 190 -38.13 37.79 0.43
CA THR C 190 -37.42 38.93 0.98
C THR C 190 -38.12 40.22 0.58
N HIS C 191 -37.84 41.27 1.35
CA HIS C 191 -38.45 42.58 1.14
C HIS C 191 -37.35 43.63 1.00
N HIS C 192 -37.44 44.45 -0.05
CA HIS C 192 -36.45 45.47 -0.32
C HIS C 192 -37.16 46.78 -0.66
N PRO C 193 -37.15 47.77 0.22
CA PRO C 193 -37.82 49.04 -0.07
C PRO C 193 -37.06 49.82 -1.14
N ILE C 194 -37.80 50.34 -2.11
CA ILE C 194 -37.23 51.18 -3.15
C ILE C 194 -37.39 52.65 -2.85
N SER C 195 -38.62 53.07 -2.53
CA SER C 195 -38.92 54.45 -2.18
C SER C 195 -39.93 54.44 -1.03
N ASP C 196 -40.30 55.63 -0.58
CA ASP C 196 -41.32 55.73 0.46
C ASP C 196 -42.65 55.14 0.01
N HIS C 197 -42.99 55.26 -1.27
CA HIS C 197 -44.27 54.78 -1.77
C HIS C 197 -44.17 53.52 -2.63
N GLU C 198 -42.96 52.99 -2.84
CA GLU C 198 -42.78 51.80 -3.67
C GLU C 198 -41.75 50.88 -3.04
N ALA C 199 -41.99 49.57 -3.16
CA ALA C 199 -41.09 48.55 -2.64
C ALA C 199 -41.10 47.36 -3.59
N THR C 200 -40.18 46.42 -3.35
CA THR C 200 -40.06 45.23 -4.17
C THR C 200 -40.01 43.98 -3.30
N LEU C 201 -40.76 42.97 -3.73
CA LEU C 201 -40.80 41.67 -3.06
C LEU C 201 -40.11 40.65 -3.95
N ARG C 202 -39.18 39.89 -3.39
CA ARG C 202 -38.39 38.92 -4.14
C ARG C 202 -38.68 37.52 -3.60
N CYS C 203 -39.17 36.64 -4.47
CA CYS C 203 -39.47 35.26 -4.11
C CYS C 203 -38.30 34.37 -4.55
N TRP C 204 -37.71 33.66 -3.60
CA TRP C 204 -36.51 32.88 -3.86
C TRP C 204 -36.81 31.38 -3.89
N ALA C 205 -36.03 30.67 -4.70
CA ALA C 205 -36.08 29.21 -4.78
C ALA C 205 -34.65 28.72 -4.93
N LEU C 206 -34.13 28.05 -3.90
CA LEU C 206 -32.73 27.67 -3.82
C LEU C 206 -32.58 26.16 -3.67
N GLY C 207 -31.53 25.61 -4.29
CA GLY C 207 -31.14 24.23 -4.10
C GLY C 207 -32.17 23.21 -4.55
N PHE C 208 -32.58 23.28 -5.82
CA PHE C 208 -33.54 22.34 -6.36
C PHE C 208 -32.96 21.65 -7.60
N TYR C 209 -33.37 20.40 -7.80
CA TYR C 209 -33.02 19.62 -8.97
C TYR C 209 -34.24 18.77 -9.33
N PRO C 210 -34.58 18.69 -10.61
CA PRO C 210 -33.93 19.30 -11.78
C PRO C 210 -34.18 20.80 -11.92
N ALA C 211 -33.73 21.37 -13.04
CA ALA C 211 -33.81 22.81 -13.22
C ALA C 211 -35.22 23.29 -13.53
N GLU C 212 -36.13 22.40 -13.90
CA GLU C 212 -37.48 22.81 -14.27
C GLU C 212 -38.22 23.33 -13.05
N ILE C 213 -38.66 24.59 -13.11
CA ILE C 213 -39.37 25.22 -12.01
C ILE C 213 -40.18 26.37 -12.59
N THR C 214 -41.24 26.77 -11.88
CA THR C 214 -42.08 27.88 -12.30
C THR C 214 -42.35 28.78 -11.10
N LEU C 215 -41.89 30.02 -11.18
CA LEU C 215 -42.13 31.02 -10.14
C LEU C 215 -43.07 32.09 -10.68
N THR C 216 -44.25 32.20 -10.08
CA THR C 216 -45.27 33.15 -10.53
C THR C 216 -45.80 33.94 -9.36
N TRP C 217 -45.79 35.26 -9.48
CA TRP C 217 -46.42 36.16 -8.53
C TRP C 217 -47.87 36.41 -8.92
N GLN C 218 -48.69 36.72 -7.93
CA GLN C 218 -50.13 36.86 -8.13
C GLN C 218 -50.66 38.04 -7.33
N ARG C 219 -51.42 38.90 -8.02
CA ARG C 219 -52.08 40.06 -7.41
C ARG C 219 -53.53 39.67 -7.11
N ASP C 220 -53.76 39.22 -5.88
CA ASP C 220 -55.10 38.86 -5.40
C ASP C 220 -55.76 37.84 -6.34
N GLY C 221 -54.98 36.85 -6.77
CA GLY C 221 -55.48 35.81 -7.63
C GLY C 221 -55.21 36.01 -9.11
N GLU C 222 -54.60 37.13 -9.50
CA GLU C 222 -54.27 37.41 -10.88
C GLU C 222 -52.76 37.62 -10.98
N ASP C 223 -52.14 37.02 -11.99
CA ASP C 223 -50.69 37.05 -12.09
C ASP C 223 -50.20 38.44 -12.51
N GLN C 224 -49.06 38.83 -11.97
CA GLN C 224 -48.35 40.02 -12.43
C GLN C 224 -47.21 39.64 -13.36
N THR C 225 -47.53 38.85 -14.39
CA THR C 225 -46.48 38.31 -15.26
C THR C 225 -45.81 39.42 -16.07
N GLN C 226 -46.53 40.51 -16.32
CA GLN C 226 -45.93 41.63 -17.06
C GLN C 226 -45.02 42.45 -16.17
N ASP C 227 -45.43 42.69 -14.92
CA ASP C 227 -44.67 43.50 -13.98
C ASP C 227 -43.69 42.68 -13.15
N THR C 228 -43.45 41.41 -13.49
CA THR C 228 -42.58 40.52 -12.75
C THR C 228 -41.23 40.41 -13.44
N GLU C 229 -40.16 40.72 -12.72
CA GLU C 229 -38.80 40.55 -13.22
C GLU C 229 -38.35 39.14 -12.84
N LEU C 230 -38.14 38.31 -13.86
CA LEU C 230 -37.67 36.94 -13.67
C LEU C 230 -36.26 36.81 -14.24
N VAL C 231 -35.42 36.02 -13.56
CA VAL C 231 -34.06 35.78 -14.00
C VAL C 231 -33.91 34.34 -14.48
N GLU C 232 -32.95 34.15 -15.38
CA GLU C 232 -32.65 32.82 -15.90
C GLU C 232 -32.23 31.88 -14.78
N THR C 233 -32.78 30.67 -14.80
CA THR C 233 -32.42 29.68 -13.80
C THR C 233 -30.92 29.41 -13.85
N ARG C 234 -30.25 29.60 -12.73
CA ARG C 234 -28.79 29.53 -12.69
C ARG C 234 -28.33 28.33 -11.87
N PRO C 235 -27.21 27.70 -12.25
CA PRO C 235 -26.69 26.57 -11.48
C PRO C 235 -25.96 27.06 -10.23
N ALA C 236 -26.26 26.42 -9.10
CA ALA C 236 -25.64 26.81 -7.84
C ALA C 236 -24.16 26.41 -7.78
N GLY C 237 -23.78 25.36 -8.51
CA GLY C 237 -22.41 24.87 -8.49
C GLY C 237 -22.25 23.48 -7.91
N ASP C 238 -23.29 22.92 -7.30
CA ASP C 238 -23.25 21.59 -6.70
C ASP C 238 -24.37 20.72 -7.28
N ARG C 239 -24.59 20.83 -8.58
CA ARG C 239 -25.62 20.09 -9.32
C ARG C 239 -27.04 20.49 -8.92
N THR C 240 -27.20 21.61 -8.24
CA THR C 240 -28.51 22.17 -7.92
C THR C 240 -28.66 23.53 -8.60
N PHE C 241 -29.88 24.04 -8.62
CA PHE C 241 -30.19 25.25 -9.37
C PHE C 241 -30.95 26.25 -8.50
N GLN C 242 -30.93 27.51 -8.94
CA GLN C 242 -31.54 28.62 -8.23
C GLN C 242 -32.34 29.47 -9.20
N LYS C 243 -33.44 30.03 -8.71
CA LYS C 243 -34.23 30.97 -9.49
C LYS C 243 -34.97 31.90 -8.53
N TRP C 244 -35.18 33.15 -8.95
CA TRP C 244 -35.94 34.09 -8.15
C TRP C 244 -36.78 34.98 -9.05
N ALA C 245 -37.89 35.49 -8.49
CA ALA C 245 -38.78 36.40 -9.17
C ALA C 245 -39.12 37.57 -8.24
N ALA C 246 -39.31 38.74 -8.84
CA ALA C 246 -39.52 39.96 -8.08
C ALA C 246 -40.66 40.77 -8.68
N VAL C 247 -41.34 41.54 -7.84
CA VAL C 247 -42.46 42.38 -8.25
C VAL C 247 -42.30 43.76 -7.61
N VAL C 248 -42.70 44.79 -8.35
CA VAL C 248 -42.77 46.15 -7.81
C VAL C 248 -44.12 46.32 -7.15
N VAL C 249 -44.13 46.41 -5.83
CA VAL C 249 -45.35 46.43 -5.03
C VAL C 249 -45.49 47.81 -4.39
N PRO C 250 -46.67 48.43 -4.45
CA PRO C 250 -46.87 49.69 -3.71
C PRO C 250 -46.72 49.45 -2.20
N SER C 251 -46.01 50.36 -1.54
CA SER C 251 -45.74 50.20 -0.13
C SER C 251 -47.03 50.23 0.68
N GLY C 252 -47.17 49.26 1.59
CA GLY C 252 -48.35 49.11 2.41
C GLY C 252 -49.26 47.97 2.00
N GLU C 253 -49.22 47.58 0.73
CA GLU C 253 -50.09 46.52 0.21
C GLU C 253 -49.32 45.25 -0.15
N GLU C 254 -48.27 44.94 0.63
CA GLU C 254 -47.45 43.76 0.38
C GLU C 254 -48.21 42.46 0.60
N GLN C 255 -49.25 42.46 1.43
CA GLN C 255 -49.98 41.24 1.76
C GLN C 255 -51.05 40.89 0.73
N ARG C 256 -51.09 41.60 -0.40
CA ARG C 256 -51.98 41.26 -1.50
C ARG C 256 -51.27 40.56 -2.64
N TYR C 257 -49.99 40.24 -2.46
CA TYR C 257 -49.16 39.60 -3.47
C TYR C 257 -48.71 38.24 -2.93
N THR C 258 -48.86 37.20 -3.74
CA THR C 258 -48.51 35.84 -3.34
C THR C 258 -47.61 35.20 -4.40
N CYS C 259 -46.61 34.44 -3.94
CA CYS C 259 -45.70 33.71 -4.82
C CYS C 259 -46.10 32.25 -4.88
N HIS C 260 -46.21 31.71 -6.10
CA HIS C 260 -46.62 30.33 -6.33
C HIS C 260 -45.51 29.61 -7.09
N VAL C 261 -44.95 28.56 -6.48
CA VAL C 261 -43.86 27.80 -7.05
C VAL C 261 -44.32 26.36 -7.28
N GLN C 262 -43.92 25.79 -8.43
CA GLN C 262 -44.25 24.41 -8.78
C GLN C 262 -42.99 23.67 -9.19
N HIS C 263 -42.75 22.52 -8.58
CA HIS C 263 -41.55 21.72 -8.85
C HIS C 263 -41.89 20.25 -8.64
N GLU C 264 -41.14 19.38 -9.31
CA GLU C 264 -41.39 17.94 -9.23
C GLU C 264 -41.16 17.41 -7.83
N GLY C 265 -40.14 17.93 -7.14
CA GLY C 265 -39.83 17.47 -5.79
C GLY C 265 -40.80 17.94 -4.73
N LEU C 266 -41.71 18.85 -5.07
CA LEU C 266 -42.70 19.35 -4.12
C LEU C 266 -43.95 18.47 -4.13
N PRO C 267 -44.46 18.14 -2.94
CA PRO C 267 -45.68 17.32 -2.88
C PRO C 267 -46.90 18.01 -3.46
N LYS C 268 -47.02 19.32 -3.27
CA LYS C 268 -48.12 20.13 -3.77
C LYS C 268 -47.59 21.51 -4.05
N PRO C 269 -48.10 22.21 -5.07
CA PRO C 269 -47.63 23.57 -5.33
C PRO C 269 -47.70 24.45 -4.09
N LEU C 270 -46.71 25.31 -3.94
CA LEU C 270 -46.55 26.13 -2.74
C LEU C 270 -47.15 27.51 -2.93
N THR C 271 -47.62 28.07 -1.81
CA THR C 271 -48.10 29.45 -1.73
C THR C 271 -47.39 30.11 -0.55
N LEU C 272 -46.64 31.17 -0.82
CA LEU C 272 -45.82 31.80 0.21
C LEU C 272 -45.97 33.31 0.09
N ARG C 273 -45.93 33.98 1.24
CA ARG C 273 -46.10 35.42 1.32
C ARG C 273 -44.96 35.99 2.14
N TRP C 274 -44.84 37.33 2.13
CA TRP C 274 -43.86 38.00 2.96
C TRP C 274 -44.27 37.97 4.41
N GLU C 275 -43.51 37.28 5.26
CA GLU C 275 -43.82 37.29 6.67
C GLU C 275 -42.89 38.28 7.34
N PRO C 276 -43.42 39.35 7.97
CA PRO C 276 -42.62 40.38 8.66
C PRO C 276 -42.03 39.91 9.97
N MET D 1 -21.23 34.56 -37.80
CA MET D 1 -22.49 35.03 -38.37
C MET D 1 -23.32 35.74 -37.31
N ILE D 2 -24.18 35.00 -36.62
CA ILE D 2 -25.00 35.59 -35.57
C ILE D 2 -24.12 35.91 -34.36
N GLN D 3 -24.42 37.00 -33.69
CA GLN D 3 -23.67 37.43 -32.53
C GLN D 3 -24.63 37.88 -31.43
N ARG D 4 -24.47 37.29 -30.25
CA ARG D 4 -25.37 37.56 -29.12
C ARG D 4 -24.56 37.98 -27.91
N THR D 5 -25.09 38.95 -27.16
CA THR D 5 -24.42 39.46 -25.98
C THR D 5 -24.74 38.57 -24.77
N PRO D 6 -23.78 38.35 -23.88
CA PRO D 6 -24.00 37.41 -22.78
C PRO D 6 -24.81 38.02 -21.64
N LYS D 7 -25.68 37.18 -21.05
CA LYS D 7 -26.33 37.52 -19.79
C LYS D 7 -25.40 37.13 -18.64
N ILE D 8 -25.15 38.07 -17.74
CA ILE D 8 -24.21 37.88 -16.65
C ILE D 8 -24.99 37.82 -15.34
N GLN D 9 -24.63 36.84 -14.49
CA GLN D 9 -25.16 36.75 -13.14
C GLN D 9 -24.03 36.34 -12.21
N VAL D 10 -23.82 37.12 -11.16
CA VAL D 10 -22.84 36.79 -10.12
C VAL D 10 -23.61 36.56 -8.83
N TYR D 11 -23.32 35.44 -8.16
CA TYR D 11 -24.09 35.02 -7.00
C TYR D 11 -23.25 34.05 -6.19
N SER D 12 -23.76 33.70 -5.02
CA SER D 12 -23.11 32.73 -4.15
C SER D 12 -23.88 31.42 -4.16
N ARG D 13 -23.15 30.32 -3.98
CA ARG D 13 -23.78 29.01 -3.94
C ARG D 13 -24.71 28.86 -2.74
N HIS D 14 -24.29 29.36 -1.59
CA HIS D 14 -25.05 29.33 -0.35
C HIS D 14 -25.36 30.74 0.10
N PRO D 15 -26.38 30.93 0.94
CA PRO D 15 -26.67 32.27 1.46
C PRO D 15 -25.47 32.86 2.18
N ALA D 16 -25.30 34.17 2.04
CA ALA D 16 -24.10 34.84 2.52
C ALA D 16 -24.11 34.92 4.05
N GLU D 17 -23.11 34.31 4.66
CA GLU D 17 -22.87 34.41 6.10
C GLU D 17 -21.41 34.79 6.30
N ASN D 18 -21.17 36.01 6.79
CA ASN D 18 -19.82 36.52 6.91
C ASN D 18 -18.98 35.63 7.82
N GLY D 19 -17.82 35.21 7.33
CA GLY D 19 -16.90 34.41 8.10
C GLY D 19 -16.87 32.93 7.74
N LYS D 20 -17.82 32.44 6.96
CA LYS D 20 -17.90 31.03 6.62
C LYS D 20 -17.65 30.84 5.13
N SER D 21 -16.99 29.73 4.79
CA SER D 21 -16.64 29.47 3.40
C SER D 21 -17.88 29.23 2.56
N ASN D 22 -17.80 29.68 1.30
CA ASN D 22 -18.90 29.57 0.35
C ASN D 22 -18.28 29.52 -1.05
N PHE D 23 -19.12 29.53 -2.07
CA PHE D 23 -18.66 29.53 -3.46
C PHE D 23 -19.28 30.72 -4.18
N LEU D 24 -18.44 31.51 -4.85
CA LEU D 24 -18.89 32.65 -5.64
C LEU D 24 -18.92 32.23 -7.10
N ASN D 25 -20.10 32.31 -7.71
CA ASN D 25 -20.32 31.87 -9.08
C ASN D 25 -20.60 33.05 -9.98
N CYS D 26 -20.09 33.00 -11.21
CA CYS D 26 -20.44 33.95 -12.25
C CYS D 26 -20.99 33.13 -13.42
N TYR D 27 -22.31 33.15 -13.59
CA TYR D 27 -22.97 32.41 -14.65
C TYR D 27 -23.14 33.32 -15.86
N VAL D 28 -22.51 32.95 -16.97
CA VAL D 28 -22.62 33.67 -18.23
C VAL D 28 -23.34 32.78 -19.23
N SER D 29 -24.25 33.35 -20.00
CA SER D 29 -25.08 32.55 -20.89
C SER D 29 -25.63 33.43 -22.01
N GLY D 30 -26.15 32.76 -23.04
CA GLY D 30 -26.82 33.42 -24.13
C GLY D 30 -25.93 34.10 -25.15
N PHE D 31 -24.63 33.87 -25.08
CA PHE D 31 -23.69 34.56 -25.97
C PHE D 31 -23.32 33.70 -27.16
N HIS D 32 -22.77 34.37 -28.18
CA HIS D 32 -22.28 33.74 -29.40
C HIS D 32 -21.45 34.78 -30.17
N PRO D 33 -20.25 34.42 -30.67
CA PRO D 33 -19.59 33.11 -30.56
C PRO D 33 -19.04 32.81 -29.16
N SER D 34 -18.31 31.71 -29.04
CA SER D 34 -17.92 31.19 -27.74
C SER D 34 -16.73 31.91 -27.11
N ASP D 35 -15.97 32.68 -27.89
CA ASP D 35 -14.80 33.37 -27.37
C ASP D 35 -15.23 34.43 -26.37
N ILE D 36 -14.92 34.19 -25.08
CA ILE D 36 -15.32 35.10 -24.02
C ILE D 36 -14.25 35.05 -22.93
N GLU D 37 -14.05 36.18 -22.25
CA GLU D 37 -13.09 36.30 -21.16
C GLU D 37 -13.84 36.64 -19.88
N VAL D 38 -13.69 35.81 -18.86
CA VAL D 38 -14.39 35.99 -17.59
C VAL D 38 -13.37 35.86 -16.45
N ASP D 39 -13.29 36.89 -15.61
CA ASP D 39 -12.42 36.91 -14.45
C ASP D 39 -13.21 37.33 -13.22
N LEU D 40 -13.02 36.61 -12.12
CA LEU D 40 -13.66 36.95 -10.85
C LEU D 40 -12.78 37.92 -10.07
N LEU D 41 -13.39 39.00 -9.59
CA LEU D 41 -12.67 40.09 -8.94
C LEU D 41 -12.92 40.11 -7.44
N LYS D 42 -11.88 40.49 -6.70
CA LYS D 42 -11.98 40.71 -5.25
C LYS D 42 -11.26 42.01 -4.93
N ASN D 43 -12.01 43.01 -4.47
CA ASN D 43 -11.47 44.33 -4.16
C ASN D 43 -10.79 44.97 -5.37
N GLY D 44 -11.31 44.70 -6.57
CA GLY D 44 -10.78 45.25 -7.79
C GLY D 44 -9.72 44.42 -8.47
N GLU D 45 -9.07 43.50 -7.75
CA GLU D 45 -8.02 42.67 -8.32
C GLU D 45 -8.57 41.27 -8.60
N ARG D 46 -8.00 40.64 -9.63
CA ARG D 46 -8.48 39.34 -10.07
C ARG D 46 -8.13 38.23 -9.08
N ILE D 47 -8.94 37.18 -9.10
CA ILE D 47 -8.68 35.96 -8.35
C ILE D 47 -7.92 34.99 -9.26
N GLU D 48 -6.86 34.37 -8.74
CA GLU D 48 -5.88 33.70 -9.58
C GLU D 48 -6.24 32.27 -9.95
N LYS D 49 -6.97 31.54 -9.10
CA LYS D 49 -7.33 30.16 -9.37
C LYS D 49 -8.84 30.02 -9.54
N VAL D 50 -9.34 30.58 -10.63
CA VAL D 50 -10.77 30.53 -10.96
C VAL D 50 -10.99 29.35 -11.90
N GLU D 51 -11.92 28.48 -11.54
CA GLU D 51 -12.28 27.33 -12.36
C GLU D 51 -13.55 27.62 -13.15
N HIS D 52 -13.63 27.03 -14.34
CA HIS D 52 -14.76 27.21 -15.22
C HIS D 52 -15.33 25.86 -15.63
N SER D 53 -16.59 25.87 -16.03
CA SER D 53 -17.22 24.66 -16.52
C SER D 53 -16.88 24.45 -17.99
N ASP D 54 -17.23 23.27 -18.50
CA ASP D 54 -16.99 22.96 -19.90
C ASP D 54 -18.01 23.65 -20.78
N LEU D 55 -17.58 24.03 -21.98
CA LEU D 55 -18.43 24.79 -22.89
C LEU D 55 -19.61 23.93 -23.34
N SER D 56 -20.83 24.44 -23.14
CA SER D 56 -22.04 23.80 -23.61
C SER D 56 -22.98 24.87 -24.13
N PHE D 57 -24.08 24.44 -24.74
CA PHE D 57 -25.02 25.38 -25.34
C PHE D 57 -26.45 24.92 -25.03
N SER D 58 -27.41 25.67 -25.56
CA SER D 58 -28.83 25.46 -25.35
C SER D 58 -29.51 25.19 -26.70
N LYS D 59 -30.83 24.98 -26.65
CA LYS D 59 -31.59 24.65 -27.85
C LYS D 59 -31.37 25.68 -28.96
N ASP D 60 -31.24 26.96 -28.60
CA ASP D 60 -31.05 28.01 -29.59
C ASP D 60 -29.59 28.22 -29.96
N TRP D 61 -28.71 27.30 -29.57
CA TRP D 61 -27.29 27.27 -29.91
C TRP D 61 -26.47 28.33 -29.19
N SER D 62 -27.01 28.96 -28.15
CA SER D 62 -26.26 29.94 -27.38
C SER D 62 -25.48 29.24 -26.27
N PHE D 63 -24.25 29.68 -26.05
CA PHE D 63 -23.36 29.04 -25.11
C PHE D 63 -23.62 29.53 -23.68
N TYR D 64 -23.16 28.74 -22.71
CA TYR D 64 -23.22 29.13 -21.32
C TYR D 64 -22.02 28.56 -20.58
N LEU D 65 -21.50 29.32 -19.61
CA LEU D 65 -20.34 28.94 -18.83
C LEU D 65 -20.54 29.37 -17.39
N LEU D 66 -19.95 28.60 -16.46
CA LEU D 66 -20.00 28.91 -15.03
C LEU D 66 -18.58 29.05 -14.52
N TYR D 67 -18.21 30.25 -14.09
CA TYR D 67 -16.93 30.50 -13.45
C TYR D 67 -17.16 30.62 -11.96
N TYR D 68 -16.59 29.70 -11.19
CA TYR D 68 -16.82 29.63 -9.76
C TYR D 68 -15.50 29.57 -9.01
N THR D 69 -15.54 30.01 -7.75
CA THR D 69 -14.37 30.01 -6.89
C THR D 69 -14.84 29.89 -5.45
N GLU D 70 -14.10 29.11 -4.66
CA GLU D 70 -14.37 29.05 -3.23
C GLU D 70 -13.88 30.33 -2.57
N PHE D 71 -14.68 30.87 -1.66
CA PHE D 71 -14.34 32.12 -1.00
C PHE D 71 -15.06 32.18 0.33
N THR D 72 -14.63 33.12 1.17
CA THR D 72 -15.26 33.38 2.46
C THR D 72 -15.75 34.81 2.48
N PRO D 73 -17.06 35.04 2.34
CA PRO D 73 -17.56 36.41 2.23
C PRO D 73 -17.42 37.17 3.55
N THR D 74 -17.28 38.49 3.41
CA THR D 74 -17.27 39.39 4.55
C THR D 74 -18.04 40.64 4.15
N GLU D 75 -18.34 41.48 5.12
CA GLU D 75 -19.12 42.68 4.84
C GLU D 75 -18.31 43.69 4.03
N LYS D 76 -17.07 43.96 4.46
CA LYS D 76 -16.25 44.98 3.82
C LYS D 76 -15.83 44.58 2.41
N ASP D 77 -15.43 43.32 2.23
CA ASP D 77 -14.88 42.88 0.94
C ASP D 77 -15.92 42.98 -0.17
N GLU D 78 -15.48 43.49 -1.32
CA GLU D 78 -16.34 43.69 -2.48
C GLU D 78 -15.88 42.76 -3.61
N TYR D 79 -16.83 42.03 -4.18
CA TYR D 79 -16.56 41.05 -5.23
C TYR D 79 -17.31 41.44 -6.49
N ALA D 80 -16.76 41.08 -7.64
CA ALA D 80 -17.37 41.40 -8.93
C ALA D 80 -16.88 40.40 -9.96
N CYS D 81 -17.55 40.42 -11.12
CA CYS D 81 -17.25 39.54 -12.24
C CYS D 81 -16.99 40.38 -13.48
N ARG D 82 -15.80 40.26 -14.06
CA ARG D 82 -15.45 40.95 -15.29
C ARG D 82 -15.70 40.03 -16.48
N VAL D 83 -16.45 40.52 -17.46
CA VAL D 83 -16.77 39.75 -18.66
C VAL D 83 -16.39 40.57 -19.88
N ASN D 84 -15.73 39.91 -20.84
CA ASN D 84 -15.29 40.54 -22.09
C ASN D 84 -15.74 39.68 -23.26
N HIS D 85 -16.44 40.30 -24.21
CA HIS D 85 -16.99 39.61 -25.37
C HIS D 85 -16.87 40.51 -26.58
N VAL D 86 -16.93 39.91 -27.77
CA VAL D 86 -16.81 40.68 -28.99
C VAL D 86 -17.99 41.62 -29.19
N THR D 87 -19.13 41.34 -28.55
CA THR D 87 -20.31 42.19 -28.67
C THR D 87 -20.26 43.40 -27.75
N LEU D 88 -19.28 43.46 -26.84
CA LEU D 88 -19.18 44.55 -25.88
C LEU D 88 -18.27 45.65 -26.42
N SER D 89 -18.63 46.91 -26.15
CA SER D 89 -17.74 48.01 -26.51
C SER D 89 -16.50 48.00 -25.63
N GLN D 90 -16.66 47.69 -24.35
CA GLN D 90 -15.58 47.56 -23.39
C GLN D 90 -15.96 46.49 -22.39
N PRO D 91 -15.00 45.92 -21.66
CA PRO D 91 -15.33 44.91 -20.66
C PRO D 91 -16.38 45.39 -19.66
N LYS D 92 -17.28 44.49 -19.30
CA LYS D 92 -18.41 44.77 -18.45
C LYS D 92 -18.19 44.12 -17.08
N ILE D 93 -18.56 44.84 -16.02
CA ILE D 93 -18.41 44.36 -14.66
C ILE D 93 -19.77 44.32 -13.99
N VAL D 94 -20.04 43.23 -13.28
CA VAL D 94 -21.29 43.05 -12.55
C VAL D 94 -20.90 42.80 -11.09
N LYS D 95 -21.23 43.77 -10.23
CA LYS D 95 -20.92 43.65 -8.81
C LYS D 95 -21.78 42.57 -8.16
N TRP D 96 -21.22 41.93 -7.14
CA TRP D 96 -21.96 40.92 -6.39
C TRP D 96 -22.89 41.60 -5.40
N ASP D 97 -24.18 41.30 -5.50
CA ASP D 97 -25.18 41.79 -4.56
C ASP D 97 -25.69 40.60 -3.75
N ARG D 98 -25.60 40.72 -2.42
CA ARG D 98 -26.00 39.61 -1.55
C ARG D 98 -27.49 39.35 -1.60
N ASP D 99 -28.28 40.28 -2.15
CA ASP D 99 -29.73 40.11 -2.29
C ASP D 99 -30.16 39.90 -3.74
N MET D 100 -29.21 39.62 -4.64
CA MET D 100 -29.55 39.34 -6.03
C MET D 100 -28.77 38.15 -6.57
N LEU E 1 -23.69 6.31 -23.32
CA LEU E 1 -22.96 5.70 -24.43
C LEU E 1 -23.07 6.57 -25.67
N ARG E 2 -21.93 6.83 -26.31
CA ARG E 2 -21.91 7.62 -27.52
C ARG E 2 -22.15 6.74 -28.74
N VAL E 3 -22.58 7.37 -29.83
CA VAL E 3 -22.84 6.65 -31.07
C VAL E 3 -21.54 6.52 -31.85
N MET E 4 -21.33 5.35 -32.45
CA MET E 4 -20.16 5.09 -33.31
C MET E 4 -20.59 5.25 -34.75
N MET E 5 -20.36 6.43 -35.31
CA MET E 5 -20.69 6.65 -36.71
C MET E 5 -19.84 7.80 -37.25
N LEU E 6 -19.39 7.65 -38.50
CA LEU E 6 -18.70 8.71 -39.23
C LEU E 6 -19.58 9.15 -40.39
N ALA E 7 -20.04 10.41 -40.35
CA ALA E 7 -20.89 10.96 -41.41
C ALA E 7 -20.42 12.37 -41.71
N PRO E 8 -19.43 12.52 -42.59
CA PRO E 8 -18.93 13.86 -42.92
C PRO E 8 -19.95 14.68 -43.70
N PHE E 9 -19.83 15.99 -43.58
CA PHE E 9 -20.70 16.92 -44.32
C PHE E 9 -20.42 16.86 -45.82
N LYS F 1 8.71 7.86 51.89
CA LYS F 1 10.01 7.98 52.54
C LYS F 1 11.05 8.57 51.59
N GLN F 2 10.88 8.30 50.29
CA GLN F 2 11.80 8.72 49.25
C GLN F 2 11.18 9.88 48.47
N GLU F 3 11.95 10.93 48.26
CA GLU F 3 11.52 12.09 47.49
C GLU F 3 12.62 12.47 46.51
N VAL F 4 12.32 12.41 45.22
CA VAL F 4 13.29 12.71 44.17
C VAL F 4 13.00 14.12 43.67
N THR F 5 14.02 14.98 43.72
CA THR F 5 13.91 16.36 43.28
C THR F 5 14.95 16.64 42.21
N GLN F 6 14.53 17.34 41.15
CA GLN F 6 15.39 17.66 40.02
C GLN F 6 15.42 19.17 39.81
N ILE F 7 16.62 19.72 39.72
CA ILE F 7 16.80 21.13 39.40
C ILE F 7 17.72 21.23 38.18
N PRO F 8 17.46 22.16 37.25
CA PRO F 8 16.33 23.10 37.29
C PRO F 8 15.05 22.50 36.70
N ALA F 9 13.94 23.24 36.78
CA ALA F 9 12.71 22.78 36.17
C ALA F 9 12.82 22.80 34.64
N ALA F 10 13.21 23.94 34.08
CA ALA F 10 13.39 24.10 32.65
C ALA F 10 14.79 24.63 32.37
N LEU F 11 15.20 24.52 31.10
CA LEU F 11 16.55 24.93 30.73
C LEU F 11 16.60 25.19 29.23
N SER F 12 16.91 26.43 28.84
CA SER F 12 17.09 26.81 27.45
C SER F 12 18.50 27.35 27.28
N VAL F 13 19.31 26.66 26.48
CA VAL F 13 20.73 26.95 26.36
C VAL F 13 21.17 26.96 24.90
N PRO F 14 22.17 27.76 24.54
CA PRO F 14 22.69 27.72 23.16
C PRO F 14 23.40 26.40 22.90
N GLU F 15 23.34 25.97 21.63
CA GLU F 15 23.95 24.70 21.26
C GLU F 15 25.45 24.74 21.44
N GLY F 16 26.02 23.63 21.89
CA GLY F 16 27.44 23.54 22.17
C GLY F 16 27.82 23.74 23.62
N GLU F 17 26.91 24.24 24.44
CA GLU F 17 27.21 24.51 25.84
C GLU F 17 27.15 23.22 26.66
N ASN F 18 28.07 23.09 27.60
CA ASN F 18 28.06 21.94 28.50
C ASN F 18 27.00 22.15 29.58
N LEU F 19 26.25 21.09 29.86
CA LEU F 19 25.08 21.17 30.73
C LEU F 19 25.31 20.38 32.01
N VAL F 20 24.62 20.80 33.07
CA VAL F 20 24.68 20.15 34.37
C VAL F 20 23.25 20.00 34.88
N LEU F 21 22.73 18.77 34.87
CA LEU F 21 21.40 18.47 35.39
C LEU F 21 21.56 17.74 36.73
N ASN F 22 20.87 18.25 37.75
CA ASN F 22 21.00 17.74 39.10
C ASN F 22 19.79 16.93 39.51
N CYS F 23 20.03 15.96 40.39
CA CYS F 23 18.99 15.10 40.94
C CYS F 23 19.31 14.83 42.40
N SER F 24 18.32 15.00 43.27
CA SER F 24 18.49 14.77 44.70
C SER F 24 17.45 13.76 45.17
N PHE F 25 17.84 12.92 46.13
CA PHE F 25 16.96 11.93 46.70
C PHE F 25 17.27 11.79 48.19
N THR F 26 16.24 11.50 48.98
CA THR F 26 16.35 11.56 50.43
C THR F 26 16.70 10.22 51.06
N ASP F 27 16.39 9.10 50.41
CA ASP F 27 16.70 7.77 50.92
C ASP F 27 17.86 7.21 50.12
N SER F 28 18.98 6.95 50.79
CA SER F 28 20.19 6.51 50.13
C SER F 28 20.19 5.02 49.82
N ALA F 29 19.30 4.24 50.45
CA ALA F 29 19.28 2.79 50.28
C ALA F 29 18.61 2.45 48.96
N ILE F 30 19.39 2.57 47.88
CA ILE F 30 18.88 2.41 46.53
C ILE F 30 19.61 1.26 45.84
N TYR F 31 18.89 0.61 44.91
CA TYR F 31 19.47 -0.45 44.10
C TYR F 31 20.22 0.10 42.90
N ASN F 32 19.77 1.21 42.35
CA ASN F 32 20.42 1.87 41.22
C ASN F 32 19.78 3.24 41.03
N LEU F 33 20.28 3.97 40.05
CA LEU F 33 19.74 5.26 39.65
C LEU F 33 19.91 5.38 38.15
N GLN F 34 18.83 5.72 37.45
CA GLN F 34 18.86 5.83 36.00
C GLN F 34 18.55 7.25 35.57
N TRP F 35 18.94 7.56 34.34
CA TRP F 35 18.60 8.81 33.68
C TRP F 35 17.88 8.47 32.40
N PHE F 36 16.64 8.94 32.28
CA PHE F 36 15.83 8.74 31.09
C PHE F 36 15.64 10.07 30.38
N ARG F 37 15.52 10.00 29.06
CA ARG F 37 15.05 11.12 28.26
C ARG F 37 13.67 10.76 27.71
N GLN F 38 12.72 11.68 27.85
CA GLN F 38 11.37 11.48 27.36
C GLN F 38 11.14 12.43 26.19
N ASP F 39 10.89 11.86 25.01
CA ASP F 39 10.55 12.59 23.81
C ASP F 39 9.06 12.44 23.51
N PRO F 40 8.41 13.50 23.02
CA PRO F 40 6.99 13.39 22.69
C PRO F 40 6.76 12.33 21.62
N GLY F 41 5.88 11.38 21.93
CA GLY F 41 5.60 10.27 21.04
C GLY F 41 5.92 8.91 21.62
N LYS F 42 7.13 8.40 21.40
CA LYS F 42 7.45 7.04 21.84
C LYS F 42 7.46 6.93 23.36
N GLY F 43 8.01 7.93 24.06
CA GLY F 43 8.06 7.93 25.50
C GLY F 43 9.50 7.88 26.02
N LEU F 44 9.73 7.04 27.02
CA LEU F 44 10.97 7.03 27.77
C LEU F 44 12.04 6.17 27.12
N THR F 45 13.26 6.71 27.04
CA THR F 45 14.43 6.02 26.53
C THR F 45 15.55 6.16 27.56
N SER F 46 16.12 5.02 27.96
CA SER F 46 17.15 5.03 28.99
C SER F 46 18.47 5.55 28.44
N LEU F 47 19.17 6.34 29.25
CA LEU F 47 20.44 6.93 28.88
C LEU F 47 21.62 6.35 29.66
N LEU F 48 21.51 6.30 30.98
CA LEU F 48 22.56 5.75 31.84
C LEU F 48 21.94 5.03 33.01
N LEU F 49 22.49 3.87 33.36
CA LEU F 49 22.11 3.12 34.54
C LEU F 49 23.32 3.05 35.47
N ILE F 50 23.26 3.78 36.57
CA ILE F 50 24.33 3.80 37.56
C ILE F 50 24.05 2.74 38.61
N GLN F 51 24.95 1.77 38.74
CA GLN F 51 24.77 0.71 39.73
C GLN F 51 24.84 1.27 41.15
N SER F 52 24.38 0.45 42.10
CA SER F 52 24.26 0.90 43.48
C SER F 52 25.59 1.39 44.05
N SER F 53 26.67 0.66 43.78
CA SER F 53 27.98 1.00 44.31
C SER F 53 28.85 1.78 43.33
N GLN F 54 28.40 1.96 42.09
CA GLN F 54 29.15 2.76 41.14
C GLN F 54 29.04 4.25 41.48
N ARG F 55 30.12 4.97 41.21
CA ARG F 55 30.16 6.42 41.41
C ARG F 55 30.09 7.20 40.11
N GLU F 56 30.12 6.54 38.96
CA GLU F 56 30.08 7.23 37.68
C GLU F 56 29.72 6.25 36.57
N GLN F 57 29.03 6.76 35.56
CA GLN F 57 28.76 6.03 34.33
C GLN F 57 28.86 7.00 33.17
N THR F 58 29.31 6.49 32.02
CA THR F 58 29.61 7.33 30.87
C THR F 58 29.16 6.64 29.61
N SER F 59 28.67 7.43 28.65
CA SER F 59 28.29 6.91 27.33
C SER F 59 28.34 8.09 26.35
N GLY F 60 29.43 8.20 25.61
CA GLY F 60 29.60 9.29 24.66
C GLY F 60 29.74 10.64 25.31
N ARG F 61 28.80 11.53 25.06
CA ARG F 61 28.81 12.87 25.63
C ARG F 61 28.09 12.94 26.98
N LEU F 62 27.67 11.80 27.51
CA LEU F 62 26.94 11.74 28.77
C LEU F 62 27.87 11.23 29.87
N ASN F 63 27.81 11.90 31.02
CA ASN F 63 28.68 11.59 32.15
C ASN F 63 27.91 11.89 33.42
N ALA F 64 27.53 10.85 34.17
CA ALA F 64 26.69 11.00 35.35
C ALA F 64 27.43 10.49 36.58
N SER F 65 27.32 11.25 37.67
CA SER F 65 27.90 10.87 38.95
C SER F 65 26.80 10.41 39.90
N LEU F 66 27.23 9.76 40.97
CA LEU F 66 26.30 9.28 42.00
C LEU F 66 27.03 9.28 43.34
N ASP F 67 26.43 9.95 44.32
CA ASP F 67 26.91 9.95 45.71
C ASP F 67 25.72 9.61 46.59
N LYS F 68 25.63 8.34 47.01
CA LYS F 68 24.48 7.93 47.82
C LYS F 68 24.51 8.58 49.20
N SER F 69 25.71 8.82 49.75
CA SER F 69 25.81 9.44 51.07
C SER F 69 25.14 10.82 51.08
N SER F 70 25.55 11.69 50.16
CA SER F 70 24.92 13.01 50.06
C SER F 70 23.47 12.91 49.60
N GLY F 71 23.16 11.92 48.77
CA GLY F 71 21.83 11.79 48.20
C GLY F 71 21.70 12.69 46.98
N ARG F 72 22.69 12.63 46.10
CA ARG F 72 22.77 13.54 44.97
C ARG F 72 23.28 12.80 43.74
N SER F 73 22.71 13.14 42.59
CA SER F 73 23.18 12.65 41.31
C SER F 73 23.25 13.84 40.36
N THR F 74 24.15 13.75 39.39
CA THR F 74 24.40 14.86 38.47
C THR F 74 24.68 14.32 37.08
N LEU F 75 23.93 14.79 36.10
CA LEU F 75 24.11 14.41 34.71
C LEU F 75 24.82 15.53 33.97
N TYR F 76 25.99 15.22 33.42
CA TYR F 76 26.77 16.18 32.63
C TYR F 76 26.57 15.87 31.15
N ILE F 77 26.03 16.83 30.41
CA ILE F 77 25.91 16.74 28.96
C ILE F 77 26.98 17.63 28.35
N ALA F 78 27.80 17.07 27.46
CA ALA F 78 28.91 17.78 26.87
C ALA F 78 28.57 18.14 25.43
N ALA F 79 28.80 19.40 25.07
CA ALA F 79 28.54 19.92 23.74
C ALA F 79 27.09 19.61 23.32
N SER F 80 26.17 20.29 24.02
CA SER F 80 24.75 20.03 23.83
C SER F 80 24.35 20.25 22.38
N GLN F 81 23.67 19.26 21.82
CA GLN F 81 23.19 19.30 20.46
C GLN F 81 21.70 19.55 20.41
N PRO F 82 21.17 20.12 19.33
CA PRO F 82 19.72 20.36 19.26
C PRO F 82 18.89 19.08 19.39
N GLY F 83 19.46 17.93 19.03
CA GLY F 83 18.76 16.68 19.24
C GLY F 83 18.55 16.32 20.70
N ASP F 84 19.40 16.84 21.59
CA ASP F 84 19.29 16.56 23.01
C ASP F 84 18.08 17.22 23.67
N SER F 85 17.32 18.03 22.93
CA SER F 85 16.18 18.74 23.50
C SER F 85 15.08 17.75 23.85
N ALA F 86 14.80 17.59 25.14
CA ALA F 86 13.79 16.67 25.64
C ALA F 86 13.66 16.89 27.13
N THR F 87 12.79 16.10 27.76
CA THR F 87 12.68 16.07 29.21
C THR F 87 13.54 14.94 29.76
N TYR F 88 14.28 15.23 30.83
CA TYR F 88 15.24 14.30 31.41
C TYR F 88 14.74 13.89 32.79
N LEU F 89 14.53 12.59 32.97
CA LEU F 89 13.90 12.06 34.17
C LEU F 89 14.92 11.30 35.01
N CYS F 90 14.90 11.56 36.31
CA CYS F 90 15.77 10.88 37.27
C CYS F 90 14.96 9.81 37.99
N ALA F 91 15.33 8.55 37.82
CA ALA F 91 14.63 7.43 38.42
C ALA F 91 15.50 6.78 39.50
N VAL F 92 14.84 6.19 40.49
CA VAL F 92 15.51 5.57 41.63
C VAL F 92 14.73 4.31 42.02
N SER F 93 15.46 3.25 42.32
CA SER F 93 14.86 1.96 42.70
C SER F 93 15.19 1.68 44.16
N ASN F 94 14.16 1.54 44.99
CA ASN F 94 14.30 1.29 46.41
C ASN F 94 13.88 -0.15 46.73
N PHE F 95 13.80 -0.46 48.03
CA PHE F 95 13.41 -1.80 48.45
C PHE F 95 11.98 -2.11 48.02
N ASN F 96 11.06 -1.17 48.25
CA ASN F 96 9.63 -1.42 48.05
C ASN F 96 9.17 -1.14 46.62
N LYS F 97 9.54 0.00 46.04
CA LYS F 97 9.02 0.38 44.75
C LYS F 97 10.00 1.32 44.05
N PHE F 98 9.55 1.90 42.94
CA PHE F 98 10.36 2.79 42.11
C PHE F 98 9.83 4.21 42.20
N TYR F 99 10.75 5.17 42.18
CA TYR F 99 10.42 6.58 42.26
C TYR F 99 11.00 7.34 41.07
N PHE F 100 10.20 8.21 40.48
CA PHE F 100 10.63 9.07 39.38
C PHE F 100 10.61 10.52 39.83
N GLY F 101 11.47 11.34 39.21
CA GLY F 101 11.54 12.75 39.54
C GLY F 101 10.55 13.58 38.75
N SER F 102 10.43 14.85 39.13
CA SER F 102 9.52 15.75 38.43
C SER F 102 9.98 15.97 36.99
N GLY F 103 11.27 15.99 36.76
CA GLY F 103 11.81 16.14 35.43
C GLY F 103 12.42 17.51 35.21
N THR F 104 13.30 17.57 34.21
CA THR F 104 13.93 18.81 33.77
C THR F 104 13.77 18.88 32.26
N LYS F 105 12.99 19.84 31.79
CA LYS F 105 12.80 20.01 30.36
C LYS F 105 13.97 20.81 29.78
N LEU F 106 14.48 20.35 28.66
CA LEU F 106 15.69 20.91 28.05
C LEU F 106 15.39 21.36 26.63
N ASN F 107 15.79 22.59 26.31
CA ASN F 107 15.65 23.15 24.98
C ASN F 107 17.01 23.68 24.54
N VAL F 108 17.68 22.96 23.64
CA VAL F 108 19.00 23.35 23.16
C VAL F 108 18.77 24.25 21.95
N LYS F 109 18.81 25.56 22.18
CA LYS F 109 18.59 26.52 21.10
C LYS F 109 19.75 26.49 20.11
N PRO F 110 19.51 26.23 18.83
CA PRO F 110 20.63 26.24 17.88
C PRO F 110 21.11 27.65 17.61
N ASN F 111 22.19 27.78 16.84
CA ASN F 111 22.77 29.06 16.51
C ASN F 111 22.51 29.35 15.04
N ILE F 112 21.86 30.48 14.76
CA ILE F 112 21.62 30.93 13.40
C ILE F 112 22.80 31.78 12.98
N GLN F 113 23.50 31.35 11.93
CA GLN F 113 24.74 32.02 11.55
C GLN F 113 24.48 33.45 11.09
N ASN F 114 23.54 33.63 10.17
CA ASN F 114 23.19 34.97 9.70
C ASN F 114 21.72 35.25 9.99
N PRO F 115 21.41 36.06 11.00
CA PRO F 115 20.01 36.41 11.28
C PRO F 115 19.43 37.32 10.21
N ASP F 116 18.37 36.84 9.54
CA ASP F 116 17.66 37.62 8.53
C ASP F 116 16.20 37.76 8.95
N PRO F 117 15.92 38.50 10.03
CA PRO F 117 14.56 38.56 10.54
C PRO F 117 13.63 39.30 9.58
N ALA F 118 12.40 38.79 9.47
CA ALA F 118 11.43 39.36 8.55
C ALA F 118 10.04 38.85 8.88
N VAL F 119 9.05 39.74 8.76
CA VAL F 119 7.64 39.41 8.98
C VAL F 119 6.95 39.42 7.62
N TYR F 120 6.35 38.29 7.25
CA TYR F 120 5.75 38.12 5.94
C TYR F 120 4.25 37.88 6.08
N GLN F 121 3.46 38.45 5.17
CA GLN F 121 2.03 38.21 5.11
C GLN F 121 1.75 37.18 4.03
N LEU F 122 1.40 35.97 4.45
CA LEU F 122 1.06 34.88 3.54
C LEU F 122 -0.36 35.04 3.01
N ARG F 123 -0.63 34.37 1.89
CA ARG F 123 -1.94 34.46 1.25
C ARG F 123 -3.02 33.90 2.16
N ASP F 124 -4.16 34.58 2.20
CA ASP F 124 -5.31 34.06 2.92
C ASP F 124 -5.90 32.87 2.17
N SER F 125 -6.34 31.87 2.92
CA SER F 125 -6.94 30.70 2.30
C SER F 125 -8.36 31.00 1.86
N LYS F 126 -8.78 30.39 0.74
CA LYS F 126 -10.15 30.55 0.29
C LYS F 126 -11.14 29.94 1.28
N SER F 127 -10.76 28.85 1.94
CA SER F 127 -11.63 28.23 2.93
C SER F 127 -11.71 29.05 4.21
N SER F 128 -10.61 29.68 4.61
CA SER F 128 -10.52 30.38 5.89
C SER F 128 -10.80 31.87 5.75
N ASP F 129 -11.24 32.46 6.85
CA ASP F 129 -11.48 33.90 6.94
C ASP F 129 -10.35 34.63 7.67
N LYS F 130 -9.21 33.98 7.84
CA LYS F 130 -8.10 34.52 8.63
C LYS F 130 -6.92 34.80 7.72
N SER F 131 -6.06 35.70 8.16
CA SER F 131 -4.79 35.98 7.50
C SER F 131 -3.65 35.72 8.47
N VAL F 132 -2.59 35.09 7.96
CA VAL F 132 -1.48 34.63 8.78
C VAL F 132 -0.26 35.51 8.53
N CYS F 133 0.45 35.85 9.61
CA CYS F 133 1.70 36.57 9.55
C CYS F 133 2.82 35.68 10.07
N LEU F 134 3.95 35.67 9.37
CA LEU F 134 5.06 34.77 9.68
C LEU F 134 6.28 35.60 10.06
N PHE F 135 6.69 35.50 11.33
CA PHE F 135 7.96 36.02 11.79
C PHE F 135 8.97 34.88 11.73
N THR F 136 9.95 34.98 10.84
CA THR F 136 10.86 33.87 10.59
C THR F 136 12.28 34.38 10.45
N ASP F 137 13.23 33.45 10.56
CA ASP F 137 14.66 33.69 10.35
C ASP F 137 15.23 34.68 11.36
N PHE F 138 14.68 34.72 12.57
CA PHE F 138 15.21 35.55 13.63
C PHE F 138 16.17 34.76 14.53
N ASP F 139 16.88 35.49 15.40
CA ASP F 139 17.87 34.88 16.28
C ASP F 139 17.20 34.13 17.42
N SER F 140 17.93 33.18 18.00
CA SER F 140 17.42 32.37 19.10
C SER F 140 17.32 33.14 20.41
N GLN F 141 17.69 34.42 20.43
CA GLN F 141 17.52 35.26 21.61
C GLN F 141 16.30 36.15 21.52
N THR F 142 15.62 36.18 20.38
CA THR F 142 14.42 36.98 20.25
C THR F 142 13.27 36.30 20.99
N ASN F 143 12.59 37.05 21.86
CA ASN F 143 11.48 36.54 22.65
C ASN F 143 10.16 37.00 22.03
N VAL F 144 9.53 36.12 21.26
CA VAL F 144 8.23 36.43 20.70
C VAL F 144 7.22 36.55 21.83
N SER F 145 6.50 37.67 21.86
CA SER F 145 5.55 37.93 22.92
C SER F 145 4.13 37.81 22.37
N GLN F 146 3.21 37.42 23.25
CA GLN F 146 1.84 37.22 22.83
C GLN F 146 1.14 38.58 22.67
N SER F 147 0.01 38.56 21.99
CA SER F 147 -0.65 39.79 21.57
C SER F 147 -1.38 40.47 22.73
N LYS F 148 -1.65 41.76 22.53
CA LYS F 148 -2.42 42.51 23.51
C LYS F 148 -3.91 42.22 23.40
N ASP F 149 -4.42 42.13 22.18
CA ASP F 149 -5.82 41.81 21.95
C ASP F 149 -6.02 40.29 21.96
N SER F 150 -7.25 39.88 22.26
CA SER F 150 -7.60 38.47 22.28
C SER F 150 -8.16 37.98 20.95
N ASP F 151 -8.30 38.87 19.97
CA ASP F 151 -8.74 38.48 18.63
C ASP F 151 -7.57 38.16 17.72
N VAL F 152 -6.34 38.37 18.18
CA VAL F 152 -5.13 38.00 17.46
C VAL F 152 -4.40 36.94 18.29
N TYR F 153 -4.06 35.82 17.66
CA TYR F 153 -3.46 34.69 18.35
C TYR F 153 -2.07 34.44 17.80
N ILE F 154 -1.07 34.44 18.68
CA ILE F 154 0.33 34.28 18.31
C ILE F 154 0.88 33.02 18.96
N THR F 155 1.61 32.22 18.19
CA THR F 155 2.24 31.01 18.70
C THR F 155 3.69 31.29 19.11
N ASP F 156 4.24 30.38 19.91
CA ASP F 156 5.63 30.47 20.32
C ASP F 156 6.55 30.03 19.17
N LYS F 157 7.82 30.41 19.29
CA LYS F 157 8.79 30.14 18.24
C LYS F 157 9.00 28.63 18.08
N CYS F 158 9.68 28.27 16.99
CA CYS F 158 9.89 26.87 16.63
C CYS F 158 11.01 26.80 15.60
N VAL F 159 11.73 25.68 15.63
CA VAL F 159 12.89 25.48 14.75
C VAL F 159 12.58 24.34 13.78
N LEU F 160 13.04 24.50 12.55
CA LEU F 160 12.91 23.48 11.51
C LEU F 160 14.29 23.16 10.96
N ASP F 161 14.47 21.92 10.51
CA ASP F 161 15.76 21.42 10.05
C ASP F 161 15.65 21.09 8.57
N MET F 162 16.19 21.96 7.72
CA MET F 162 16.35 21.64 6.30
C MET F 162 17.70 20.93 6.16
N ARG F 163 17.69 19.64 6.52
CA ARG F 163 18.94 18.89 6.58
C ARG F 163 19.58 18.73 5.21
N SER F 164 18.76 18.67 4.16
CA SER F 164 19.29 18.58 2.80
C SER F 164 20.19 19.78 2.49
N MET F 165 19.82 20.95 2.99
CA MET F 165 20.61 22.16 2.83
C MET F 165 21.43 22.51 4.06
N ASP F 166 21.37 21.67 5.10
CA ASP F 166 22.04 21.93 6.38
C ASP F 166 21.69 23.33 6.89
N PHE F 167 20.40 23.64 6.87
CA PHE F 167 19.90 24.96 7.25
C PHE F 167 18.85 24.82 8.35
N LYS F 168 18.94 25.68 9.36
CA LYS F 168 17.98 25.72 10.46
C LYS F 168 17.40 27.12 10.56
N SER F 169 16.11 27.20 10.86
CA SER F 169 15.41 28.48 10.86
C SER F 169 14.36 28.51 11.95
N ASN F 170 14.30 29.63 12.67
CA ASN F 170 13.21 29.88 13.61
C ASN F 170 11.99 30.43 12.89
N SER F 171 10.83 30.32 13.53
CA SER F 171 9.59 30.75 12.91
C SER F 171 8.51 30.93 13.98
N ALA F 172 7.76 32.03 13.87
CA ALA F 172 6.61 32.30 14.72
C ALA F 172 5.43 32.69 13.85
N VAL F 173 4.23 32.35 14.30
CA VAL F 173 3.02 32.50 13.51
C VAL F 173 2.00 33.31 14.31
N ALA F 174 1.28 34.19 13.61
CA ALA F 174 0.19 34.96 14.19
C ALA F 174 -0.93 35.08 13.17
N TRP F 175 -2.16 35.09 13.64
CA TRP F 175 -3.30 35.19 12.74
C TRP F 175 -4.47 35.88 13.45
N SER F 176 -5.38 36.41 12.64
CA SER F 176 -6.56 37.10 13.16
C SER F 176 -7.61 37.18 12.06
N ASN F 177 -8.88 37.19 12.47
CA ASN F 177 -10.00 37.29 11.53
C ASN F 177 -10.40 38.73 11.25
N LYS F 178 -9.93 39.69 12.04
CA LYS F 178 -10.29 41.08 11.82
C LYS F 178 -9.73 41.56 10.49
N SER F 179 -10.52 42.36 9.77
CA SER F 179 -10.08 42.89 8.49
C SER F 179 -9.11 44.05 8.64
N ASP F 180 -8.97 44.60 9.85
CA ASP F 180 -7.97 45.61 10.15
C ASP F 180 -6.64 45.01 10.57
N PHE F 181 -6.26 43.87 10.00
CA PHE F 181 -5.09 43.12 10.45
C PHE F 181 -3.91 43.42 9.54
N ALA F 182 -2.83 43.90 10.13
CA ALA F 182 -1.61 44.24 9.40
C ALA F 182 -0.44 43.55 10.05
N CYS F 183 0.36 42.84 9.24
CA CYS F 183 1.48 42.09 9.77
C CYS F 183 2.59 43.00 10.30
N ALA F 184 2.61 44.27 9.90
CA ALA F 184 3.56 45.21 10.47
C ALA F 184 3.21 45.53 11.92
N ASN F 185 1.92 45.55 12.25
CA ASN F 185 1.46 45.79 13.62
C ASN F 185 1.05 44.51 14.35
N ALA F 186 1.25 43.35 13.73
CA ALA F 186 0.87 42.09 14.36
C ALA F 186 1.72 41.79 15.58
N PHE F 187 3.04 41.67 15.38
CA PHE F 187 3.97 41.44 16.49
C PHE F 187 4.39 42.78 17.11
N ASN F 188 3.39 43.55 17.54
CA ASN F 188 3.67 44.88 18.07
C ASN F 188 4.30 44.81 19.46
N ASN F 189 3.82 43.91 20.32
CA ASN F 189 4.37 43.80 21.66
C ASN F 189 5.73 43.11 21.65
N SER F 190 5.88 42.07 20.85
CA SER F 190 7.14 41.34 20.76
C SER F 190 8.29 42.28 20.39
N ILE F 191 9.35 42.26 21.19
CA ILE F 191 10.54 43.05 20.90
C ILE F 191 11.13 42.53 19.58
N ILE F 192 11.06 43.35 18.55
CA ILE F 192 11.42 42.96 17.19
C ILE F 192 12.76 43.61 16.85
N PRO F 193 13.70 42.86 16.27
CA PRO F 193 14.94 43.49 15.77
C PRO F 193 14.61 44.57 14.75
N GLU F 194 15.19 45.76 14.96
CA GLU F 194 14.88 46.90 14.09
C GLU F 194 15.40 46.73 12.67
N ASP F 195 16.11 45.65 12.38
CA ASP F 195 16.52 45.30 11.02
C ASP F 195 15.56 44.32 10.36
N THR F 196 14.38 44.11 10.94
CA THR F 196 13.42 43.17 10.40
C THR F 196 12.84 43.67 9.08
N PHE F 197 12.90 42.80 8.06
CA PHE F 197 12.41 43.13 6.73
C PHE F 197 10.88 43.12 6.72
N PHE F 198 10.29 44.31 6.67
CA PHE F 198 8.85 44.48 6.50
C PHE F 198 8.57 44.74 5.03
N PRO F 199 8.23 43.73 4.23
CA PRO F 199 8.04 43.97 2.79
C PRO F 199 6.75 44.71 2.46
N SER F 200 6.68 45.97 2.88
CA SER F 200 5.51 46.79 2.60
C SER F 200 5.39 47.00 1.09
N PRO F 201 4.18 46.86 0.52
CA PRO F 201 2.92 46.60 1.23
C PRO F 201 2.71 45.12 1.54
N VAL G 1 8.15 -3.71 23.61
CA VAL G 1 6.93 -3.62 24.39
C VAL G 1 5.87 -2.85 23.62
N THR G 2 4.69 -3.45 23.47
CA THR G 2 3.56 -2.82 22.80
C THR G 2 2.40 -2.68 23.76
N GLN G 3 1.58 -1.64 23.54
CA GLN G 3 0.41 -1.36 24.36
C GLN G 3 -0.78 -1.07 23.46
N THR G 4 -1.98 -1.29 24.01
CA THR G 4 -3.22 -1.02 23.29
C THR G 4 -4.30 -0.63 24.29
N PRO G 5 -5.12 0.38 23.97
CA PRO G 5 -5.06 1.16 22.73
C PRO G 5 -4.05 2.31 22.81
N LYS G 6 -4.01 3.14 21.77
CA LYS G 6 -3.09 4.27 21.72
C LYS G 6 -3.67 5.50 22.44
N HIS G 7 -4.83 5.97 21.98
CA HIS G 7 -5.55 7.05 22.63
C HIS G 7 -6.89 6.52 23.13
N LEU G 8 -7.50 7.26 24.06
CA LEU G 8 -8.70 6.77 24.73
C LEU G 8 -9.43 7.97 25.35
N ILE G 9 -10.50 8.41 24.71
CA ILE G 9 -11.36 9.47 25.22
C ILE G 9 -12.65 8.83 25.71
N THR G 10 -13.04 9.17 26.93
CA THR G 10 -14.20 8.55 27.55
C THR G 10 -14.78 9.51 28.59
N ALA G 11 -15.91 9.12 29.17
CA ALA G 11 -16.63 9.94 30.12
C ALA G 11 -16.47 9.40 31.53
N THR G 12 -16.87 10.22 32.50
CA THR G 12 -16.75 9.85 33.91
C THR G 12 -17.73 8.74 34.27
N GLY G 13 -17.27 7.80 35.09
CA GLY G 13 -18.08 6.69 35.53
C GLY G 13 -17.92 5.42 34.73
N GLN G 14 -17.24 5.48 33.59
CA GLN G 14 -17.07 4.30 32.74
C GLN G 14 -15.84 3.51 33.16
N ARG G 15 -15.59 2.42 32.46
CA ARG G 15 -14.48 1.52 32.76
C ARG G 15 -13.71 1.28 31.47
N VAL G 16 -12.39 1.36 31.53
CA VAL G 16 -11.54 1.13 30.37
C VAL G 16 -10.59 -0.01 30.66
N THR G 17 -10.03 -0.56 29.60
CA THR G 17 -9.10 -1.69 29.68
C THR G 17 -7.85 -1.36 28.88
N LEU G 18 -6.69 -1.37 29.54
CA LEU G 18 -5.41 -1.17 28.89
C LEU G 18 -4.67 -2.50 28.90
N ARG G 19 -4.19 -2.92 27.74
CA ARG G 19 -3.49 -4.19 27.61
C ARG G 19 -2.03 -3.94 27.25
N CYS G 20 -1.17 -4.85 27.69
CA CYS G 20 0.26 -4.71 27.47
C CYS G 20 0.86 -6.07 27.14
N SER G 21 1.75 -6.07 26.15
CA SER G 21 2.51 -7.26 25.78
C SER G 21 3.99 -6.97 26.00
N PRO G 22 4.65 -7.65 26.94
CA PRO G 22 6.06 -7.35 27.20
C PRO G 22 6.95 -7.83 26.06
N ARG G 23 8.25 -7.58 26.16
CA ARG G 23 9.18 -8.19 25.23
C ARG G 23 9.15 -9.71 25.41
N SER G 24 9.41 -10.43 24.33
CA SER G 24 9.52 -11.88 24.44
C SER G 24 10.63 -12.24 25.42
N GLY G 25 10.40 -13.28 26.21
CA GLY G 25 11.38 -13.70 27.19
C GLY G 25 11.41 -12.91 28.48
N ASP G 26 10.67 -11.80 28.57
CA ASP G 26 10.63 -11.00 29.79
C ASP G 26 9.54 -11.51 30.73
N LEU G 27 9.88 -11.59 32.01
CA LEU G 27 9.01 -12.18 33.01
C LEU G 27 8.32 -11.16 33.91
N SER G 28 8.76 -9.90 33.89
CA SER G 28 8.21 -8.88 34.76
C SER G 28 7.53 -7.78 33.93
N VAL G 29 6.38 -7.31 34.40
CA VAL G 29 5.66 -6.21 33.77
C VAL G 29 5.42 -5.14 34.84
N TYR G 30 5.48 -3.88 34.42
CA TYR G 30 5.30 -2.74 35.30
C TYR G 30 4.26 -1.81 34.69
N TRP G 31 3.43 -1.21 35.53
CA TRP G 31 2.45 -0.21 35.11
C TRP G 31 2.77 1.11 35.77
N TYR G 32 2.74 2.19 34.99
CA TYR G 32 3.02 3.53 35.47
C TYR G 32 1.93 4.47 34.99
N GLN G 33 1.69 5.52 35.78
CA GLN G 33 0.75 6.58 35.43
C GLN G 33 1.50 7.90 35.49
N GLN G 34 1.49 8.64 34.37
CA GLN G 34 2.15 9.93 34.29
C GLN G 34 1.07 11.01 34.23
N SER G 35 0.88 11.71 35.35
CA SER G 35 -0.10 12.78 35.44
C SER G 35 0.62 14.13 35.60
N LEU G 36 -0.11 15.20 35.27
CA LEU G 36 0.45 16.54 35.36
C LEU G 36 0.74 16.93 36.80
N ASP G 37 -0.14 16.55 37.73
CA ASP G 37 0.01 16.98 39.12
C ASP G 37 0.96 16.09 39.92
N GLN G 38 1.12 14.82 39.52
CA GLN G 38 1.92 13.87 40.27
C GLN G 38 3.11 13.31 39.51
N GLY G 39 3.30 13.69 38.25
CA GLY G 39 4.42 13.14 37.49
C GLY G 39 4.24 11.66 37.24
N LEU G 40 5.38 11.00 37.00
CA LEU G 40 5.38 9.55 36.75
C LEU G 40 5.30 8.81 38.08
N GLN G 41 4.23 8.04 38.27
CA GLN G 41 3.99 7.30 39.50
C GLN G 41 3.93 5.81 39.21
N PHE G 42 4.64 5.03 40.02
CA PHE G 42 4.64 3.59 39.89
C PHE G 42 3.32 3.01 40.43
N LEU G 43 2.67 2.17 39.63
CA LEU G 43 1.38 1.61 40.02
C LEU G 43 1.55 0.23 40.64
N ILE G 44 1.99 -0.76 39.86
CA ILE G 44 2.09 -2.14 40.35
C ILE G 44 3.07 -2.88 39.45
N GLN G 45 3.69 -3.93 40.02
CA GLN G 45 4.61 -4.79 39.29
C GLN G 45 4.18 -6.23 39.43
N TYR G 46 4.11 -6.95 38.31
CA TYR G 46 3.90 -8.38 38.30
C TYR G 46 5.15 -9.09 37.79
N TYR G 47 5.42 -10.27 38.35
CA TYR G 47 6.61 -11.03 38.01
C TYR G 47 6.21 -12.50 37.87
N ASN G 48 6.31 -13.03 36.64
CA ASN G 48 6.02 -14.43 36.35
C ASN G 48 4.60 -14.81 36.75
N GLY G 49 3.66 -13.86 36.61
CA GLY G 49 2.26 -14.12 36.91
C GLY G 49 1.84 -13.77 38.32
N GLU G 50 2.76 -13.38 39.18
CA GLU G 50 2.45 -13.04 40.57
C GLU G 50 2.79 -11.59 40.84
N GLU G 51 1.98 -10.96 41.69
CA GLU G 51 2.20 -9.58 42.09
C GLU G 51 3.42 -9.49 43.00
N ARG G 52 4.32 -8.56 42.69
CA ARG G 52 5.55 -8.41 43.45
C ARG G 52 5.64 -7.09 44.21
N ALA G 53 5.46 -5.96 43.52
CA ALA G 53 5.58 -4.65 44.15
C ALA G 53 4.33 -3.83 43.84
N LYS G 54 4.01 -2.93 44.75
CA LYS G 54 2.81 -2.10 44.64
C LYS G 54 3.12 -0.69 45.10
N GLY G 55 2.60 0.28 44.36
CA GLY G 55 2.66 1.68 44.71
C GLY G 55 1.36 2.18 45.30
N ASN G 56 1.05 3.44 45.02
CA ASN G 56 -0.23 4.04 45.44
C ASN G 56 -1.29 3.77 44.37
N ILE G 57 -1.66 2.51 44.27
CA ILE G 57 -2.68 2.08 43.32
C ILE G 57 -4.05 2.17 43.99
N LEU G 58 -5.00 2.77 43.29
CA LEU G 58 -6.33 2.97 43.84
C LEU G 58 -7.09 1.64 43.94
N GLU G 59 -8.14 1.65 44.76
CA GLU G 59 -8.94 0.44 44.91
C GLU G 59 -9.74 0.15 43.65
N ARG G 60 -10.08 1.18 42.88
CA ARG G 60 -10.81 1.03 41.63
C ARG G 60 -9.89 0.78 40.43
N PHE G 61 -8.61 0.49 40.68
CA PHE G 61 -7.67 0.08 39.64
C PHE G 61 -7.36 -1.39 39.84
N SER G 62 -7.59 -2.20 38.81
CA SER G 62 -7.37 -3.64 38.88
C SER G 62 -6.43 -4.06 37.75
N ALA G 63 -5.42 -4.87 38.09
CA ALA G 63 -4.47 -5.37 37.12
C ALA G 63 -4.16 -6.83 37.41
N GLN G 64 -3.56 -7.49 36.43
CA GLN G 64 -3.25 -8.91 36.54
C GLN G 64 -2.39 -9.30 35.35
N GLN G 65 -1.47 -10.24 35.56
CA GLN G 65 -0.62 -10.78 34.51
C GLN G 65 -1.07 -12.19 34.17
N PHE G 66 -1.29 -12.44 32.88
CA PHE G 66 -1.77 -13.74 32.42
C PHE G 66 -0.60 -14.71 32.24
N PRO G 67 -0.89 -16.01 32.17
CA PRO G 67 0.20 -17.00 32.03
C PRO G 67 1.05 -16.82 30.78
N ASP G 68 0.55 -16.16 29.74
CA ASP G 68 1.37 -15.86 28.58
C ASP G 68 2.22 -14.60 28.76
N LEU G 69 2.31 -14.10 29.99
CA LEU G 69 3.10 -12.95 30.42
C LEU G 69 2.51 -11.63 29.93
N HIS G 70 1.38 -11.64 29.25
CA HIS G 70 0.69 -10.40 28.90
C HIS G 70 -0.05 -9.87 30.12
N SER G 71 -0.25 -8.56 30.15
CA SER G 71 -0.82 -7.89 31.31
C SER G 71 -1.98 -7.01 30.91
N GLU G 72 -2.90 -6.82 31.86
CA GLU G 72 -4.10 -6.02 31.68
C GLU G 72 -4.22 -5.05 32.85
N LEU G 73 -4.89 -3.92 32.59
CA LEU G 73 -5.12 -2.92 33.63
C LEU G 73 -6.52 -2.35 33.46
N ASN G 74 -7.37 -2.55 34.47
CA ASN G 74 -8.74 -2.05 34.47
C ASN G 74 -8.84 -0.79 35.32
N LEU G 75 -9.20 0.31 34.69
CA LEU G 75 -9.51 1.55 35.40
C LEU G 75 -11.01 1.71 35.45
N SER G 76 -11.58 1.68 36.65
CA SER G 76 -13.02 1.66 36.84
C SER G 76 -13.50 2.95 37.51
N SER G 77 -14.78 3.27 37.28
CA SER G 77 -15.43 4.46 37.79
C SER G 77 -14.54 5.69 37.57
N LEU G 78 -14.30 5.98 36.30
CA LEU G 78 -13.28 6.95 35.93
C LEU G 78 -13.66 8.35 36.41
N GLU G 79 -12.63 9.10 36.81
CA GLU G 79 -12.78 10.48 37.23
C GLU G 79 -11.90 11.36 36.35
N LEU G 80 -12.12 12.68 36.46
CA LEU G 80 -11.33 13.61 35.65
C LEU G 80 -9.84 13.48 35.96
N GLY G 81 -9.50 13.23 37.24
CA GLY G 81 -8.11 13.11 37.64
C GLY G 81 -7.40 11.90 37.05
N ASP G 82 -8.15 10.90 36.61
CA ASP G 82 -7.55 9.72 35.97
C ASP G 82 -6.98 10.04 34.60
N SER G 83 -7.21 11.24 34.06
CA SER G 83 -6.65 11.64 32.79
C SER G 83 -5.14 11.73 32.90
N ALA G 84 -4.42 10.85 32.21
CA ALA G 84 -2.97 10.77 32.33
C ALA G 84 -2.44 9.89 31.21
N LEU G 85 -1.11 9.78 31.16
CA LEU G 85 -0.42 8.83 30.29
C LEU G 85 -0.11 7.57 31.09
N TYR G 86 -0.53 6.42 30.57
CA TYR G 86 -0.35 5.15 31.26
C TYR G 86 0.68 4.32 30.51
N PHE G 87 1.84 4.11 31.12
CA PHE G 87 2.94 3.38 30.52
C PHE G 87 3.00 1.95 31.04
N CYS G 88 3.50 1.07 30.19
CA CYS G 88 3.81 -0.31 30.56
C CYS G 88 5.30 -0.56 30.30
N ALA G 89 5.97 -1.18 31.25
CA ALA G 89 7.38 -1.51 31.12
C ALA G 89 7.57 -2.99 31.41
N SER G 90 8.67 -3.54 30.88
CA SER G 90 8.99 -4.94 31.10
C SER G 90 10.48 -5.10 31.29
N SER G 91 10.86 -6.12 32.06
CA SER G 91 12.24 -6.50 32.26
C SER G 91 12.33 -8.03 32.25
N VAL G 92 13.55 -8.54 32.05
CA VAL G 92 13.74 -9.99 32.01
C VAL G 92 13.29 -10.63 33.32
N ALA G 93 13.63 -10.01 34.45
CA ALA G 93 13.23 -10.53 35.75
C ALA G 93 13.33 -9.44 36.81
N THR G 94 13.80 -9.79 38.01
CA THR G 94 13.90 -8.87 39.13
C THR G 94 15.32 -8.43 39.41
N TYR G 95 16.16 -8.29 38.39
CA TYR G 95 17.56 -7.96 38.58
C TYR G 95 17.72 -6.49 38.95
N SER G 96 18.41 -6.22 40.05
CA SER G 96 18.68 -4.84 40.45
C SER G 96 19.74 -4.17 39.58
N THR G 97 20.45 -4.93 38.75
CA THR G 97 21.51 -4.39 37.90
C THR G 97 21.07 -4.17 36.46
N ASP G 98 19.80 -4.41 36.15
CA ASP G 98 19.28 -4.30 34.79
C ASP G 98 18.25 -3.18 34.72
N THR G 99 17.92 -2.78 33.50
CA THR G 99 16.98 -1.70 33.24
C THR G 99 15.63 -2.24 32.80
N GLN G 100 14.65 -1.35 32.78
CA GLN G 100 13.32 -1.64 32.25
C GLN G 100 13.21 -1.12 30.83
N TYR G 101 12.26 -1.70 30.08
CA TYR G 101 12.00 -1.31 28.70
C TYR G 101 10.54 -0.87 28.61
N PHE G 102 10.32 0.40 28.31
CA PHE G 102 8.99 0.99 28.32
C PHE G 102 8.31 0.84 26.96
N GLY G 103 6.98 0.88 26.99
CA GLY G 103 6.19 0.80 25.79
C GLY G 103 5.80 2.17 25.27
N PRO G 104 4.99 2.21 24.21
CA PRO G 104 4.64 3.51 23.61
C PRO G 104 3.79 4.38 24.52
N GLY G 105 2.92 3.79 25.33
CA GLY G 105 2.11 4.56 26.25
C GLY G 105 0.69 4.78 25.76
N THR G 106 -0.28 4.70 26.67
CA THR G 106 -1.69 4.95 26.37
C THR G 106 -2.11 6.26 27.00
N ARG G 107 -2.67 7.16 26.20
CA ARG G 107 -3.14 8.45 26.68
C ARG G 107 -4.64 8.38 26.93
N LEU G 108 -5.05 8.62 28.16
CA LEU G 108 -6.45 8.57 28.56
C LEU G 108 -6.93 9.96 28.92
N THR G 109 -8.03 10.39 28.31
CA THR G 109 -8.68 11.66 28.63
C THR G 109 -10.09 11.37 29.09
N VAL G 110 -10.41 11.80 30.31
CA VAL G 110 -11.73 11.60 30.90
C VAL G 110 -12.41 12.95 31.02
N LEU G 111 -13.54 13.08 30.34
CA LEU G 111 -14.33 14.31 30.36
C LEU G 111 -15.59 14.11 31.19
N GLU G 112 -16.21 15.23 31.58
CA GLU G 112 -17.48 15.16 32.30
C GLU G 112 -18.59 14.72 31.37
N ASP G 113 -18.64 15.30 30.17
CA ASP G 113 -19.57 14.89 29.13
C ASP G 113 -18.86 14.93 27.79
N LEU G 114 -19.33 14.10 26.86
CA LEU G 114 -18.75 14.06 25.53
C LEU G 114 -19.41 15.06 24.58
N LYS G 115 -20.16 16.02 25.12
CA LYS G 115 -20.79 17.02 24.27
C LYS G 115 -19.79 18.04 23.74
N ASN G 116 -18.75 18.33 24.50
CA ASN G 116 -17.77 19.35 24.15
C ASN G 116 -16.65 18.84 23.26
N VAL G 117 -16.72 17.59 22.80
CA VAL G 117 -15.75 17.05 21.86
C VAL G 117 -16.02 17.62 20.49
N PHE G 118 -14.99 18.21 19.87
CA PHE G 118 -15.11 18.80 18.55
C PHE G 118 -13.91 18.43 17.69
N PRO G 119 -14.12 18.08 16.43
CA PRO G 119 -13.01 17.84 15.52
C PRO G 119 -12.41 19.15 15.03
N PRO G 120 -11.20 19.14 14.50
CA PRO G 120 -10.55 20.38 14.07
C PRO G 120 -10.91 20.76 12.63
N GLU G 121 -10.73 22.05 12.34
CA GLU G 121 -10.79 22.58 10.99
C GLU G 121 -9.40 23.06 10.61
N VAL G 122 -8.91 22.62 9.44
CA VAL G 122 -7.55 22.91 9.01
C VAL G 122 -7.57 23.62 7.67
N ALA G 123 -6.56 24.44 7.45
CA ALA G 123 -6.43 25.20 6.20
C ALA G 123 -4.96 25.57 6.02
N VAL G 124 -4.38 25.20 4.89
CA VAL G 124 -2.99 25.56 4.61
C VAL G 124 -2.92 26.97 4.04
N PHE G 125 -1.78 27.62 4.24
CA PHE G 125 -1.54 28.97 3.75
C PHE G 125 -0.27 28.97 2.92
N GLU G 126 -0.40 29.36 1.66
CA GLU G 126 0.72 29.29 0.73
C GLU G 126 1.73 30.40 1.03
N PRO G 127 3.01 30.18 0.67
CA PRO G 127 4.05 31.12 1.09
C PRO G 127 3.91 32.48 0.39
N SER G 128 4.52 33.48 1.01
CA SER G 128 4.55 34.81 0.42
C SER G 128 5.67 34.90 -0.60
N GLU G 129 5.39 35.57 -1.72
CA GLU G 129 6.40 35.71 -2.77
C GLU G 129 7.53 36.65 -2.34
N ALA G 130 7.28 37.52 -1.37
CA ALA G 130 8.36 38.38 -0.85
C ALA G 130 9.44 37.56 -0.17
N GLU G 131 9.04 36.58 0.64
CA GLU G 131 10.03 35.71 1.29
C GLU G 131 10.73 34.81 0.27
N ILE G 132 9.98 34.33 -0.73
CA ILE G 132 10.58 33.48 -1.77
C ILE G 132 11.67 34.24 -2.50
N SER G 133 11.48 35.54 -2.71
CA SER G 133 12.46 36.37 -3.40
C SER G 133 13.61 36.79 -2.50
N HIS G 134 13.41 36.76 -1.18
CA HIS G 134 14.42 37.24 -0.24
C HIS G 134 15.20 36.12 0.44
N THR G 135 14.66 34.89 0.43
CA THR G 135 15.31 33.77 1.09
C THR G 135 15.48 32.54 0.22
N GLN G 136 14.91 32.53 -0.99
CA GLN G 136 15.00 31.39 -1.92
C GLN G 136 14.46 30.12 -1.30
N LYS G 137 13.54 30.25 -0.34
CA LYS G 137 12.88 29.12 0.29
C LYS G 137 11.42 29.50 0.55
N ALA G 138 10.56 28.49 0.58
CA ALA G 138 9.12 28.68 0.71
C ALA G 138 8.62 27.98 1.96
N THR G 139 7.86 28.70 2.79
CA THR G 139 7.29 28.16 4.02
C THR G 139 5.78 28.01 3.88
N LEU G 140 5.28 26.81 4.13
CA LEU G 140 3.85 26.54 4.14
C LEU G 140 3.37 26.42 5.59
N VAL G 141 2.28 27.11 5.91
CA VAL G 141 1.73 27.11 7.25
C VAL G 141 0.39 26.38 7.22
N CYS G 142 0.17 25.53 8.23
CA CYS G 142 -1.05 24.76 8.37
C CYS G 142 -1.64 25.01 9.75
N LEU G 143 -2.84 25.60 9.78
CA LEU G 143 -3.50 25.98 11.03
C LEU G 143 -4.61 24.99 11.33
N ALA G 144 -4.57 24.38 12.51
CA ALA G 144 -5.65 23.54 13.01
C ALA G 144 -6.30 24.26 14.19
N THR G 145 -7.60 24.49 14.10
CA THR G 145 -8.31 25.30 15.10
C THR G 145 -9.62 24.62 15.47
N GLY G 146 -10.09 24.90 16.68
CA GLY G 146 -11.41 24.50 17.10
C GLY G 146 -11.60 23.02 17.39
N PHE G 147 -10.63 22.39 18.05
CA PHE G 147 -10.74 20.98 18.42
C PHE G 147 -10.56 20.82 19.93
N TYR G 148 -11.19 19.77 20.45
CA TYR G 148 -11.14 19.44 21.87
C TYR G 148 -11.53 17.99 22.07
N PRO G 149 -10.77 17.20 22.85
CA PRO G 149 -9.49 17.56 23.48
C PRO G 149 -8.31 17.58 22.50
N ASP G 150 -7.10 17.57 23.06
CA ASP G 150 -5.88 17.73 22.27
C ASP G 150 -5.22 16.40 21.91
N HIS G 151 -5.99 15.50 21.29
CA HIS G 151 -5.44 14.23 20.81
C HIS G 151 -5.29 14.29 19.29
N VAL G 152 -4.37 15.15 18.84
CA VAL G 152 -4.17 15.41 17.42
C VAL G 152 -2.73 15.09 17.04
N GLU G 153 -2.57 14.49 15.87
CA GLU G 153 -1.25 14.19 15.28
C GLU G 153 -1.19 14.86 13.92
N LEU G 154 -0.40 15.92 13.81
CA LEU G 154 -0.24 16.64 12.56
C LEU G 154 0.95 16.08 11.79
N SER G 155 0.82 16.01 10.47
CA SER G 155 1.88 15.51 9.61
C SER G 155 1.73 16.12 8.22
N TRP G 156 2.86 16.35 7.57
CA TRP G 156 2.89 16.87 6.21
C TRP G 156 3.15 15.72 5.23
N TRP G 157 2.50 15.80 4.06
CA TRP G 157 2.61 14.78 3.02
C TRP G 157 2.81 15.47 1.67
N VAL G 158 3.97 15.25 1.05
CA VAL G 158 4.23 15.74 -0.29
C VAL G 158 4.13 14.58 -1.26
N ASN G 159 3.29 14.74 -2.29
CA ASN G 159 3.10 13.73 -3.33
C ASN G 159 2.76 12.36 -2.73
N GLY G 160 1.85 12.38 -1.75
CA GLY G 160 1.41 11.14 -1.14
C GLY G 160 2.44 10.43 -0.30
N LYS G 161 3.52 11.11 0.10
CA LYS G 161 4.56 10.51 0.91
C LYS G 161 4.88 11.42 2.10
N GLU G 162 4.92 10.84 3.29
CA GLU G 162 5.18 11.63 4.49
C GLU G 162 6.63 12.12 4.50
N VAL G 163 6.82 13.37 4.92
CA VAL G 163 8.13 13.98 4.99
C VAL G 163 8.36 14.49 6.41
N HIS G 164 9.62 14.40 6.86
CA HIS G 164 10.02 14.85 8.18
C HIS G 164 11.07 15.94 8.16
N SER G 165 11.74 16.16 7.02
CA SER G 165 12.77 17.20 6.92
C SER G 165 12.13 18.55 6.63
N GLY G 166 12.66 19.59 7.26
CA GLY G 166 12.15 20.93 7.05
C GLY G 166 10.79 21.20 7.66
N VAL G 167 10.32 20.32 8.54
CA VAL G 167 8.99 20.43 9.14
C VAL G 167 9.12 20.91 10.57
N CYS G 168 8.27 21.85 10.96
CA CYS G 168 8.13 22.27 12.35
C CYS G 168 6.67 22.15 12.78
N THR G 169 6.45 21.67 13.99
CA THR G 169 5.13 21.63 14.62
C THR G 169 5.24 22.18 16.03
N ASP G 170 4.21 22.92 16.44
CA ASP G 170 4.19 23.45 17.79
C ASP G 170 4.25 22.31 18.81
N PRO G 171 4.98 22.50 19.91
CA PRO G 171 5.10 21.40 20.89
C PRO G 171 3.80 21.08 21.60
N GLN G 172 3.07 22.09 22.04
CA GLN G 172 1.82 21.89 22.75
C GLN G 172 0.67 22.61 22.06
N PRO G 173 -0.54 22.05 22.10
CA PRO G 173 -1.69 22.77 21.52
C PRO G 173 -2.06 23.97 22.38
N LEU G 174 -2.40 25.06 21.69
CA LEU G 174 -2.69 26.33 22.35
C LEU G 174 -4.19 26.49 22.60
N LYS G 175 -4.53 26.99 23.79
CA LYS G 175 -5.92 27.34 24.06
C LYS G 175 -6.26 28.62 23.32
N GLU G 176 -7.42 28.63 22.66
CA GLU G 176 -7.86 29.82 21.95
C GLU G 176 -8.16 30.95 22.93
N GLN G 177 -9.20 30.78 23.76
CA GLN G 177 -9.56 31.76 24.77
C GLN G 177 -9.28 31.19 26.16
N PRO G 178 -8.17 31.57 26.81
CA PRO G 178 -7.86 31.01 28.14
C PRO G 178 -8.80 31.51 29.23
N ALA G 179 -9.89 30.80 29.49
CA ALA G 179 -10.88 31.23 30.48
C ALA G 179 -11.48 29.99 31.15
N LEU G 180 -12.37 30.23 32.12
CA LEU G 180 -12.94 29.12 32.89
C LEU G 180 -13.74 28.20 31.98
N ASN G 181 -14.60 28.77 31.13
CA ASN G 181 -15.28 27.96 30.13
C ASN G 181 -14.24 27.31 29.24
N ASP G 182 -14.31 25.99 29.14
CA ASP G 182 -13.29 25.20 28.45
C ASP G 182 -13.23 25.56 26.97
N SER G 183 -12.22 26.33 26.58
CA SER G 183 -12.05 26.72 25.19
C SER G 183 -11.38 25.60 24.42
N ARG G 184 -11.57 25.64 23.10
CA ARG G 184 -10.99 24.64 22.21
C ARG G 184 -9.52 24.95 21.96
N TYR G 185 -8.84 24.01 21.30
CA TYR G 185 -7.40 24.09 21.12
C TYR G 185 -7.04 24.49 19.70
N ALA G 186 -5.82 24.98 19.54
CA ALA G 186 -5.26 25.34 18.25
C ALA G 186 -3.88 24.71 18.11
N LEU G 187 -3.43 24.60 16.87
CA LEU G 187 -2.11 24.02 16.60
C LEU G 187 -1.66 24.49 15.23
N SER G 188 -0.47 25.09 15.17
CA SER G 188 0.10 25.54 13.92
C SER G 188 1.32 24.69 13.57
N SER G 189 1.66 24.68 12.28
CA SER G 189 2.80 23.92 11.80
C SER G 189 3.34 24.57 10.55
N ARG G 190 4.64 24.46 10.35
CA ARG G 190 5.32 25.07 9.22
C ARG G 190 6.08 24.01 8.44
N LEU G 191 6.11 24.17 7.12
CA LEU G 191 6.89 23.32 6.23
C LEU G 191 7.66 24.19 5.27
N ARG G 192 8.99 24.08 5.30
CA ARG G 192 9.86 24.87 4.45
C ARG G 192 10.52 23.96 3.43
N VAL G 193 10.43 24.33 2.15
CA VAL G 193 10.99 23.55 1.05
C VAL G 193 11.77 24.49 0.14
N SER G 194 12.43 23.88 -0.86
CA SER G 194 13.16 24.66 -1.85
C SER G 194 12.19 25.52 -2.65
N ALA G 195 12.64 26.73 -3.01
CA ALA G 195 11.81 27.61 -3.82
C ALA G 195 11.48 26.99 -5.16
N THR G 196 12.41 26.21 -5.73
CA THR G 196 12.13 25.53 -6.99
C THR G 196 11.07 24.45 -6.81
N PHE G 197 11.10 23.73 -5.67
CA PHE G 197 10.11 22.69 -5.44
C PHE G 197 8.71 23.28 -5.29
N TRP G 198 8.60 24.45 -4.67
CA TRP G 198 7.31 25.14 -4.60
C TRP G 198 6.91 25.72 -5.95
N GLN G 199 7.89 26.07 -6.78
CA GLN G 199 7.60 26.67 -8.08
C GLN G 199 6.99 25.64 -9.03
N ASN G 200 7.44 24.40 -8.96
CA ASN G 200 6.91 23.34 -9.81
C ASN G 200 5.45 23.06 -9.47
N PRO G 201 4.52 23.21 -10.42
CA PRO G 201 3.10 23.01 -10.10
C PRO G 201 2.63 21.56 -10.19
N ARG G 202 3.53 20.62 -10.43
CA ARG G 202 3.16 19.21 -10.52
C ARG G 202 3.31 18.47 -9.20
N ASN G 203 3.92 19.09 -8.18
CA ASN G 203 4.03 18.48 -6.86
C ASN G 203 2.92 19.00 -5.98
N HIS G 204 2.39 18.11 -5.14
CA HIS G 204 1.20 18.40 -4.35
C HIS G 204 1.55 18.31 -2.86
N PHE G 205 1.09 19.30 -2.10
CA PHE G 205 1.30 19.35 -0.65
C PHE G 205 -0.02 19.16 0.05
N ARG G 206 -0.02 18.34 1.11
CA ARG G 206 -1.23 18.07 1.88
C ARG G 206 -0.87 17.96 3.35
N CYS G 207 -1.52 18.78 4.17
CA CYS G 207 -1.34 18.77 5.62
C CYS G 207 -2.43 17.92 6.25
N GLN G 208 -2.02 16.83 6.90
CA GLN G 208 -2.94 15.88 7.51
C GLN G 208 -2.91 16.03 9.03
N VAL G 209 -4.10 16.12 9.63
CA VAL G 209 -4.25 16.19 11.07
C VAL G 209 -5.09 14.99 11.50
N GLN G 210 -4.47 14.05 12.21
CA GLN G 210 -5.16 12.88 12.73
C GLN G 210 -5.81 13.25 14.06
N PHE G 211 -7.13 13.31 14.08
CA PHE G 211 -7.88 13.66 15.28
C PHE G 211 -8.42 12.38 15.92
N TYR G 212 -8.20 12.24 17.22
CA TYR G 212 -8.70 11.12 18.01
C TYR G 212 -9.88 11.61 18.83
N GLY G 213 -11.04 10.97 18.66
CA GLY G 213 -12.22 11.35 19.39
C GLY G 213 -13.01 10.17 19.91
N LEU G 214 -14.28 10.09 19.52
CA LEU G 214 -15.17 9.04 19.98
C LEU G 214 -15.05 7.80 19.10
N SER G 215 -15.30 6.64 19.71
CA SER G 215 -15.38 5.37 18.98
C SER G 215 -16.83 5.09 18.60
N GLU G 216 -16.99 4.12 17.69
CA GLU G 216 -18.31 3.81 17.14
C GLU G 216 -19.27 3.26 18.20
N ASN G 217 -18.76 2.63 19.26
CA ASN G 217 -19.64 2.05 20.27
C ASN G 217 -20.46 3.11 20.99
N ASP G 218 -19.88 4.29 21.21
CA ASP G 218 -20.55 5.34 21.95
C ASP G 218 -21.72 5.95 21.18
N GLU G 219 -22.69 6.46 21.93
CA GLU G 219 -23.88 7.10 21.40
C GLU G 219 -23.63 8.59 21.15
N TRP G 220 -24.52 9.20 20.37
CA TRP G 220 -24.37 10.60 19.99
C TRP G 220 -25.75 11.23 19.84
N THR G 221 -26.00 12.30 20.61
CA THR G 221 -27.30 12.95 20.65
C THR G 221 -27.29 14.36 20.05
N GLN G 222 -26.15 14.89 19.63
CA GLN G 222 -26.09 16.24 19.11
C GLN G 222 -26.58 16.30 17.67
N ASP G 223 -26.95 17.51 17.23
CA ASP G 223 -27.44 17.70 15.87
C ASP G 223 -26.31 17.64 14.84
N ARG G 224 -25.14 18.13 15.20
CA ARG G 224 -23.98 18.16 14.32
C ARG G 224 -23.39 16.76 14.18
N ALA G 225 -22.41 16.64 13.28
CA ALA G 225 -21.81 15.34 13.00
C ALA G 225 -21.06 14.82 14.22
N LYS G 226 -20.92 13.50 14.26
CA LYS G 226 -20.23 12.85 15.37
C LYS G 226 -18.76 13.21 15.35
N PRO G 227 -18.18 13.63 16.49
CA PRO G 227 -16.72 13.88 16.50
C PRO G 227 -15.94 12.58 16.68
N VAL G 228 -16.03 11.75 15.64
CA VAL G 228 -15.37 10.45 15.65
C VAL G 228 -13.89 10.62 15.33
N THR G 229 -13.10 9.61 15.68
CA THR G 229 -11.69 9.61 15.31
C THR G 229 -11.56 9.69 13.79
N GLN G 230 -11.11 10.83 13.28
CA GLN G 230 -11.11 11.11 11.85
C GLN G 230 -9.84 11.86 11.49
N ILE G 231 -9.72 12.19 10.20
CA ILE G 231 -8.57 12.90 9.65
C ILE G 231 -9.07 14.12 8.88
N VAL G 232 -8.55 15.29 9.23
CA VAL G 232 -8.88 16.55 8.56
C VAL G 232 -7.62 17.02 7.83
N SER G 233 -7.78 17.34 6.54
CA SER G 233 -6.65 17.66 5.67
C SER G 233 -6.93 18.94 4.90
N ALA G 234 -5.86 19.47 4.30
CA ALA G 234 -5.92 20.66 3.46
C ALA G 234 -4.77 20.59 2.47
N GLU G 235 -5.03 21.01 1.23
CA GLU G 235 -4.09 20.78 0.14
C GLU G 235 -3.70 22.09 -0.53
N ALA G 236 -2.64 22.02 -1.34
CA ALA G 236 -2.14 23.14 -2.11
C ALA G 236 -1.29 22.61 -3.25
N TRP G 237 -1.12 23.44 -4.28
CA TRP G 237 -0.38 23.08 -5.47
C TRP G 237 0.67 24.15 -5.77
N GLY G 238 1.63 23.79 -6.61
CA GLY G 238 2.76 24.67 -6.87
C GLY G 238 2.41 25.92 -7.66
N ARG G 239 3.39 26.82 -7.74
CA ARG G 239 3.26 28.09 -8.44
C ARG G 239 3.50 27.88 -9.94
N ALA G 240 3.70 28.97 -10.67
CA ALA G 240 3.98 28.90 -12.10
C ALA G 240 5.39 28.36 -12.35
N GLY H 1 48.62 -6.60 58.89
CA GLY H 1 48.66 -5.81 57.67
C GLY H 1 47.47 -6.04 56.76
N SER H 2 47.28 -7.30 56.37
CA SER H 2 46.14 -7.65 55.53
C SER H 2 44.89 -7.85 56.39
N HIS H 3 43.76 -7.35 55.89
CA HIS H 3 42.48 -7.47 56.58
C HIS H 3 41.41 -7.86 55.58
N SER H 4 40.31 -8.38 56.10
CA SER H 4 39.24 -8.86 55.22
C SER H 4 37.90 -8.71 55.93
N MET H 5 36.85 -8.50 55.12
CA MET H 5 35.48 -8.50 55.58
C MET H 5 34.69 -9.52 54.77
N ARG H 6 33.91 -10.36 55.44
CA ARG H 6 33.19 -11.44 54.80
C ARG H 6 31.75 -11.48 55.29
N TYR H 7 30.85 -11.86 54.38
CA TYR H 7 29.45 -12.07 54.69
C TYR H 7 29.07 -13.46 54.23
N PHE H 8 28.56 -14.28 55.15
CA PHE H 8 28.17 -15.65 54.86
C PHE H 8 26.66 -15.76 54.90
N HIS H 9 26.10 -16.61 54.03
CA HIS H 9 24.67 -16.83 53.99
C HIS H 9 24.40 -18.32 53.85
N THR H 10 23.40 -18.81 54.56
CA THR H 10 23.03 -20.22 54.49
C THR H 10 21.52 -20.33 54.51
N SER H 11 20.97 -21.06 53.54
CA SER H 11 19.54 -21.30 53.43
C SER H 11 19.32 -22.80 53.27
N VAL H 12 18.55 -23.40 54.19
CA VAL H 12 18.21 -24.81 54.14
C VAL H 12 16.69 -24.93 54.16
N SER H 13 16.14 -25.58 53.14
CA SER H 13 14.70 -25.77 53.05
C SER H 13 14.24 -26.88 53.99
N ARG H 14 13.04 -26.70 54.54
CA ARG H 14 12.40 -27.69 55.42
C ARG H 14 11.05 -28.04 54.78
N PRO H 15 11.05 -28.99 53.84
CA PRO H 15 9.80 -29.34 53.14
C PRO H 15 8.78 -29.93 54.10
N GLY H 16 7.63 -29.27 54.20
CA GLY H 16 6.58 -29.66 55.10
C GLY H 16 6.60 -28.97 56.45
N ARG H 17 7.74 -28.43 56.86
CA ARG H 17 7.85 -27.74 58.15
C ARG H 17 7.74 -26.22 58.04
N GLY H 18 7.55 -25.67 56.84
CA GLY H 18 7.39 -24.25 56.66
C GLY H 18 8.42 -23.68 55.70
N GLU H 19 8.72 -22.39 55.87
CA GLU H 19 9.66 -21.70 55.00
C GLU H 19 11.10 -22.11 55.31
N PRO H 20 12.00 -21.98 54.34
CA PRO H 20 13.40 -22.32 54.58
C PRO H 20 14.04 -21.43 55.63
N ARG H 21 14.94 -22.02 56.41
CA ARG H 21 15.68 -21.29 57.42
C ARG H 21 16.83 -20.52 56.78
N PHE H 22 16.99 -19.27 57.19
CA PHE H 22 18.02 -18.39 56.64
C PHE H 22 18.86 -17.84 57.78
N ILE H 23 20.17 -18.08 57.72
CA ILE H 23 21.10 -17.57 58.71
C ILE H 23 22.26 -16.91 57.98
N THR H 24 22.57 -15.67 58.34
CA THR H 24 23.68 -14.94 57.77
C THR H 24 24.49 -14.29 58.87
N VAL H 25 25.80 -14.22 58.66
CA VAL H 25 26.74 -13.66 59.65
C VAL H 25 27.75 -12.80 58.93
N GLY H 26 28.34 -11.87 59.67
CA GLY H 26 29.39 -11.02 59.13
C GLY H 26 30.64 -11.08 59.97
N TYR H 27 31.78 -11.13 59.30
CA TYR H 27 33.08 -11.20 59.97
C TYR H 27 33.99 -10.10 59.46
N VAL H 28 34.67 -9.43 60.38
CA VAL H 28 35.83 -8.59 60.07
C VAL H 28 37.04 -9.34 60.59
N ASP H 29 37.83 -9.89 59.67
CA ASP H 29 38.92 -10.81 59.98
C ASP H 29 38.31 -12.02 60.67
N ASP H 30 38.68 -12.34 61.91
CA ASP H 30 38.11 -13.47 62.63
C ASP H 30 37.18 -13.03 63.76
N THR H 31 36.51 -11.89 63.59
CA THR H 31 35.63 -11.34 64.62
C THR H 31 34.22 -11.19 64.06
N LEU H 32 33.27 -11.87 64.69
CA LEU H 32 31.87 -11.74 64.33
C LEU H 32 31.31 -10.41 64.83
N PHE H 33 30.55 -9.73 63.97
CA PHE H 33 29.98 -8.44 64.36
C PHE H 33 28.53 -8.22 63.97
N VAL H 34 27.96 -8.98 63.02
CA VAL H 34 26.55 -8.87 62.68
C VAL H 34 26.00 -10.26 62.38
N ARG H 35 24.70 -10.42 62.57
CA ARG H 35 24.04 -11.69 62.30
C ARG H 35 22.55 -11.44 62.06
N PHE H 36 21.90 -12.44 61.45
CA PHE H 36 20.47 -12.38 61.19
C PHE H 36 19.96 -13.79 61.03
N ASP H 37 18.98 -14.17 61.85
CA ASP H 37 18.36 -15.49 61.80
C ASP H 37 16.89 -15.34 61.46
N SER H 38 16.45 -16.06 60.42
CA SER H 38 15.06 -15.96 59.99
C SER H 38 14.10 -16.59 60.99
N ASP H 39 14.59 -17.49 61.84
CA ASP H 39 13.76 -18.21 62.81
C ASP H 39 13.72 -17.52 64.17
N ALA H 40 13.61 -16.20 64.17
CA ALA H 40 13.51 -15.42 65.41
C ALA H 40 12.24 -14.59 65.42
N ALA H 41 11.85 -14.16 66.61
CA ALA H 41 10.70 -13.26 66.75
C ALA H 41 11.11 -11.86 66.30
N SER H 42 10.43 -11.35 65.26
CA SER H 42 10.79 -10.11 64.60
C SER H 42 12.26 -10.15 64.16
N PRO H 43 12.59 -10.90 63.11
CA PRO H 43 14.00 -11.05 62.74
C PRO H 43 14.59 -9.74 62.25
N ARG H 44 15.72 -9.36 62.84
CA ARG H 44 16.42 -8.13 62.48
C ARG H 44 17.91 -8.36 62.58
N GLU H 45 18.67 -7.60 61.80
CA GLU H 45 20.12 -7.67 61.86
C GLU H 45 20.59 -7.18 63.23
N GLU H 46 21.23 -8.06 63.99
CA GLU H 46 21.66 -7.75 65.34
C GLU H 46 23.18 -7.61 65.41
N PRO H 47 23.69 -6.75 66.29
CA PRO H 47 25.14 -6.60 66.41
C PRO H 47 25.77 -7.70 67.26
N ARG H 48 27.06 -7.89 67.03
CA ARG H 48 27.83 -8.85 67.81
C ARG H 48 29.21 -8.33 68.20
N ALA H 49 29.55 -7.08 67.87
CA ALA H 49 30.80 -6.47 68.27
C ALA H 49 30.52 -5.09 68.86
N PRO H 50 31.36 -4.63 69.79
CA PRO H 50 31.11 -3.32 70.41
C PRO H 50 31.26 -2.16 69.44
N TRP H 51 32.16 -2.24 68.46
CA TRP H 51 32.44 -1.12 67.58
C TRP H 51 31.41 -0.95 66.47
N ILE H 52 30.44 -1.87 66.34
CA ILE H 52 29.38 -1.72 65.34
C ILE H 52 28.08 -1.22 65.94
N GLU H 53 27.93 -1.23 67.26
CA GLU H 53 26.68 -0.85 67.89
C GLU H 53 26.39 0.64 67.82
N GLN H 54 27.36 1.47 67.47
CA GLN H 54 27.17 2.91 67.40
C GLN H 54 26.53 3.38 66.11
N GLU H 55 26.28 2.49 65.16
CA GLU H 55 25.68 2.91 63.89
C GLU H 55 24.22 3.28 64.08
N GLY H 56 23.76 4.23 63.27
CA GLY H 56 22.42 4.76 63.39
C GLY H 56 21.34 3.78 62.98
N PRO H 57 20.08 4.13 63.30
CA PRO H 57 18.97 3.23 62.95
C PRO H 57 18.82 3.00 61.45
N GLU H 58 19.19 3.98 60.62
CA GLU H 58 19.10 3.79 59.18
C GLU H 58 20.02 2.69 58.71
N TYR H 59 21.19 2.56 59.34
CA TYR H 59 22.11 1.47 59.00
C TYR H 59 21.46 0.11 59.28
N TRP H 60 20.90 -0.06 60.47
CA TRP H 60 20.32 -1.34 60.85
C TRP H 60 19.07 -1.67 60.03
N ASP H 61 18.25 -0.67 59.73
CA ASP H 61 17.07 -0.90 58.92
C ASP H 61 17.44 -1.36 57.52
N ARG H 62 18.50 -0.77 56.95
CA ARG H 62 18.96 -1.19 55.62
C ARG H 62 19.48 -2.62 55.66
N GLU H 63 20.33 -2.95 56.63
CA GLU H 63 20.90 -4.29 56.69
C GLU H 63 19.82 -5.34 56.96
N THR H 64 18.81 -4.98 57.75
CA THR H 64 17.69 -5.90 57.96
C THR H 64 16.91 -6.13 56.68
N GLN H 65 16.63 -5.07 55.93
CA GLN H 65 15.90 -5.22 54.67
C GLN H 65 16.77 -5.85 53.59
N ILE H 66 18.09 -5.87 53.78
CA ILE H 66 18.97 -6.56 52.85
C ILE H 66 19.01 -8.05 53.17
N SER H 67 19.05 -8.39 54.45
CA SER H 67 19.04 -9.80 54.83
C SER H 67 17.68 -10.44 54.58
N LYS H 68 16.60 -9.66 54.66
CA LYS H 68 15.28 -10.21 54.39
C LYS H 68 15.02 -10.36 52.90
N ALA H 69 15.65 -9.52 52.08
CA ALA H 69 15.55 -9.71 50.63
C ALA H 69 16.42 -10.86 50.16
N LYS H 70 17.56 -11.09 50.80
CA LYS H 70 18.40 -12.23 50.46
C LYS H 70 17.72 -13.54 50.83
N ALA H 71 16.98 -13.55 51.94
CA ALA H 71 16.24 -14.74 52.32
C ALA H 71 15.09 -15.00 51.35
N GLN H 72 14.46 -13.94 50.85
CA GLN H 72 13.43 -14.10 49.83
C GLN H 72 14.03 -14.58 48.52
N THR H 73 15.21 -14.06 48.18
CA THR H 73 15.88 -14.48 46.94
C THR H 73 16.32 -15.94 47.02
N ASP H 74 16.76 -16.38 48.21
CA ASP H 74 17.15 -17.78 48.37
C ASP H 74 15.96 -18.72 48.24
N ARG H 75 14.77 -18.27 48.64
CA ARG H 75 13.58 -19.09 48.47
C ARG H 75 13.23 -19.25 46.99
N GLU H 76 13.37 -18.18 46.21
CA GLU H 76 13.12 -18.29 44.77
C GLU H 76 14.18 -19.16 44.10
N ASP H 77 15.44 -19.03 44.51
CA ASP H 77 16.51 -19.79 43.88
C ASP H 77 16.42 -21.27 44.22
N LEU H 78 16.04 -21.59 45.46
CA LEU H 78 15.86 -22.98 45.83
C LEU H 78 14.78 -23.64 44.99
N ARG H 79 13.70 -22.91 44.69
CA ARG H 79 12.66 -23.44 43.80
C ARG H 79 13.13 -23.46 42.35
N THR H 80 14.02 -22.54 41.96
CA THR H 80 14.56 -22.56 40.62
C THR H 80 15.49 -23.75 40.40
N LEU H 81 16.33 -24.04 41.39
CA LEU H 81 17.29 -25.15 41.26
C LEU H 81 16.59 -26.50 41.21
N LEU H 82 15.40 -26.62 41.81
CA LEU H 82 14.63 -27.85 41.67
C LEU H 82 14.23 -28.06 40.21
N ARG H 83 13.89 -26.99 39.52
CA ARG H 83 13.57 -27.09 38.09
C ARG H 83 14.81 -27.43 37.26
N TYR H 84 15.94 -26.81 37.59
CA TYR H 84 17.17 -27.05 36.83
C TYR H 84 17.63 -28.50 36.97
N TYR H 85 17.53 -29.06 38.18
CA TYR H 85 18.03 -30.40 38.46
C TYR H 85 16.92 -31.44 38.55
N ASN H 86 15.68 -31.06 38.27
CA ASN H 86 14.53 -31.97 38.25
C ASN H 86 14.39 -32.72 39.58
N GLN H 87 14.68 -32.03 40.68
CA GLN H 87 14.59 -32.63 42.00
C GLN H 87 13.18 -32.47 42.56
N SER H 88 12.90 -33.26 43.60
CA SER H 88 11.58 -33.28 44.20
C SER H 88 11.40 -32.12 45.18
N GLU H 89 10.14 -31.70 45.34
CA GLU H 89 9.80 -30.62 46.27
C GLU H 89 9.76 -31.09 47.71
N ALA H 90 9.95 -32.38 47.97
CA ALA H 90 9.92 -32.93 49.32
C ALA H 90 11.30 -33.18 49.90
N GLY H 91 12.36 -32.83 49.19
CA GLY H 91 13.72 -33.04 49.67
C GLY H 91 14.32 -31.74 50.18
N SER H 92 15.10 -31.84 51.25
CA SER H 92 15.76 -30.68 51.82
C SER H 92 17.07 -30.42 51.09
N HIS H 93 17.27 -29.17 50.67
CA HIS H 93 18.49 -28.77 49.97
C HIS H 93 19.07 -27.55 50.66
N THR H 94 20.35 -27.30 50.38
CA THR H 94 21.11 -26.26 51.04
C THR H 94 21.69 -25.29 50.02
N LEU H 95 21.49 -23.99 50.25
CA LEU H 95 22.09 -22.94 49.47
C LEU H 95 23.02 -22.12 50.35
N GLN H 96 24.25 -21.91 49.89
CA GLN H 96 25.26 -21.16 50.62
C GLN H 96 25.84 -20.09 49.70
N ASN H 97 26.18 -18.93 50.29
CA ASN H 97 26.74 -17.82 49.56
C ASN H 97 27.74 -17.08 50.44
N MET H 98 28.86 -16.68 49.85
CA MET H 98 29.87 -15.90 50.56
C MET H 98 30.44 -14.87 49.59
N TYR H 99 30.54 -13.63 50.05
CA TYR H 99 31.20 -12.56 49.32
C TYR H 99 31.98 -11.70 50.30
N GLY H 100 33.05 -11.10 49.82
CA GLY H 100 33.88 -10.29 50.69
C GLY H 100 35.02 -9.67 49.92
N CYS H 101 35.80 -8.85 50.63
CA CYS H 101 36.91 -8.12 50.04
C CYS H 101 38.12 -8.19 50.95
N ASP H 102 39.31 -8.26 50.35
CA ASP H 102 40.58 -8.21 51.06
C ASP H 102 41.26 -6.87 50.82
N VAL H 103 41.97 -6.39 51.84
CA VAL H 103 42.76 -5.16 51.74
C VAL H 103 44.13 -5.44 52.34
N GLY H 104 45.15 -4.79 51.77
CA GLY H 104 46.49 -4.93 52.27
C GLY H 104 46.89 -3.82 53.22
N PRO H 105 48.19 -3.67 53.48
CA PRO H 105 48.64 -2.55 54.31
C PRO H 105 48.44 -1.20 53.66
N ASP H 106 48.34 -1.15 52.33
CA ASP H 106 48.11 0.11 51.63
C ASP H 106 46.69 0.63 51.82
N GLY H 107 45.75 -0.22 52.20
CA GLY H 107 44.36 0.18 52.30
C GLY H 107 43.57 0.08 51.02
N ARG H 108 44.08 -0.66 50.03
CA ARG H 108 43.43 -0.83 48.75
C ARG H 108 43.08 -2.29 48.54
N LEU H 109 42.20 -2.56 47.58
CA LEU H 109 41.68 -3.91 47.37
C LEU H 109 42.78 -4.83 46.83
N LEU H 110 42.88 -6.02 47.42
CA LEU H 110 43.76 -7.08 46.93
C LEU H 110 43.02 -8.17 46.19
N ARG H 111 41.87 -8.61 46.73
CA ARG H 111 41.11 -9.70 46.14
C ARG H 111 39.65 -9.59 46.59
N GLY H 112 38.74 -9.80 45.66
CA GLY H 112 37.32 -9.79 45.92
C GLY H 112 36.74 -11.18 45.69
N TYR H 113 35.64 -11.48 46.39
CA TYR H 113 35.04 -12.80 46.37
C TYR H 113 33.53 -12.72 46.19
N HIS H 114 32.98 -13.69 45.46
CA HIS H 114 31.54 -13.93 45.41
C HIS H 114 31.28 -15.29 44.80
N GLN H 115 30.71 -16.21 45.58
CA GLN H 115 30.53 -17.57 45.12
C GLN H 115 29.35 -18.20 45.86
N ASP H 116 28.65 -19.08 45.15
CA ASP H 116 27.48 -19.77 45.68
C ASP H 116 27.72 -21.27 45.60
N ALA H 117 26.98 -22.01 46.44
CA ALA H 117 27.10 -23.45 46.50
C ALA H 117 25.72 -24.07 46.75
N TYR H 118 25.45 -25.17 46.06
CA TYR H 118 24.19 -25.89 46.19
C TYR H 118 24.47 -27.30 46.67
N ASP H 119 23.94 -27.66 47.84
CA ASP H 119 24.13 -28.98 48.44
C ASP H 119 25.60 -29.28 48.69
N GLY H 120 26.35 -28.25 49.09
CA GLY H 120 27.75 -28.40 49.43
C GLY H 120 28.72 -28.34 48.27
N LYS H 121 28.24 -28.40 47.03
CA LYS H 121 29.08 -28.35 45.86
C LYS H 121 28.98 -26.98 45.19
N ASP H 122 30.06 -26.59 44.53
CA ASP H 122 30.12 -25.28 43.89
C ASP H 122 29.06 -25.15 42.81
N TYR H 123 28.51 -23.95 42.69
CA TYR H 123 27.51 -23.66 41.66
C TYR H 123 28.04 -22.60 40.69
N ILE H 124 28.14 -21.34 41.09
CA ILE H 124 28.72 -20.30 40.26
C ILE H 124 29.58 -19.41 41.14
N ALA H 125 30.72 -18.97 40.61
CA ALA H 125 31.66 -18.15 41.35
C ALA H 125 32.17 -17.03 40.47
N LEU H 126 32.48 -15.90 41.11
CA LEU H 126 33.07 -14.76 40.41
C LEU H 126 34.58 -14.95 40.31
N ASN H 127 35.12 -14.77 39.10
CA ASN H 127 36.55 -14.92 38.87
C ASN H 127 37.33 -13.78 39.52
N GLU H 128 38.65 -13.94 39.57
CA GLU H 128 39.50 -12.96 40.24
C GLU H 128 39.54 -11.62 39.53
N ASP H 129 39.23 -11.57 38.23
CA ASP H 129 39.15 -10.30 37.52
C ASP H 129 37.89 -9.51 37.83
N LEU H 130 36.98 -10.07 38.62
CA LEU H 130 35.73 -9.40 39.01
C LEU H 130 34.91 -8.99 37.80
N SER H 131 35.04 -9.72 36.69
CA SER H 131 34.31 -9.41 35.47
C SER H 131 33.83 -10.65 34.71
N SER H 132 34.09 -11.86 35.20
CA SER H 132 33.66 -13.08 34.54
C SER H 132 33.25 -14.10 35.60
N TRP H 133 32.56 -15.16 35.16
CA TRP H 133 32.04 -16.18 36.05
C TRP H 133 32.59 -17.55 35.66
N THR H 134 32.59 -18.45 36.65
CA THR H 134 32.96 -19.85 36.46
C THR H 134 31.79 -20.72 36.92
N ALA H 135 31.17 -21.41 35.97
CA ALA H 135 30.02 -22.27 36.25
C ALA H 135 30.48 -23.71 36.46
N ALA H 136 29.85 -24.39 37.42
CA ALA H 136 30.25 -25.75 37.77
C ALA H 136 29.62 -26.79 36.86
N ASP H 137 28.40 -26.56 36.38
CA ASP H 137 27.74 -27.49 35.48
C ASP H 137 26.86 -26.69 34.53
N THR H 138 26.07 -27.41 33.73
CA THR H 138 25.23 -26.75 32.73
C THR H 138 24.04 -26.03 33.36
N ALA H 139 23.64 -26.40 34.58
CA ALA H 139 22.58 -25.65 35.26
C ALA H 139 23.09 -24.30 35.71
N ALA H 140 24.32 -24.24 36.21
CA ALA H 140 24.93 -22.96 36.57
C ALA H 140 25.21 -22.11 35.35
N GLN H 141 25.42 -22.73 34.19
CA GLN H 141 25.61 -21.97 32.97
C GLN H 141 24.36 -21.20 32.58
N ILE H 142 23.18 -21.72 32.93
CA ILE H 142 21.94 -20.99 32.71
C ILE H 142 21.94 -19.71 33.54
N THR H 143 22.37 -19.79 34.80
CA THR H 143 22.46 -18.61 35.64
C THR H 143 23.54 -17.66 35.15
N GLN H 144 24.67 -18.20 34.68
CA GLN H 144 25.75 -17.36 34.19
C GLN H 144 25.29 -16.53 33.01
N ARG H 145 24.56 -17.14 32.07
CA ARG H 145 24.08 -16.40 30.91
C ARG H 145 23.10 -15.32 31.30
N LYS H 146 22.29 -15.56 32.34
CA LYS H 146 21.37 -14.53 32.81
C LYS H 146 22.10 -13.42 33.55
N TRP H 147 23.11 -13.78 34.34
CA TRP H 147 23.88 -12.78 35.07
C TRP H 147 24.79 -11.96 34.18
N GLU H 148 25.18 -12.50 33.02
CA GLU H 148 26.00 -11.72 32.10
C GLU H 148 25.17 -10.68 31.35
N ALA H 149 23.94 -11.03 30.98
CA ALA H 149 23.08 -10.07 30.29
C ALA H 149 22.68 -8.93 31.21
N ALA H 150 22.36 -9.24 32.46
CA ALA H 150 21.96 -8.21 33.43
C ALA H 150 23.15 -7.45 33.99
N ARG H 151 24.38 -7.80 33.58
CA ARG H 151 25.59 -7.12 34.01
C ARG H 151 25.70 -7.12 35.53
N VAL H 152 25.52 -8.30 36.12
CA VAL H 152 25.61 -8.47 37.57
C VAL H 152 27.04 -8.25 38.05
N ALA H 153 28.02 -8.64 37.24
CA ALA H 153 29.42 -8.52 37.65
C ALA H 153 29.86 -7.07 37.82
N GLU H 154 29.22 -6.14 37.10
CA GLU H 154 29.64 -4.74 37.18
C GLU H 154 29.28 -4.13 38.54
N GLN H 155 28.12 -4.48 39.07
CA GLN H 155 27.76 -4.00 40.42
C GLN H 155 28.66 -4.64 41.48
N LEU H 156 28.95 -5.94 41.34
CA LEU H 156 29.84 -6.59 42.29
C LEU H 156 31.24 -6.00 42.24
N ARG H 157 31.76 -5.74 41.04
CA ARG H 157 33.07 -5.11 40.92
C ARG H 157 33.09 -3.75 41.60
N ALA H 158 32.02 -2.96 41.43
CA ALA H 158 31.96 -1.65 42.07
C ALA H 158 31.86 -1.78 43.59
N TYR H 159 31.12 -2.77 44.07
CA TYR H 159 30.98 -2.95 45.51
C TYR H 159 32.29 -3.40 46.14
N LEU H 160 32.94 -4.40 45.54
CA LEU H 160 34.16 -4.94 46.13
C LEU H 160 35.32 -3.94 46.05
N GLU H 161 35.38 -3.15 44.99
CA GLU H 161 36.41 -2.11 44.89
C GLU H 161 36.06 -0.85 45.66
N GLY H 162 34.79 -0.66 46.01
CA GLY H 162 34.36 0.58 46.63
C GLY H 162 33.89 0.43 48.07
N GLU H 163 32.57 0.31 48.27
CA GLU H 163 32.04 0.41 49.62
C GLU H 163 32.50 -0.73 50.52
N CYS H 164 32.81 -1.90 49.96
CA CYS H 164 33.33 -2.99 50.78
C CYS H 164 34.69 -2.61 51.38
N VAL H 165 35.58 -2.09 50.55
CA VAL H 165 36.91 -1.69 51.03
C VAL H 165 36.81 -0.44 51.90
N GLU H 166 35.95 0.50 51.52
CA GLU H 166 35.86 1.76 52.24
C GLU H 166 35.22 1.59 53.62
N TRP H 167 34.17 0.77 53.71
CA TRP H 167 33.52 0.53 54.99
C TRP H 167 34.30 -0.44 55.87
N LEU H 168 35.16 -1.28 55.28
CA LEU H 168 36.04 -2.12 56.09
C LEU H 168 37.05 -1.27 56.84
N ARG H 169 37.67 -0.30 56.16
CA ARG H 169 38.58 0.61 56.83
C ARG H 169 37.87 1.39 57.93
N ARG H 170 36.59 1.70 57.73
CA ARG H 170 35.81 2.33 58.78
C ARG H 170 35.69 1.42 60.00
N TYR H 171 35.43 0.14 59.77
CA TYR H 171 35.32 -0.80 60.89
C TYR H 171 36.67 -1.02 61.57
N LEU H 172 37.75 -1.04 60.78
CA LEU H 172 39.07 -1.27 61.35
C LEU H 172 39.55 -0.09 62.19
N GLU H 173 39.06 1.11 61.89
CA GLU H 173 39.43 2.28 62.70
C GLU H 173 38.56 2.39 63.94
N ASN H 174 37.27 2.10 63.81
CA ASN H 174 36.37 2.16 64.96
C ASN H 174 36.70 1.09 65.98
N GLY H 175 37.18 -0.07 65.52
CA GLY H 175 37.61 -1.13 66.42
C GLY H 175 39.10 -1.39 66.36
N LYS H 176 39.91 -0.32 66.36
CA LYS H 176 41.35 -0.48 66.22
C LYS H 176 41.97 -1.13 67.45
N GLU H 177 41.33 -1.06 68.61
CA GLU H 177 41.90 -1.62 69.83
C GLU H 177 41.81 -3.14 69.84
N THR H 178 40.77 -3.70 69.21
CA THR H 178 40.57 -5.15 69.19
C THR H 178 40.87 -5.79 67.85
N LEU H 179 40.66 -5.07 66.75
CA LEU H 179 40.84 -5.64 65.42
C LEU H 179 42.25 -5.44 64.86
N GLN H 180 42.91 -4.33 65.19
CA GLN H 180 44.22 -4.03 64.64
C GLN H 180 45.38 -4.41 65.55
N ARG H 181 45.11 -4.82 66.78
CA ARG H 181 46.16 -5.29 67.69
C ARG H 181 45.97 -6.78 67.92
N ALA H 182 46.98 -7.56 67.54
CA ALA H 182 46.92 -9.00 67.62
C ALA H 182 47.38 -9.49 68.98
N ASP H 183 46.75 -10.56 69.47
CA ASP H 183 47.12 -11.17 70.75
C ASP H 183 47.99 -12.38 70.47
N PRO H 184 49.24 -12.40 70.93
CA PRO H 184 50.11 -13.56 70.68
C PRO H 184 49.66 -14.74 71.53
N PRO H 185 49.99 -15.96 71.12
CA PRO H 185 49.59 -17.13 71.90
C PRO H 185 50.48 -17.32 73.11
N LYS H 186 49.92 -18.03 74.09
CA LYS H 186 50.67 -18.45 75.28
C LYS H 186 51.03 -19.91 75.09
N THR H 187 52.33 -20.18 74.94
CA THR H 187 52.82 -21.50 74.56
C THR H 187 53.37 -22.26 75.76
N HIS H 188 53.31 -23.59 75.67
CA HIS H 188 53.93 -24.51 76.61
C HIS H 188 53.88 -25.90 75.99
N VAL H 189 54.70 -26.80 76.51
CA VAL H 189 54.85 -28.14 75.97
C VAL H 189 54.59 -29.15 77.08
N THR H 190 53.70 -30.10 76.83
CA THR H 190 53.39 -31.18 77.75
C THR H 190 54.01 -32.49 77.28
N HIS H 191 54.16 -33.41 78.22
CA HIS H 191 54.76 -34.71 77.97
C HIS H 191 53.80 -35.81 78.42
N HIS H 192 53.59 -36.78 77.56
CA HIS H 192 52.68 -37.89 77.83
C HIS H 192 53.34 -39.20 77.42
N PRO H 193 53.76 -40.04 78.36
CA PRO H 193 54.40 -41.30 77.98
C PRO H 193 53.39 -42.28 77.40
N ILE H 194 53.80 -42.93 76.31
CA ILE H 194 53.01 -44.00 75.68
C ILE H 194 53.51 -45.37 76.09
N SER H 195 54.83 -45.59 76.01
CA SER H 195 55.45 -46.85 76.36
C SER H 195 56.72 -46.55 77.15
N ASP H 196 57.42 -47.60 77.57
CA ASP H 196 58.69 -47.41 78.28
C ASP H 196 59.70 -46.70 77.40
N HIS H 197 59.70 -46.99 76.10
CA HIS H 197 60.64 -46.38 75.15
C HIS H 197 59.95 -45.41 74.18
N GLU H 198 58.66 -45.15 74.36
CA GLU H 198 57.92 -44.27 73.48
C GLU H 198 57.07 -43.30 74.28
N ALA H 199 57.03 -42.04 73.84
CA ALA H 199 56.23 -41.01 74.48
C ALA H 199 55.78 -40.02 73.41
N THR H 200 54.88 -39.11 73.81
CA THR H 200 54.38 -38.09 72.91
C THR H 200 54.50 -36.71 73.55
N LEU H 201 54.96 -35.75 72.77
CA LEU H 201 55.10 -34.37 73.20
C LEU H 201 54.04 -33.51 72.51
N ARG H 202 53.32 -32.72 73.29
CA ARG H 202 52.22 -31.91 72.77
C ARG H 202 52.57 -30.44 72.94
N CYS H 203 52.58 -29.71 71.81
CA CYS H 203 52.89 -28.29 71.80
C CYS H 203 51.59 -27.50 71.78
N TRP H 204 51.40 -26.63 72.77
CA TRP H 204 50.16 -25.90 72.94
C TRP H 204 50.33 -24.43 72.57
N ALA H 205 49.26 -23.84 72.03
CA ALA H 205 49.18 -22.41 71.76
C ALA H 205 47.75 -21.97 72.06
N LEU H 206 47.59 -21.15 73.10
CA LEU H 206 46.26 -20.81 73.61
C LEU H 206 46.05 -19.30 73.59
N GLY H 207 44.81 -18.90 73.32
CA GLY H 207 44.39 -17.51 73.43
C GLY H 207 45.07 -16.53 72.49
N PHE H 208 44.99 -16.78 71.18
CA PHE H 208 45.60 -15.92 70.19
C PHE H 208 44.55 -15.44 69.18
N TYR H 209 44.77 -14.24 68.67
CA TYR H 209 43.95 -13.63 67.63
C TYR H 209 44.89 -12.88 66.70
N PRO H 210 44.73 -13.00 65.37
CA PRO H 210 43.71 -13.78 64.66
C PRO H 210 43.96 -15.28 64.69
N ALA H 211 43.11 -16.04 63.97
CA ALA H 211 43.14 -17.50 64.04
C ALA H 211 44.30 -18.13 63.28
N GLU H 212 44.91 -17.41 62.33
CA GLU H 212 45.97 -18.00 61.52
C GLU H 212 47.22 -18.22 62.37
N ILE H 213 47.69 -19.47 62.42
CA ILE H 213 48.85 -19.84 63.21
C ILE H 213 49.49 -21.08 62.58
N THR H 214 50.77 -21.30 62.91
CA THR H 214 51.52 -22.43 62.38
C THR H 214 52.25 -23.10 63.53
N LEU H 215 51.91 -24.37 63.79
CA LEU H 215 52.57 -25.19 64.80
C LEU H 215 53.35 -26.29 64.09
N THR H 216 54.66 -26.28 64.25
CA THR H 216 55.53 -27.23 63.56
C THR H 216 56.52 -27.83 64.55
N TRP H 217 56.59 -29.16 64.58
CA TRP H 217 57.63 -29.85 65.33
C TRP H 217 58.86 -30.06 64.45
N GLN H 218 60.03 -30.09 65.09
CA GLN H 218 61.29 -30.15 64.36
C GLN H 218 62.27 -31.06 65.09
N ARG H 219 62.82 -32.04 64.37
CA ARG H 219 63.81 -32.97 64.93
C ARG H 219 65.18 -32.53 64.43
N ASP H 220 65.92 -31.79 65.28
CA ASP H 220 67.28 -31.34 64.98
C ASP H 220 67.35 -30.49 63.71
N GLY H 221 66.38 -29.59 63.54
CA GLY H 221 66.39 -28.67 62.43
C GLY H 221 65.58 -29.05 61.21
N GLU H 222 64.96 -30.24 61.22
CA GLU H 222 64.11 -30.67 60.12
C GLU H 222 62.74 -31.06 60.66
N ASP H 223 61.69 -30.57 60.00
CA ASP H 223 60.33 -30.81 60.48
C ASP H 223 59.91 -32.26 60.25
N GLN H 224 59.14 -32.79 61.19
CA GLN H 224 58.58 -34.14 61.09
C GLN H 224 57.13 -34.06 60.63
N THR H 225 56.97 -33.60 59.39
CA THR H 225 55.64 -33.26 58.88
C THR H 225 54.69 -34.47 58.85
N GLN H 226 55.23 -35.68 58.74
CA GLN H 226 54.35 -36.86 58.68
C GLN H 226 53.84 -37.27 60.05
N ASP H 227 54.72 -37.24 61.06
CA ASP H 227 54.44 -37.72 62.40
C ASP H 227 53.83 -36.65 63.30
N THR H 228 53.39 -35.51 62.76
CA THR H 228 52.84 -34.45 63.59
C THR H 228 51.32 -34.46 63.49
N GLU H 229 50.66 -34.64 64.63
CA GLU H 229 49.20 -34.61 64.73
C GLU H 229 48.73 -33.20 65.06
N LEU H 230 47.99 -32.58 64.14
CA LEU H 230 47.43 -31.26 64.33
C LEU H 230 45.90 -31.36 64.39
N VAL H 231 45.29 -30.52 65.22
CA VAL H 231 43.84 -30.41 65.30
C VAL H 231 43.44 -29.09 64.67
N GLU H 232 42.23 -29.07 64.11
CA GLU H 232 41.72 -27.85 63.51
C GLU H 232 41.61 -26.75 64.58
N THR H 233 42.06 -25.55 64.23
CA THR H 233 42.05 -24.44 65.15
C THR H 233 40.64 -24.18 65.66
N ARG H 234 40.48 -24.20 66.99
CA ARG H 234 39.17 -24.13 67.62
C ARG H 234 38.99 -22.81 68.37
N PRO H 235 37.78 -22.26 68.39
CA PRO H 235 37.53 -21.01 69.11
C PRO H 235 37.41 -21.25 70.61
N ALA H 236 38.08 -20.39 71.39
CA ALA H 236 38.02 -20.54 72.84
C ALA H 236 36.65 -20.11 73.38
N GLY H 237 35.97 -19.22 72.68
CA GLY H 237 34.67 -18.71 73.09
C GLY H 237 34.67 -17.23 73.43
N ASP H 238 35.84 -16.61 73.49
CA ASP H 238 35.98 -15.18 73.79
C ASP H 238 36.78 -14.48 72.71
N ARG H 239 36.51 -14.83 71.44
CA ARG H 239 37.15 -14.27 70.26
C ARG H 239 38.63 -14.62 70.18
N THR H 240 39.08 -15.60 70.95
CA THR H 240 40.44 -16.12 70.86
C THR H 240 40.39 -17.57 70.40
N PHE H 241 41.55 -18.12 70.04
CA PHE H 241 41.63 -19.42 69.42
C PHE H 241 42.68 -20.28 70.13
N GLN H 242 42.55 -21.60 69.93
CA GLN H 242 43.44 -22.58 70.53
C GLN H 242 43.84 -23.59 69.46
N LYS H 243 45.09 -24.06 69.55
CA LYS H 243 45.58 -25.11 68.66
C LYS H 243 46.71 -25.85 69.37
N TRP H 244 46.83 -27.14 69.07
CA TRP H 244 47.94 -27.93 69.58
C TRP H 244 48.41 -28.93 68.53
N ALA H 245 49.68 -29.31 68.63
CA ALA H 245 50.28 -30.32 67.77
C ALA H 245 51.07 -31.29 68.62
N ALA H 246 51.10 -32.56 68.20
CA ALA H 246 51.74 -33.61 68.98
C ALA H 246 52.55 -34.52 68.07
N VAL H 247 53.62 -35.08 68.63
CA VAL H 247 54.49 -36.03 67.94
C VAL H 247 54.83 -37.16 68.89
N VAL H 248 54.94 -38.37 68.36
CA VAL H 248 55.42 -39.51 69.14
C VAL H 248 56.94 -39.52 69.07
N VAL H 249 57.58 -39.28 70.22
CA VAL H 249 59.03 -39.09 70.30
C VAL H 249 59.64 -40.30 71.01
N PRO H 250 60.76 -40.83 70.52
CA PRO H 250 61.43 -41.91 71.24
C PRO H 250 61.86 -41.46 72.63
N SER H 251 61.56 -42.28 73.64
CA SER H 251 61.89 -41.94 75.01
C SER H 251 63.41 -41.85 75.19
N GLY H 252 63.85 -40.79 75.84
CA GLY H 252 65.26 -40.51 76.04
C GLY H 252 65.78 -39.44 75.11
N GLU H 253 65.17 -39.28 73.94
CA GLU H 253 65.56 -38.29 72.96
C GLU H 253 64.51 -37.19 72.85
N GLU H 254 63.87 -36.86 73.97
CA GLU H 254 62.87 -35.80 73.96
C GLU H 254 63.50 -34.45 73.67
N GLN H 255 64.80 -34.32 73.94
CA GLN H 255 65.54 -33.09 73.68
C GLN H 255 66.01 -33.00 72.23
N ARG H 256 65.54 -33.89 71.38
CA ARG H 256 65.85 -33.88 69.96
C ARG H 256 64.71 -33.31 69.12
N TYR H 257 63.61 -32.90 69.75
CA TYR H 257 62.44 -32.36 69.06
C TYR H 257 62.14 -30.96 69.58
N THR H 258 61.89 -30.04 68.65
CA THR H 258 61.60 -28.64 68.98
C THR H 258 60.31 -28.22 68.31
N CYS H 259 59.51 -27.42 69.03
CA CYS H 259 58.27 -26.88 68.49
C CYS H 259 58.50 -25.44 68.04
N HIS H 260 58.06 -25.13 66.82
CA HIS H 260 58.25 -23.81 66.24
C HIS H 260 56.88 -23.23 65.91
N VAL H 261 56.57 -22.08 66.49
CA VAL H 261 55.27 -21.44 66.36
C VAL H 261 55.43 -20.14 65.58
N GLN H 262 54.50 -19.87 64.68
CA GLN H 262 54.49 -18.65 63.89
C GLN H 262 53.11 -18.00 64.01
N HIS H 263 53.10 -16.74 64.42
CA HIS H 263 51.85 -16.01 64.58
C HIS H 263 52.12 -14.52 64.36
N GLU H 264 51.08 -13.80 63.95
CA GLU H 264 51.24 -12.38 63.66
C GLU H 264 51.58 -11.58 64.92
N GLY H 265 51.02 -11.97 66.06
CA GLY H 265 51.29 -11.27 67.31
C GLY H 265 52.66 -11.53 67.89
N LEU H 266 53.40 -12.51 67.36
CA LEU H 266 54.75 -12.76 67.84
C LEU H 266 55.76 -11.94 67.04
N PRO H 267 56.72 -11.30 67.71
CA PRO H 267 57.72 -10.52 66.98
C PRO H 267 58.59 -11.36 66.07
N LYS H 268 58.95 -12.56 66.52
CA LYS H 268 59.77 -13.49 65.76
C LYS H 268 59.37 -14.89 66.17
N PRO H 269 59.46 -15.87 65.26
CA PRO H 269 59.06 -17.25 65.59
C PRO H 269 59.73 -17.76 66.85
N LEU H 270 58.98 -18.52 67.63
CA LEU H 270 59.43 -19.06 68.92
C LEU H 270 59.92 -20.49 68.77
N THR H 271 60.82 -20.89 69.65
CA THR H 271 61.33 -22.26 69.72
C THR H 271 61.18 -22.75 71.15
N LEU H 272 60.41 -23.83 71.33
CA LEU H 272 60.06 -24.31 72.66
C LEU H 272 60.15 -25.83 72.71
N ARG H 273 60.64 -26.35 73.84
CA ARG H 273 60.74 -27.77 74.09
C ARG H 273 60.19 -28.08 75.47
N TRP H 274 60.13 -29.37 75.79
CA TRP H 274 59.73 -29.81 77.12
C TRP H 274 60.83 -29.41 78.10
N GLU H 275 60.54 -28.44 78.96
CA GLU H 275 61.16 -27.69 80.04
C GLU H 275 60.74 -28.23 81.40
N PRO H 276 61.70 -28.42 82.31
CA PRO H 276 61.43 -28.95 83.66
C PRO H 276 60.64 -27.97 84.51
N ILE I 2 28.77 -33.99 49.16
CA ILE I 2 27.35 -33.82 49.50
C ILE I 2 27.10 -34.19 50.96
N GLN I 3 27.89 -35.13 51.49
CA GLN I 3 27.76 -35.55 52.88
C GLN I 3 29.14 -35.67 53.49
N ARG I 4 29.37 -34.94 54.58
CA ARG I 4 30.66 -34.90 55.27
C ARG I 4 30.44 -35.15 56.75
N THR I 5 31.34 -35.92 57.36
CA THR I 5 31.26 -36.27 58.78
C THR I 5 31.91 -35.19 59.64
N PRO I 6 31.33 -34.89 60.80
CA PRO I 6 31.83 -33.78 61.61
C PRO I 6 33.06 -34.16 62.42
N LYS I 7 33.99 -33.21 62.51
CA LYS I 7 35.11 -33.29 63.44
C LYS I 7 34.66 -32.76 64.79
N ILE I 8 34.86 -33.55 65.84
CA ILE I 8 34.39 -33.21 67.19
C ILE I 8 35.60 -32.91 68.07
N GLN I 9 35.51 -31.81 68.82
CA GLN I 9 36.51 -31.47 69.83
C GLN I 9 35.80 -30.91 71.05
N VAL I 10 36.08 -31.49 72.21
CA VAL I 10 35.56 -31.00 73.49
C VAL I 10 36.73 -30.48 74.32
N TYR I 11 36.58 -29.28 74.86
CA TYR I 11 37.69 -28.62 75.55
C TYR I 11 37.12 -27.53 76.45
N SER I 12 38.00 -26.94 77.26
CA SER I 12 37.67 -25.85 78.15
C SER I 12 38.27 -24.54 77.64
N ARG I 13 37.58 -23.44 77.93
CA ARG I 13 38.06 -22.12 77.52
C ARG I 13 39.37 -21.76 78.22
N HIS I 14 39.46 -22.03 79.51
CA HIS I 14 40.62 -21.75 80.34
C HIS I 14 41.20 -23.06 80.87
N PRO I 15 42.48 -23.06 81.26
CA PRO I 15 43.04 -24.28 81.86
C PRO I 15 42.26 -24.73 83.08
N ALA I 16 42.12 -26.04 83.23
CA ALA I 16 41.26 -26.62 84.25
C ALA I 16 41.89 -26.50 85.63
N GLU I 17 41.21 -25.78 86.53
CA GLU I 17 41.57 -25.74 87.95
C GLU I 17 40.28 -26.00 88.71
N ASN I 18 40.20 -27.15 89.37
CA ASN I 18 38.97 -27.56 90.06
C ASN I 18 38.57 -26.56 91.12
N GLY I 19 37.30 -26.15 91.09
CA GLY I 19 36.76 -25.18 92.02
C GLY I 19 36.53 -23.81 91.45
N LYS I 20 37.00 -23.54 90.23
CA LYS I 20 36.86 -22.24 89.59
C LYS I 20 35.95 -22.35 88.38
N SER I 21 35.14 -21.32 88.16
CA SER I 21 34.20 -21.33 87.04
C SER I 21 34.95 -21.26 85.71
N ASN I 22 34.40 -21.94 84.71
CA ASN I 22 35.00 -21.99 83.38
C ASN I 22 33.89 -22.22 82.36
N PHE I 23 34.28 -22.39 81.11
CA PHE I 23 33.35 -22.69 80.02
C PHE I 23 33.79 -23.95 79.31
N LEU I 24 32.85 -24.88 79.12
CA LEU I 24 33.10 -26.12 78.40
C LEU I 24 32.58 -25.98 76.97
N ASN I 25 33.45 -26.17 75.99
CA ASN I 25 33.12 -26.00 74.59
C ASN I 25 33.14 -27.34 73.86
N CYS I 26 32.19 -27.51 72.94
CA CYS I 26 32.18 -28.63 72.01
C CYS I 26 32.16 -28.06 70.60
N TYR I 27 33.31 -28.08 69.95
CA TYR I 27 33.47 -27.54 68.60
C TYR I 27 33.27 -28.65 67.58
N VAL I 28 32.24 -28.51 66.74
CA VAL I 28 31.98 -29.42 65.64
C VAL I 28 32.20 -28.67 64.34
N SER I 29 32.83 -29.34 63.37
CA SER I 29 33.20 -28.66 62.13
C SER I 29 33.35 -29.69 61.02
N GLY I 30 33.36 -29.19 59.79
CA GLY I 30 33.63 -30.03 58.64
C GLY I 30 32.49 -30.91 58.19
N PHE I 31 31.28 -30.71 58.72
CA PHE I 31 30.16 -31.57 58.39
C PHE I 31 29.28 -30.95 57.32
N HIS I 32 28.45 -31.80 56.72
CA HIS I 32 27.48 -31.40 55.70
C HIS I 32 26.51 -32.55 55.50
N PRO I 33 25.19 -32.31 55.47
CA PRO I 33 24.52 -31.00 55.61
C PRO I 33 24.53 -30.44 57.02
N SER I 34 23.80 -29.34 57.22
CA SER I 34 23.86 -28.59 58.46
C SER I 34 23.02 -29.19 59.59
N ASP I 35 22.10 -30.10 59.26
CA ASP I 35 21.25 -30.70 60.28
C ASP I 35 22.10 -31.58 61.18
N ILE I 36 22.31 -31.14 62.42
CA ILE I 36 23.17 -31.85 63.37
C ILE I 36 22.60 -31.67 64.77
N GLU I 37 22.76 -32.70 65.59
CA GLU I 37 22.31 -32.68 66.98
C GLU I 37 23.53 -32.84 67.88
N VAL I 38 23.72 -31.87 68.77
CA VAL I 38 24.89 -31.82 69.66
C VAL I 38 24.38 -31.65 71.08
N ASP I 39 24.77 -32.55 71.96
CA ASP I 39 24.34 -32.52 73.35
C ASP I 39 25.55 -32.56 74.26
N LEU I 40 25.58 -31.67 75.24
CA LEU I 40 26.63 -31.67 76.26
C LEU I 40 26.18 -32.52 77.44
N LEU I 41 27.05 -33.42 77.88
CA LEU I 41 26.70 -34.40 78.90
C LEU I 41 27.37 -34.05 80.22
N LYS I 42 26.66 -34.32 81.31
CA LYS I 42 27.18 -34.16 82.67
C LYS I 42 26.79 -35.40 83.44
N ASN I 43 27.80 -36.20 83.83
CA ASN I 43 27.59 -37.46 84.52
C ASN I 43 26.69 -38.40 83.71
N GLY I 44 26.79 -38.32 82.39
CA GLY I 44 26.00 -39.13 81.51
C GLY I 44 24.68 -38.51 81.07
N GLU I 45 24.20 -37.50 81.79
CA GLU I 45 22.94 -36.84 81.47
C GLU I 45 23.18 -35.52 80.75
N ARG I 46 22.21 -35.13 79.93
CA ARG I 46 22.34 -33.94 79.12
C ARG I 46 22.31 -32.68 79.97
N ILE I 47 23.01 -31.65 79.50
CA ILE I 47 22.94 -30.32 80.09
C ILE I 47 21.93 -29.50 79.29
N GLU I 48 20.98 -28.89 80.01
CA GLU I 48 19.88 -28.20 79.35
C GLU I 48 20.19 -26.73 79.08
N LYS I 49 21.22 -26.17 79.71
CA LYS I 49 21.57 -24.77 79.51
C LYS I 49 22.80 -24.66 78.61
N VAL I 50 22.65 -25.19 77.40
CA VAL I 50 23.70 -25.18 76.39
C VAL I 50 23.39 -24.08 75.38
N GLU I 51 24.36 -23.19 75.16
CA GLU I 51 24.24 -22.15 74.15
C GLU I 51 25.08 -22.52 72.93
N HIS I 52 24.61 -22.10 71.75
CA HIS I 52 25.29 -22.41 70.51
C HIS I 52 25.56 -21.13 69.72
N SER I 53 26.57 -21.21 68.85
CA SER I 53 26.94 -20.10 67.98
C SER I 53 26.07 -20.08 66.72
N ASP I 54 26.20 -18.99 65.97
CA ASP I 54 25.46 -18.85 64.72
C ASP I 54 26.08 -19.71 63.62
N LEU I 55 25.23 -20.25 62.75
CA LEU I 55 25.68 -21.16 61.71
C LEU I 55 26.56 -20.44 60.69
N SER I 56 27.76 -20.97 60.48
CA SER I 56 28.68 -20.46 59.48
C SER I 56 29.38 -21.63 58.80
N PHE I 57 30.14 -21.35 57.75
CA PHE I 57 30.81 -22.40 57.00
C PHE I 57 32.23 -21.95 56.67
N SER I 58 32.95 -22.82 55.95
CA SER I 58 34.36 -22.65 55.63
C SER I 58 34.56 -22.56 54.12
N LYS I 59 35.83 -22.40 53.72
CA LYS I 59 36.18 -22.24 52.32
C LYS I 59 35.61 -23.35 51.45
N ASP I 60 35.60 -24.58 51.97
CA ASP I 60 35.10 -25.74 51.26
C ASP I 60 33.60 -25.97 51.49
N TRP I 61 32.90 -24.98 52.05
CA TRP I 61 31.45 -24.98 52.27
C TRP I 61 31.01 -25.88 53.42
N SER I 62 31.93 -26.32 54.27
CA SER I 62 31.60 -27.16 55.41
C SER I 62 31.23 -26.32 56.62
N PHE I 63 30.19 -26.73 57.34
CA PHE I 63 29.67 -25.95 58.46
C PHE I 63 30.48 -26.22 59.73
N TYR I 64 30.36 -25.28 60.67
CA TYR I 64 30.97 -25.43 61.99
C TYR I 64 30.09 -24.72 63.01
N LEU I 65 30.04 -25.30 64.22
CA LEU I 65 29.23 -24.76 65.30
C LEU I 65 29.97 -24.94 66.62
N LEU I 66 29.71 -24.03 67.55
CA LEU I 66 30.30 -24.06 68.89
C LEU I 66 29.19 -24.15 69.92
N TYR I 67 29.15 -25.26 70.66
CA TYR I 67 28.23 -25.45 71.77
C TYR I 67 29.00 -25.30 73.08
N TYR I 68 28.63 -24.31 73.89
CA TYR I 68 29.34 -24.00 75.11
C TYR I 68 28.38 -23.89 76.28
N THR I 69 28.92 -24.10 77.48
CA THR I 69 28.15 -24.00 78.72
C THR I 69 29.11 -23.61 79.84
N GLU I 70 28.66 -22.71 80.72
CA GLU I 70 29.43 -22.36 81.89
C GLU I 70 29.35 -23.47 82.95
N PHE I 71 30.49 -23.78 83.55
CA PHE I 71 30.55 -24.86 84.54
C PHE I 71 31.77 -24.65 85.42
N THR I 72 31.81 -25.40 86.52
CA THR I 72 32.95 -25.42 87.43
C THR I 72 33.48 -26.85 87.52
N PRO I 73 34.60 -27.16 86.87
CA PRO I 73 35.08 -28.55 86.84
C PRO I 73 35.56 -29.01 88.20
N THR I 74 35.38 -30.31 88.45
CA THR I 74 35.87 -30.95 89.67
C THR I 74 36.28 -32.37 89.34
N GLU I 75 36.84 -33.05 90.36
CA GLU I 75 37.34 -34.41 90.17
C GLU I 75 36.20 -35.38 89.87
N LYS I 76 35.14 -35.35 90.68
CA LYS I 76 34.06 -36.31 90.51
C LYS I 76 33.30 -36.10 89.20
N ASP I 77 33.02 -34.85 88.85
CA ASP I 77 32.20 -34.58 87.68
C ASP I 77 32.89 -35.06 86.40
N GLU I 78 32.13 -35.77 85.57
CA GLU I 78 32.60 -36.30 84.30
C GLU I 78 31.79 -35.66 83.17
N TYR I 79 32.48 -35.11 82.18
CA TYR I 79 31.84 -34.39 81.08
C TYR I 79 32.18 -35.02 79.74
N ALA I 80 31.24 -34.90 78.80
CA ALA I 80 31.40 -35.42 77.46
C ALA I 80 30.46 -34.67 76.53
N CYS I 81 30.69 -34.84 75.22
CA CYS I 81 29.86 -34.20 74.20
C CYS I 81 29.34 -35.27 73.25
N ARG I 82 28.02 -35.42 73.17
CA ARG I 82 27.39 -36.35 72.25
C ARG I 82 26.95 -35.61 71.00
N VAL I 83 27.35 -36.14 69.84
CA VAL I 83 27.02 -35.54 68.55
C VAL I 83 26.34 -36.61 67.70
N ASN I 84 25.26 -36.22 67.03
CA ASN I 84 24.50 -37.14 66.20
C ASN I 84 24.30 -36.49 64.83
N HIS I 85 24.71 -37.19 63.77
CA HIS I 85 24.66 -36.64 62.42
C HIS I 85 24.25 -37.74 61.45
N VAL I 86 23.76 -37.32 60.28
CA VAL I 86 23.30 -38.28 59.28
C VAL I 86 24.45 -39.09 58.71
N THR I 87 25.69 -38.58 58.79
CA THR I 87 26.84 -39.31 58.27
C THR I 87 27.35 -40.36 59.23
N LEU I 88 26.86 -40.39 60.46
CA LEU I 88 27.33 -41.34 61.45
C LEU I 88 26.49 -42.62 61.43
N SER I 89 27.16 -43.76 61.58
CA SER I 89 26.45 -45.02 61.72
C SER I 89 25.75 -45.10 63.08
N GLN I 90 26.34 -44.51 64.10
CA GLN I 90 25.80 -44.52 65.46
C GLN I 90 26.10 -43.16 66.09
N PRO I 91 25.31 -42.74 67.08
CA PRO I 91 25.64 -41.51 67.80
C PRO I 91 27.01 -41.61 68.43
N LYS I 92 27.78 -40.53 68.34
CA LYS I 92 29.15 -40.50 68.83
C LYS I 92 29.27 -39.60 70.05
N ILE I 93 30.03 -40.07 71.04
CA ILE I 93 30.28 -39.32 72.27
C ILE I 93 31.80 -39.18 72.42
N VAL I 94 32.24 -37.98 72.80
CA VAL I 94 33.65 -37.69 72.98
C VAL I 94 33.84 -37.21 74.42
N LYS I 95 34.56 -38.00 75.22
CA LYS I 95 34.82 -37.63 76.60
C LYS I 95 35.74 -36.42 76.67
N TRP I 96 35.55 -35.61 77.71
CA TRP I 96 36.40 -34.44 77.92
C TRP I 96 37.70 -34.87 78.60
N ASP I 97 38.82 -34.55 77.96
CA ASP I 97 40.14 -34.79 78.52
C ASP I 97 40.78 -33.45 78.88
N ARG I 98 41.17 -33.29 80.14
CA ARG I 98 41.79 -32.04 80.59
C ARG I 98 43.15 -31.80 79.97
N ASP I 99 43.78 -32.80 79.37
CA ASP I 99 45.08 -32.64 78.74
C ASP I 99 45.00 -32.68 77.22
N MET I 100 43.81 -32.58 76.65
CA MET I 100 43.65 -32.53 75.20
C MET I 100 42.64 -31.44 74.80
N LEU J 1 29.35 -3.31 55.74
CA LEU J 1 28.22 -2.95 54.89
C LEU J 1 27.90 -4.06 53.91
N ARG J 2 26.62 -4.42 53.82
CA ARG J 2 26.18 -5.46 52.91
C ARG J 2 25.89 -4.86 51.53
N VAL J 3 25.94 -5.70 50.52
CA VAL J 3 25.69 -5.28 49.15
C VAL J 3 24.19 -5.31 48.89
N MET J 4 23.71 -4.29 48.17
CA MET J 4 22.31 -4.21 47.76
C MET J 4 22.21 -4.73 46.33
N MET J 5 21.80 -5.98 46.18
CA MET J 5 21.66 -6.56 44.85
C MET J 5 20.63 -7.67 44.87
N LEU J 6 19.78 -7.68 43.83
CA LEU J 6 18.85 -8.77 43.57
C LEU J 6 19.27 -9.41 42.26
N ALA J 7 19.72 -10.67 42.34
CA ALA J 7 20.14 -11.41 41.15
C ALA J 7 19.67 -12.85 41.27
N PRO J 8 18.45 -13.13 40.83
CA PRO J 8 17.94 -14.51 40.92
C PRO J 8 18.70 -15.44 39.98
N PHE J 9 18.74 -16.71 40.35
CA PHE J 9 19.40 -17.73 39.54
C PHE J 9 18.66 -17.94 38.21
C1 NAG K . -34.19 -13.71 -38.80
C2 NAG K . -35.69 -13.41 -38.79
C3 NAG K . -36.21 -13.25 -37.36
C4 NAG K . -35.79 -14.44 -36.51
C5 NAG K . -34.28 -14.65 -36.59
C6 NAG K . -33.82 -15.87 -35.84
C7 NAG K . -36.71 -12.26 -40.72
C8 NAG K . -36.94 -10.95 -41.40
N2 NAG K . -36.01 -12.23 -39.58
O3 NAG K . -37.63 -13.13 -37.37
O4 NAG K . -36.15 -14.22 -35.15
O5 NAG K . -33.91 -14.84 -37.97
O6 NAG K . -32.95 -16.67 -36.63
O7 NAG K . -37.14 -13.32 -41.19
C1 NAG L . -23.57 -21.44 -34.71
C2 NAG L . -23.10 -22.83 -34.31
C3 NAG L . -24.27 -23.68 -33.82
C4 NAG L . -25.03 -22.95 -32.71
C5 NAG L . -25.43 -21.56 -33.18
C6 NAG L . -26.09 -20.75 -32.09
C7 NAG L . -21.20 -24.05 -35.29
C8 NAG L . -20.57 -23.99 -33.93
N2 NAG L . -22.40 -23.48 -35.40
O3 NAG L . -23.78 -24.92 -33.33
O4 NAG L . -26.20 -23.68 -32.36
O5 NAG L . -24.27 -20.83 -33.60
O6 NAG L . -25.87 -19.35 -32.27
O7 NAG L . -20.64 -24.59 -36.24
C1 NAG M . 5.58 3.73 -58.28
C2 NAG M . 5.68 5.20 -57.84
C3 NAG M . 5.51 6.13 -59.03
C4 NAG M . 6.45 5.75 -60.16
C5 NAG M . 6.32 4.27 -60.51
C6 NAG M . 7.31 3.81 -61.53
C7 NAG M . 4.95 5.37 -55.50
C8 NAG M . 3.82 5.72 -54.59
N2 NAG M . 4.70 5.49 -56.81
O3 NAG M . 5.76 7.47 -58.61
O4 NAG M . 6.15 6.52 -61.32
O5 NAG M . 6.54 3.48 -59.33
O6 NAG M . 8.65 3.92 -61.05
O7 NAG M . 6.03 4.98 -55.07
S SO4 N . -11.59 4.67 -41.19
O1 SO4 N . -10.61 5.47 -41.92
O2 SO4 N . -12.89 4.75 -41.86
O3 SO4 N . -11.71 5.18 -39.83
O4 SO4 N . -11.15 3.27 -41.15
C1 NAG O . 23.90 21.50 40.46
C2 NAG O . 23.53 22.95 40.13
C3 NAG O . 24.78 23.84 40.12
C4 NAG O . 25.59 23.65 41.40
C5 NAG O . 25.89 22.18 41.60
C6 NAG O . 26.64 21.89 42.88
C7 NAG O . 21.66 23.68 38.73
C8 NAG O . 21.08 24.27 39.98
N2 NAG O . 22.83 23.04 38.87
O3 NAG O . 24.37 25.19 39.98
O4 NAG O . 26.81 24.38 41.29
O5 NAG O . 24.66 21.44 41.66
O6 NAG O . 27.20 20.58 42.85
O7 NAG O . 21.09 23.77 37.65
C1 NAG P . 32.46 13.60 34.68
C2 NAG P . 33.87 13.07 34.47
C3 NAG P . 34.76 13.41 35.67
C4 NAG P . 34.71 14.90 35.95
C5 NAG P . 33.26 15.36 36.11
C6 NAG P . 33.13 16.86 36.29
C7 NAG P . 34.65 11.02 33.35
C8 NAG P . 34.50 9.53 33.24
N2 NAG P . 33.86 11.62 34.24
O3 NAG P . 36.09 13.01 35.39
O4 NAG P . 35.44 15.19 37.14
O5 NAG P . 32.51 15.01 34.95
O6 NAG P . 32.47 17.45 35.18
O7 NAG P . 35.44 11.65 32.65
C1 GOL Q . 23.77 24.22 33.62
O1 GOL Q . 22.87 24.35 34.66
C2 GOL Q . 24.25 25.65 33.26
O2 GOL Q . 25.17 25.64 32.21
C3 GOL Q . 22.96 26.42 32.89
O3 GOL Q . 23.36 27.66 32.39
S SO4 R . 28.63 5.99 47.36
O1 SO4 R . 29.72 5.40 46.58
O2 SO4 R . 27.66 6.60 46.45
O3 SO4 R . 27.97 4.94 48.13
O4 SO4 R . 29.16 7.01 48.26
C1 NAG S . -11.04 -6.41 33.74
C2 NAG S . -10.75 -7.69 34.52
C3 NAG S . -11.23 -8.92 33.74
C4 NAG S . -12.69 -8.76 33.35
C5 NAG S . -12.90 -7.44 32.62
C6 NAG S . -14.36 -7.16 32.31
C7 NAG S . -8.80 -7.38 35.98
C8 NAG S . -7.32 -7.57 36.13
N2 NAG S . -9.33 -7.80 34.83
O3 NAG S . -11.05 -10.08 34.54
O4 NAG S . -13.09 -9.83 32.51
O5 NAG S . -12.44 -6.35 33.42
O6 NAG S . -14.71 -7.65 31.02
O7 NAG S . -9.48 -6.87 36.87
C1 GOL T . 15.38 -4.83 35.73
O1 GOL T . 15.88 -6.13 35.89
C2 GOL T . 14.65 -4.47 37.04
O2 GOL T . 13.55 -5.28 37.26
C3 GOL T . 14.28 -2.98 36.91
O3 GOL T . 13.17 -2.76 37.72
C1 GOL U . -7.95 2.75 17.90
O1 GOL U . -8.71 3.76 18.49
C2 GOL U . -6.75 2.52 18.84
O2 GOL U . -6.01 3.67 19.04
C3 GOL U . -5.95 1.42 18.11
O3 GOL U . -4.84 1.16 18.90
S SO4 V . 11.52 -5.19 43.21
O1 SO4 V . 11.32 -5.25 41.76
O2 SO4 V . 10.26 -4.82 43.84
O3 SO4 V . 11.94 -6.51 43.70
O4 SO4 V . 12.54 -4.20 43.53
S SO4 W . 7.32 -17.01 49.01
O1 SO4 W . 6.40 -17.61 48.06
O2 SO4 W . 8.56 -16.64 48.32
O3 SO4 W . 7.63 -17.97 50.08
O4 SO4 W . 6.72 -15.81 49.59
#